data_5HMB
# 
_entry.id   5HMB 
# 
_audit_conform.dict_name       mmcif_pdbx.dic 
_audit_conform.dict_version    5.379 
_audit_conform.dict_location   http://mmcif.pdb.org/dictionaries/ascii/mmcif_pdbx.dic 
# 
loop_
_database_2.database_id 
_database_2.database_code 
_database_2.pdbx_database_accession 
_database_2.pdbx_DOI 
PDB   5HMB         pdb_00005hmb 10.2210/pdb5hmb/pdb 
WWPDB D_1000217232 ?            ?                   
# 
_pdbx_database_related.content_type   unspecified 
_pdbx_database_related.db_id          5HMC 
_pdbx_database_related.db_name        PDB 
_pdbx_database_related.details        . 
# 
_pdbx_database_status.status_code                     REL 
_pdbx_database_status.status_code_sf                  REL 
_pdbx_database_status.status_code_mr                  ? 
_pdbx_database_status.entry_id                        5HMB 
_pdbx_database_status.recvd_initial_deposition_date   2016-01-15 
_pdbx_database_status.SG_entry                        N 
_pdbx_database_status.deposit_site                    RCSB 
_pdbx_database_status.process_site                    RCSB 
_pdbx_database_status.status_code_cs                  ? 
_pdbx_database_status.methods_development_category    ? 
_pdbx_database_status.pdb_format_compatible           Y 
_pdbx_database_status.status_code_nmr_data            ? 
# 
loop_
_audit_author.name 
_audit_author.pdbx_ordinal 
'Erb, M.S.'    1 
'Zhang, Y.'    2 
'Ealick, S.E.' 3 
# 
_citation.abstract                  ? 
_citation.abstract_id_CAS           ? 
_citation.book_id_ISBN              ? 
_citation.book_publisher            ? 
_citation.book_publisher_city       ? 
_citation.book_title                ? 
_citation.coordinate_linkage        ? 
_citation.country                   US 
_citation.database_id_Medline       ? 
_citation.details                   ? 
_citation.id                        primary 
_citation.journal_abbrev            Biochemistry 
_citation.journal_id_ASTM           BICHAW 
_citation.journal_id_CSD            0033 
_citation.journal_id_ISSN           0006-2960 
_citation.journal_full              ? 
_citation.journal_issue             ? 
_citation.journal_volume            55 
_citation.language                  ? 
_citation.page_first                704 
_citation.page_last                 714 
_citation.title                     
;Polyketide Ring Expansion Mediated by a Thioesterase, Chain Elongation and Cyclization Domain, in Azinomycin Biosynthesis: Characterization of AziB and AziG.
;
_citation.year                      2016 
_citation.database_id_CSD           ? 
_citation.pdbx_database_id_DOI      10.1021/acs.biochem.5b01050 
_citation.pdbx_database_id_PubMed   26731610 
_citation.unpublished_flag          ? 
# 
loop_
_citation_author.citation_id 
_citation_author.name 
_citation_author.ordinal 
_citation_author.identifier_ORCID 
primary 'Mori, S.'        1  ? 
primary 'Simkhada, D.'    2  ? 
primary 'Zhang, H.'       3  ? 
primary 'Erb, M.S.'       4  ? 
primary 'Zhang, Y.'       5  ? 
primary 'Williams, H.'    6  ? 
primary 'Fedoseyenko, D.' 7  ? 
primary 'Russell, W.K.'   8  ? 
primary 'Kim, D.'         9  ? 
primary 'Fleer, N.'       10 ? 
primary 'Ealick, S.E.'    11 ? 
primary 'Watanabe, C.M.'  12 ? 
# 
_cell.angle_alpha                  90.000 
_cell.angle_alpha_esd              ? 
_cell.angle_beta                   90.000 
_cell.angle_beta_esd               ? 
_cell.angle_gamma                  90.000 
_cell.angle_gamma_esd              ? 
_cell.entry_id                     5HMB 
_cell.details                      ? 
_cell.formula_units_Z              ? 
_cell.length_a                     68.466 
_cell.length_a_esd                 ? 
_cell.length_b                     68.466 
_cell.length_b_esd                 ? 
_cell.length_c                     139.616 
_cell.length_c_esd                 ? 
_cell.volume                       ? 
_cell.volume_esd                   ? 
_cell.Z_PDB                        16 
_cell.reciprocal_angle_alpha       ? 
_cell.reciprocal_angle_beta        ? 
_cell.reciprocal_angle_gamma       ? 
_cell.reciprocal_angle_alpha_esd   ? 
_cell.reciprocal_angle_beta_esd    ? 
_cell.reciprocal_angle_gamma_esd   ? 
_cell.reciprocal_length_a          ? 
_cell.reciprocal_length_b          ? 
_cell.reciprocal_length_c          ? 
_cell.reciprocal_length_a_esd      ? 
_cell.reciprocal_length_b_esd      ? 
_cell.reciprocal_length_c_esd      ? 
_cell.pdbx_unique_axis             ? 
# 
_symmetry.entry_id                         5HMB 
_symmetry.cell_setting                     ? 
_symmetry.Int_Tables_number                98 
_symmetry.space_group_name_Hall            ? 
_symmetry.space_group_name_H-M             'I 41 2 2' 
_symmetry.pdbx_full_space_group_name_H-M   ? 
# 
loop_
_entity.id 
_entity.type 
_entity.src_method 
_entity.pdbx_description 
_entity.formula_weight 
_entity.pdbx_number_of_molecules 
_entity.pdbx_ec 
_entity.pdbx_mutation 
_entity.pdbx_fragment 
_entity.details 
1 polymer     man Azi13         15416.212 1  ? ? ? ? 
2 non-polymer syn 'SULFATE ION' 96.063    2  ? ? ? ? 
3 water       nat water         18.015    24 ? ? ? ? 
# 
_entity_poly.entity_id                      1 
_entity_poly.type                           'polypeptide(L)' 
_entity_poly.nstd_linkage                   no 
_entity_poly.nstd_monomer                   no 
_entity_poly.pdbx_seq_one_letter_code       
;MTTTDKTDSRLGPYVEHLGLQFERIDPDRAVAYWSVRADLLQPHGILHGGVHCAVVESVASAAADRWLGDRGTVVGVSNS
TDFFAPATVADGRLTSTALPVHRGATQQVWSVETVDAAGRLVARGQVRLHNLRLEHHHHHH
;
_entity_poly.pdbx_seq_one_letter_code_can   
;MTTTDKTDSRLGPYVEHLGLQFERIDPDRAVAYWSVRADLLQPHGILHGGVHCAVVESVASAAADRWLGDRGTVVGVSNS
TDFFAPATVADGRLTSTALPVHRGATQQVWSVETVDAAGRLVARGQVRLHNLRLEHHHHHH
;
_entity_poly.pdbx_strand_id                 A 
_entity_poly.pdbx_target_identifier         ? 
# 
loop_
_entity_poly_seq.entity_id 
_entity_poly_seq.num 
_entity_poly_seq.mon_id 
_entity_poly_seq.hetero 
1 1   MET n 
1 2   THR n 
1 3   THR n 
1 4   THR n 
1 5   ASP n 
1 6   LYS n 
1 7   THR n 
1 8   ASP n 
1 9   SER n 
1 10  ARG n 
1 11  LEU n 
1 12  GLY n 
1 13  PRO n 
1 14  TYR n 
1 15  VAL n 
1 16  GLU n 
1 17  HIS n 
1 18  LEU n 
1 19  GLY n 
1 20  LEU n 
1 21  GLN n 
1 22  PHE n 
1 23  GLU n 
1 24  ARG n 
1 25  ILE n 
1 26  ASP n 
1 27  PRO n 
1 28  ASP n 
1 29  ARG n 
1 30  ALA n 
1 31  VAL n 
1 32  ALA n 
1 33  TYR n 
1 34  TRP n 
1 35  SER n 
1 36  VAL n 
1 37  ARG n 
1 38  ALA n 
1 39  ASP n 
1 40  LEU n 
1 41  LEU n 
1 42  GLN n 
1 43  PRO n 
1 44  HIS n 
1 45  GLY n 
1 46  ILE n 
1 47  LEU n 
1 48  HIS n 
1 49  GLY n 
1 50  GLY n 
1 51  VAL n 
1 52  HIS n 
1 53  CYS n 
1 54  ALA n 
1 55  VAL n 
1 56  VAL n 
1 57  GLU n 
1 58  SER n 
1 59  VAL n 
1 60  ALA n 
1 61  SER n 
1 62  ALA n 
1 63  ALA n 
1 64  ALA n 
1 65  ASP n 
1 66  ARG n 
1 67  TRP n 
1 68  LEU n 
1 69  GLY n 
1 70  ASP n 
1 71  ARG n 
1 72  GLY n 
1 73  THR n 
1 74  VAL n 
1 75  VAL n 
1 76  GLY n 
1 77  VAL n 
1 78  SER n 
1 79  ASN n 
1 80  SER n 
1 81  THR n 
1 82  ASP n 
1 83  PHE n 
1 84  PHE n 
1 85  ALA n 
1 86  PRO n 
1 87  ALA n 
1 88  THR n 
1 89  VAL n 
1 90  ALA n 
1 91  ASP n 
1 92  GLY n 
1 93  ARG n 
1 94  LEU n 
1 95  THR n 
1 96  SER n 
1 97  THR n 
1 98  ALA n 
1 99  LEU n 
1 100 PRO n 
1 101 VAL n 
1 102 HIS n 
1 103 ARG n 
1 104 GLY n 
1 105 ALA n 
1 106 THR n 
1 107 GLN n 
1 108 GLN n 
1 109 VAL n 
1 110 TRP n 
1 111 SER n 
1 112 VAL n 
1 113 GLU n 
1 114 THR n 
1 115 VAL n 
1 116 ASP n 
1 117 ALA n 
1 118 ALA n 
1 119 GLY n 
1 120 ARG n 
1 121 LEU n 
1 122 VAL n 
1 123 ALA n 
1 124 ARG n 
1 125 GLY n 
1 126 GLN n 
1 127 VAL n 
1 128 ARG n 
1 129 LEU n 
1 130 HIS n 
1 131 ASN n 
1 132 LEU n 
1 133 ARG n 
1 134 LEU n 
1 135 GLU n 
1 136 HIS n 
1 137 HIS n 
1 138 HIS n 
1 139 HIS n 
1 140 HIS n 
1 141 HIS n 
# 
_entity_src_gen.entity_id                          1 
_entity_src_gen.pdbx_src_id                        1 
_entity_src_gen.pdbx_alt_source_flag               sample 
_entity_src_gen.pdbx_seq_type                      'Biological sequence' 
_entity_src_gen.pdbx_beg_seq_num                   1 
_entity_src_gen.pdbx_end_seq_num                   141 
_entity_src_gen.gene_src_common_name               ? 
_entity_src_gen.gene_src_genus                     ? 
_entity_src_gen.pdbx_gene_src_gene                 azi13 
_entity_src_gen.gene_src_species                   ? 
_entity_src_gen.gene_src_strain                    ? 
_entity_src_gen.gene_src_tissue                    ? 
_entity_src_gen.gene_src_tissue_fraction           ? 
_entity_src_gen.gene_src_details                   ? 
_entity_src_gen.pdbx_gene_src_fragment             ? 
_entity_src_gen.pdbx_gene_src_scientific_name      'Streptomyces sahachiroi' 
_entity_src_gen.pdbx_gene_src_ncbi_taxonomy_id     285525 
_entity_src_gen.pdbx_gene_src_variant              ? 
_entity_src_gen.pdbx_gene_src_cell_line            ? 
_entity_src_gen.pdbx_gene_src_atcc                 ? 
_entity_src_gen.pdbx_gene_src_organ                ? 
_entity_src_gen.pdbx_gene_src_organelle            ? 
_entity_src_gen.pdbx_gene_src_cell                 ? 
_entity_src_gen.pdbx_gene_src_cellular_location    ? 
_entity_src_gen.host_org_common_name               ? 
_entity_src_gen.pdbx_host_org_scientific_name      'Escherichia coli' 
_entity_src_gen.pdbx_host_org_ncbi_taxonomy_id     469008 
_entity_src_gen.host_org_genus                     ? 
_entity_src_gen.pdbx_host_org_gene                 ? 
_entity_src_gen.pdbx_host_org_organ                ? 
_entity_src_gen.host_org_species                   ? 
_entity_src_gen.pdbx_host_org_tissue               ? 
_entity_src_gen.pdbx_host_org_tissue_fraction      ? 
_entity_src_gen.pdbx_host_org_strain               'BL21(DE3)' 
_entity_src_gen.pdbx_host_org_variant              ? 
_entity_src_gen.pdbx_host_org_cell_line            ? 
_entity_src_gen.pdbx_host_org_atcc                 ? 
_entity_src_gen.pdbx_host_org_culture_collection   ? 
_entity_src_gen.pdbx_host_org_cell                 ? 
_entity_src_gen.pdbx_host_org_organelle            ? 
_entity_src_gen.pdbx_host_org_cellular_location    ? 
_entity_src_gen.pdbx_host_org_vector_type          plasmid 
_entity_src_gen.pdbx_host_org_vector               ? 
_entity_src_gen.host_org_details                   ? 
_entity_src_gen.expression_system_id               ? 
_entity_src_gen.plasmid_name                       pET24 
_entity_src_gen.plasmid_details                    ? 
_entity_src_gen.pdbx_description                   ? 
# 
_struct_ref.id                         1 
_struct_ref.db_name                    UNP 
_struct_ref.db_code                    B4XYA6_STREG 
_struct_ref.pdbx_db_accession          B4XYA6 
_struct_ref.pdbx_db_isoform            ? 
_struct_ref.entity_id                  1 
_struct_ref.pdbx_seq_one_letter_code   
;MTTTDKTDSRLGPYVEHLGLQFERIDPDRAVAYWSVRADLLQPHGILHGGVHCAVVESVASAAADRWLGDRGTVVGVSNS
TDFFAPATVADGRLTSTALPVHRGATQQVWSVETVDAAGRLVARGQVRLHNLR
;
_struct_ref.pdbx_align_begin           1 
# 
_struct_ref_seq.align_id                      1 
_struct_ref_seq.ref_id                        1 
_struct_ref_seq.pdbx_PDB_id_code              5HMB 
_struct_ref_seq.pdbx_strand_id                A 
_struct_ref_seq.seq_align_beg                 1 
_struct_ref_seq.pdbx_seq_align_beg_ins_code   ? 
_struct_ref_seq.seq_align_end                 133 
_struct_ref_seq.pdbx_seq_align_end_ins_code   ? 
_struct_ref_seq.pdbx_db_accession             B4XYA6 
_struct_ref_seq.db_align_beg                  1 
_struct_ref_seq.pdbx_db_align_beg_ins_code    ? 
_struct_ref_seq.db_align_end                  133 
_struct_ref_seq.pdbx_db_align_end_ins_code    ? 
_struct_ref_seq.pdbx_auth_seq_align_beg       1 
_struct_ref_seq.pdbx_auth_seq_align_end       133 
# 
loop_
_struct_ref_seq_dif.align_id 
_struct_ref_seq_dif.pdbx_pdb_id_code 
_struct_ref_seq_dif.mon_id 
_struct_ref_seq_dif.pdbx_pdb_strand_id 
_struct_ref_seq_dif.seq_num 
_struct_ref_seq_dif.pdbx_pdb_ins_code 
_struct_ref_seq_dif.pdbx_seq_db_name 
_struct_ref_seq_dif.pdbx_seq_db_accession_code 
_struct_ref_seq_dif.db_mon_id 
_struct_ref_seq_dif.pdbx_seq_db_seq_num 
_struct_ref_seq_dif.details 
_struct_ref_seq_dif.pdbx_auth_seq_num 
_struct_ref_seq_dif.pdbx_ordinal 
1 5HMB LEU A 134 ? UNP B4XYA6 ? ? 'expression tag' 134 1 
1 5HMB GLU A 135 ? UNP B4XYA6 ? ? 'expression tag' 135 2 
1 5HMB HIS A 136 ? UNP B4XYA6 ? ? 'expression tag' 136 3 
1 5HMB HIS A 137 ? UNP B4XYA6 ? ? 'expression tag' 137 4 
1 5HMB HIS A 138 ? UNP B4XYA6 ? ? 'expression tag' 138 5 
1 5HMB HIS A 139 ? UNP B4XYA6 ? ? 'expression tag' 139 6 
1 5HMB HIS A 140 ? UNP B4XYA6 ? ? 'expression tag' 140 7 
1 5HMB HIS A 141 ? UNP B4XYA6 ? ? 'expression tag' 141 8 
# 
loop_
_chem_comp.id 
_chem_comp.type 
_chem_comp.mon_nstd_flag 
_chem_comp.name 
_chem_comp.pdbx_synonyms 
_chem_comp.formula 
_chem_comp.formula_weight 
ALA 'L-peptide linking' y ALANINE         ? 'C3 H7 N O2'     89.093  
ARG 'L-peptide linking' y ARGININE        ? 'C6 H15 N4 O2 1' 175.209 
ASN 'L-peptide linking' y ASPARAGINE      ? 'C4 H8 N2 O3'    132.118 
ASP 'L-peptide linking' y 'ASPARTIC ACID' ? 'C4 H7 N O4'     133.103 
CYS 'L-peptide linking' y CYSTEINE        ? 'C3 H7 N O2 S'   121.158 
GLN 'L-peptide linking' y GLUTAMINE       ? 'C5 H10 N2 O3'   146.144 
GLU 'L-peptide linking' y 'GLUTAMIC ACID' ? 'C5 H9 N O4'     147.129 
GLY 'peptide linking'   y GLYCINE         ? 'C2 H5 N O2'     75.067  
HIS 'L-peptide linking' y HISTIDINE       ? 'C6 H10 N3 O2 1' 156.162 
HOH non-polymer         . WATER           ? 'H2 O'           18.015  
ILE 'L-peptide linking' y ISOLEUCINE      ? 'C6 H13 N O2'    131.173 
LEU 'L-peptide linking' y LEUCINE         ? 'C6 H13 N O2'    131.173 
LYS 'L-peptide linking' y LYSINE          ? 'C6 H15 N2 O2 1' 147.195 
MET 'L-peptide linking' y METHIONINE      ? 'C5 H11 N O2 S'  149.211 
PHE 'L-peptide linking' y PHENYLALANINE   ? 'C9 H11 N O2'    165.189 
PRO 'L-peptide linking' y PROLINE         ? 'C5 H9 N O2'     115.130 
SER 'L-peptide linking' y SERINE          ? 'C3 H7 N O3'     105.093 
SO4 non-polymer         . 'SULFATE ION'   ? 'O4 S -2'        96.063  
THR 'L-peptide linking' y THREONINE       ? 'C4 H9 N O3'     119.119 
TRP 'L-peptide linking' y TRYPTOPHAN      ? 'C11 H12 N2 O2'  204.225 
TYR 'L-peptide linking' y TYROSINE        ? 'C9 H11 N O3'    181.189 
VAL 'L-peptide linking' y VALINE          ? 'C5 H11 N O2'    117.146 
# 
_exptl.absorpt_coefficient_mu     ? 
_exptl.absorpt_correction_T_max   ? 
_exptl.absorpt_correction_T_min   ? 
_exptl.absorpt_correction_type    ? 
_exptl.absorpt_process_details    ? 
_exptl.entry_id                   5HMB 
_exptl.crystals_number            1 
_exptl.details                    ? 
_exptl.method                     'X-RAY DIFFRACTION' 
_exptl.method_details             ? 
# 
_exptl_crystal.colour                      ? 
_exptl_crystal.density_diffrn              ? 
_exptl_crystal.density_Matthews            2.65 
_exptl_crystal.density_method              ? 
_exptl_crystal.density_percent_sol         53.64 
_exptl_crystal.description                 ? 
_exptl_crystal.F_000                       ? 
_exptl_crystal.id                          1 
_exptl_crystal.preparation                 ? 
_exptl_crystal.size_max                    ? 
_exptl_crystal.size_mid                    ? 
_exptl_crystal.size_min                    ? 
_exptl_crystal.size_rad                    ? 
_exptl_crystal.colour_lustre               ? 
_exptl_crystal.colour_modifier             ? 
_exptl_crystal.colour_primary              ? 
_exptl_crystal.density_meas                ? 
_exptl_crystal.density_meas_esd            ? 
_exptl_crystal.density_meas_gt             ? 
_exptl_crystal.density_meas_lt             ? 
_exptl_crystal.density_meas_temp           ? 
_exptl_crystal.density_meas_temp_esd       ? 
_exptl_crystal.density_meas_temp_gt        ? 
_exptl_crystal.density_meas_temp_lt        ? 
_exptl_crystal.pdbx_crystal_image_url      ? 
_exptl_crystal.pdbx_crystal_image_format   ? 
_exptl_crystal.pdbx_mosaicity              ? 
_exptl_crystal.pdbx_mosaicity_esd          ? 
# 
_exptl_crystal_grow.apparatus       ? 
_exptl_crystal_grow.atmosphere      ? 
_exptl_crystal_grow.crystal_id      1 
_exptl_crystal_grow.details         ? 
_exptl_crystal_grow.method          'VAPOR DIFFUSION, HANGING DROP' 
_exptl_crystal_grow.method_ref      ? 
_exptl_crystal_grow.pH              6.0 
_exptl_crystal_grow.pressure        ? 
_exptl_crystal_grow.pressure_esd    ? 
_exptl_crystal_grow.seeding         ? 
_exptl_crystal_grow.seeding_ref     ? 
_exptl_crystal_grow.temp            298 
_exptl_crystal_grow.temp_details    ? 
_exptl_crystal_grow.temp_esd        ? 
_exptl_crystal_grow.time            ? 
_exptl_crystal_grow.pdbx_details    '1.25 M ammonium sulfate and 0.1 M cacodylate pH 6.0' 
_exptl_crystal_grow.pdbx_pH_range   ? 
# 
_diffrn.ambient_environment    ? 
_diffrn.ambient_temp           100 
_diffrn.ambient_temp_details   ? 
_diffrn.ambient_temp_esd       ? 
_diffrn.crystal_id             1 
_diffrn.crystal_support        ? 
_diffrn.crystal_treatment      ? 
_diffrn.details                ? 
_diffrn.id                     1 
_diffrn.ambient_pressure       ? 
_diffrn.ambient_pressure_esd   ? 
_diffrn.ambient_pressure_gt    ? 
_diffrn.ambient_pressure_lt    ? 
_diffrn.ambient_temp_gt        ? 
_diffrn.ambient_temp_lt        ? 
# 
_diffrn_detector.details                      ? 
_diffrn_detector.detector                     CCD 
_diffrn_detector.diffrn_id                    1 
_diffrn_detector.type                         'ADSC QUANTUM 270' 
_diffrn_detector.area_resol_mean              ? 
_diffrn_detector.dtime                        ? 
_diffrn_detector.pdbx_frames_total            ? 
_diffrn_detector.pdbx_collection_time_total   ? 
_diffrn_detector.pdbx_collection_date         2012-06-25 
# 
_diffrn_radiation.collimation                      ? 
_diffrn_radiation.diffrn_id                        1 
_diffrn_radiation.filter_edge                      ? 
_diffrn_radiation.inhomogeneity                    ? 
_diffrn_radiation.monochromator                    ? 
_diffrn_radiation.polarisn_norm                    ? 
_diffrn_radiation.polarisn_ratio                   ? 
_diffrn_radiation.probe                            ? 
_diffrn_radiation.type                             ? 
_diffrn_radiation.xray_symbol                      ? 
_diffrn_radiation.wavelength_id                    1 
_diffrn_radiation.pdbx_monochromatic_or_laue_m_l   M 
_diffrn_radiation.pdbx_wavelength_list             ? 
_diffrn_radiation.pdbx_wavelength                  ? 
_diffrn_radiation.pdbx_diffrn_protocol             'SINGLE WAVELENGTH' 
_diffrn_radiation.pdbx_analyzer                    ? 
_diffrn_radiation.pdbx_scattering_type             x-ray 
# 
_diffrn_radiation_wavelength.id           1 
_diffrn_radiation_wavelength.wavelength   0.9183 
_diffrn_radiation_wavelength.wt           1.0 
# 
_diffrn_source.current                     ? 
_diffrn_source.details                     ? 
_diffrn_source.diffrn_id                   1 
_diffrn_source.power                       ? 
_diffrn_source.size                        ? 
_diffrn_source.source                      SYNCHROTRON 
_diffrn_source.target                      ? 
_diffrn_source.type                        'CHESS BEAMLINE F1' 
_diffrn_source.voltage                     ? 
_diffrn_source.take-off_angle              ? 
_diffrn_source.pdbx_wavelength_list        0.9183 
_diffrn_source.pdbx_wavelength             ? 
_diffrn_source.pdbx_synchrotron_beamline   F1 
_diffrn_source.pdbx_synchrotron_site       CHESS 
# 
_reflns.B_iso_Wilson_estimate            42.760 
_reflns.entry_id                         5HMB 
_reflns.data_reduction_details           ? 
_reflns.data_reduction_method            ? 
_reflns.d_resolution_high                2.150 
_reflns.d_resolution_low                 50.000 
_reflns.details                          ? 
_reflns.limit_h_max                      ? 
_reflns.limit_h_min                      ? 
_reflns.limit_k_max                      ? 
_reflns.limit_k_min                      ? 
_reflns.limit_l_max                      ? 
_reflns.limit_l_min                      ? 
_reflns.number_all                       ? 
_reflns.number_obs                       9373 
_reflns.observed_criterion               ? 
_reflns.observed_criterion_F_max         ? 
_reflns.observed_criterion_F_min         ? 
_reflns.observed_criterion_I_max         ? 
_reflns.observed_criterion_I_min         ? 
_reflns.observed_criterion_sigma_F       ? 
_reflns.observed_criterion_sigma_I       ? 
_reflns.percent_possible_obs             99.500 
_reflns.R_free_details                   ? 
_reflns.Rmerge_F_all                     ? 
_reflns.Rmerge_F_obs                     ? 
_reflns.Friedel_coverage                 ? 
_reflns.number_gt                        ? 
_reflns.threshold_expression             ? 
_reflns.pdbx_redundancy                  6.700 
_reflns.pdbx_Rmerge_I_obs                0.091 
_reflns.pdbx_Rmerge_I_all                ? 
_reflns.pdbx_Rsym_value                  ? 
_reflns.pdbx_netI_over_av_sigmaI         37.312 
_reflns.pdbx_netI_over_sigmaI            13.900 
_reflns.pdbx_res_netI_over_av_sigmaI_2   ? 
_reflns.pdbx_res_netI_over_sigmaI_2      ? 
_reflns.pdbx_chi_squared                 2.920 
_reflns.pdbx_scaling_rejects             ? 
_reflns.pdbx_d_res_high_opt              ? 
_reflns.pdbx_d_res_low_opt               ? 
_reflns.pdbx_d_res_opt_method            ? 
_reflns.phase_calculation_details        ? 
_reflns.pdbx_Rrim_I_all                  ? 
_reflns.pdbx_Rpim_I_all                  ? 
_reflns.pdbx_d_opt                       ? 
_reflns.pdbx_number_measured_all         62888 
_reflns.pdbx_diffrn_id                   1 
_reflns.pdbx_ordinal                     1 
_reflns.pdbx_CC_half                     ? 
_reflns.pdbx_R_split                     ? 
# 
loop_
_reflns_shell.d_res_high 
_reflns_shell.d_res_low 
_reflns_shell.meanI_over_sigI_all 
_reflns_shell.meanI_over_sigI_obs 
_reflns_shell.number_measured_all 
_reflns_shell.number_measured_obs 
_reflns_shell.number_possible 
_reflns_shell.number_unique_all 
_reflns_shell.number_unique_obs 
_reflns_shell.percent_possible_all 
_reflns_shell.percent_possible_obs 
_reflns_shell.Rmerge_F_all 
_reflns_shell.Rmerge_F_obs 
_reflns_shell.Rmerge_I_all 
_reflns_shell.Rmerge_I_obs 
_reflns_shell.meanI_over_sigI_gt 
_reflns_shell.meanI_over_uI_all 
_reflns_shell.meanI_over_uI_gt 
_reflns_shell.number_measured_gt 
_reflns_shell.number_unique_gt 
_reflns_shell.percent_possible_gt 
_reflns_shell.Rmerge_F_gt 
_reflns_shell.Rmerge_I_gt 
_reflns_shell.pdbx_redundancy 
_reflns_shell.pdbx_Rsym_value 
_reflns_shell.pdbx_chi_squared 
_reflns_shell.pdbx_netI_over_sigmaI_all 
_reflns_shell.pdbx_netI_over_sigmaI_obs 
_reflns_shell.pdbx_Rrim_I_all 
_reflns_shell.pdbx_Rpim_I_all 
_reflns_shell.pdbx_rejects 
_reflns_shell.pdbx_ordinal 
_reflns_shell.pdbx_diffrn_id 
_reflns_shell.pdbx_CC_half 
_reflns_shell.pdbx_R_split 
2.150 2.190  ? ? ? ? ? 459 ? 100.000 ? ? ? ? 0.386 ? ? ? ? ? ? ? ? 5.700 ? 2.074 ? ? ? ? 0 1  1 ? ? 
2.190 2.230  ? ? ? ? ? 462 ? 100.000 ? ? ? ? 0.345 ? ? ? ? ? ? ? ? 6.000 ? 1.940 ? ? ? ? 0 2  1 ? ? 
2.230 2.270  ? ? ? ? ? 445 ? 100.000 ? ? ? ? 0.275 ? ? ? ? ? ? ? ? 6.400 ? 2.104 ? ? ? ? 0 3  1 ? ? 
2.270 2.320  ? ? ? ? ? 459 ? 100.000 ? ? ? ? 0.354 ? ? ? ? ? ? ? ? 7.000 ? 2.046 ? ? ? ? 0 4  1 ? ? 
2.320 2.370  ? ? ? ? ? 467 ? 100.000 ? ? ? ? 0.284 ? ? ? ? ? ? ? ? 7.000 ? 2.196 ? ? ? ? 0 5  1 ? ? 
2.370 2.420  ? ? ? ? ? 468 ? 100.000 ? ? ? ? 0.242 ? ? ? ? ? ? ? ? 7.100 ? 2.224 ? ? ? ? 0 6  1 ? ? 
2.420 2.480  ? ? ? ? ? 451 ? 100.000 ? ? ? ? 0.234 ? ? ? ? ? ? ? ? 7.100 ? 2.383 ? ? ? ? 0 7  1 ? ? 
2.480 2.550  ? ? ? ? ? 464 ? 99.800  ? ? ? ? 0.201 ? ? ? ? ? ? ? ? 7.000 ? 2.456 ? ? ? ? 0 8  1 ? ? 
2.550 2.620  ? ? ? ? ? 468 ? 100.000 ? ? ? ? 0.192 ? ? ? ? ? ? ? ? 7.100 ? 2.487 ? ? ? ? 0 9  1 ? ? 
2.620 2.710  ? ? ? ? ? 452 ? 100.000 ? ? ? ? 0.152 ? ? ? ? ? ? ? ? 7.000 ? 2.653 ? ? ? ? 0 10 1 ? ? 
2.710 2.810  ? ? ? ? ? 469 ? 99.800  ? ? ? ? 0.129 ? ? ? ? ? ? ? ? 7.000 ? 2.934 ? ? ? ? 0 11 1 ? ? 
2.810 2.920  ? ? ? ? ? 467 ? 100.000 ? ? ? ? 0.118 ? ? ? ? ? ? ? ? 7.000 ? 3.107 ? ? ? ? 0 12 1 ? ? 
2.920 3.050  ? ? ? ? ? 468 ? 100.000 ? ? ? ? 0.104 ? ? ? ? ? ? ? ? 6.800 ? 3.460 ? ? ? ? 0 13 1 ? ? 
3.050 3.210  ? ? ? ? ? 467 ? 99.800  ? ? ? ? 0.097 ? ? ? ? ? ? ? ? 6.800 ? 3.798 ? ? ? ? 0 14 1 ? ? 
3.210 3.410  ? ? ? ? ? 471 ? 99.400  ? ? ? ? 0.078 ? ? ? ? ? ? ? ? 6.600 ? 3.947 ? ? ? ? 0 15 1 ? ? 
3.410 3.680  ? ? ? ? ? 472 ? 99.800  ? ? ? ? 0.076 ? ? ? ? ? ? ? ? 6.400 ? 4.223 ? ? ? ? 0 16 1 ? ? 
3.680 4.050  ? ? ? ? ? 479 ? 98.800  ? ? ? ? 0.078 ? ? ? ? ? ? ? ? 6.700 ? 4.038 ? ? ? ? 0 17 1 ? ? 
4.050 4.630  ? ? ? ? ? 471 ? 99.200  ? ? ? ? 0.075 ? ? ? ? ? ? ? ? 6.600 ? 4.264 ? ? ? ? 0 18 1 ? ? 
4.630 5.830  ? ? ? ? ? 489 ? 99.000  ? ? ? ? 0.077 ? ? ? ? ? ? ? ? 6.700 ? 3.248 ? ? ? ? 0 19 1 ? ? 
5.830 50.000 ? ? ? ? ? 525 ? 96.000  ? ? ? ? 0.080 ? ? ? ? ? ? ? ? 6.100 ? 2.638 ? ? ? ? 0 20 1 ? ? 
# 
_refine.aniso_B[1][1]                            ? 
_refine.aniso_B[1][2]                            ? 
_refine.aniso_B[1][3]                            ? 
_refine.aniso_B[2][2]                            ? 
_refine.aniso_B[2][3]                            ? 
_refine.aniso_B[3][3]                            ? 
_refine.B_iso_max                                107.180 
_refine.B_iso_mean                               52.0630 
_refine.B_iso_min                                30.560 
_refine.correlation_coeff_Fo_to_Fc               ? 
_refine.correlation_coeff_Fo_to_Fc_free          ? 
_refine.details                                  ? 
_refine.diff_density_max                         ? 
_refine.diff_density_max_esd                     ? 
_refine.diff_density_min                         ? 
_refine.diff_density_min_esd                     ? 
_refine.diff_density_rms                         ? 
_refine.diff_density_rms_esd                     ? 
_refine.entry_id                                 5HMB 
_refine.pdbx_refine_id                           'X-RAY DIFFRACTION' 
_refine.ls_abs_structure_details                 ? 
_refine.ls_abs_structure_Flack                   ? 
_refine.ls_abs_structure_Flack_esd               ? 
_refine.ls_abs_structure_Rogers                  ? 
_refine.ls_abs_structure_Rogers_esd              ? 
_refine.ls_d_res_high                            2.1510 
_refine.ls_d_res_low                             29.9080 
_refine.ls_extinction_coef                       ? 
_refine.ls_extinction_coef_esd                   ? 
_refine.ls_extinction_expression                 ? 
_refine.ls_extinction_method                     ? 
_refine.ls_goodness_of_fit_all                   ? 
_refine.ls_goodness_of_fit_all_esd               ? 
_refine.ls_goodness_of_fit_obs                   ? 
_refine.ls_goodness_of_fit_obs_esd               ? 
_refine.ls_hydrogen_treatment                    ? 
_refine.ls_matrix_type                           ? 
_refine.ls_number_constraints                    ? 
_refine.ls_number_parameters                     ? 
_refine.ls_number_reflns_all                     ? 
_refine.ls_number_reflns_obs                     9333 
_refine.ls_number_reflns_R_free                  447 
_refine.ls_number_reflns_R_work                  8886 
_refine.ls_number_restraints                     ? 
_refine.ls_percent_reflns_obs                    99.3300 
_refine.ls_percent_reflns_R_free                 4.7900 
_refine.ls_R_factor_all                          ? 
_refine.ls_R_factor_obs                          0.2084 
_refine.ls_R_factor_R_free                       0.2289 
_refine.ls_R_factor_R_free_error                 ? 
_refine.ls_R_factor_R_free_error_details         ? 
_refine.ls_R_factor_R_work                       0.2073 
_refine.ls_R_Fsqd_factor_obs                     ? 
_refine.ls_R_I_factor_obs                        ? 
_refine.ls_redundancy_reflns_all                 ? 
_refine.ls_redundancy_reflns_obs                 ? 
_refine.ls_restrained_S_all                      ? 
_refine.ls_restrained_S_obs                      ? 
_refine.ls_shift_over_esd_max                    ? 
_refine.ls_shift_over_esd_mean                   ? 
_refine.ls_structure_factor_coef                 ? 
_refine.ls_weighting_details                     ? 
_refine.ls_weighting_scheme                      ? 
_refine.ls_wR_factor_all                         ? 
_refine.ls_wR_factor_obs                         ? 
_refine.ls_wR_factor_R_free                      ? 
_refine.ls_wR_factor_R_work                      ? 
_refine.occupancy_max                            ? 
_refine.occupancy_min                            ? 
_refine.solvent_model_details                    'FLAT BULK SOLVENT MODEL' 
_refine.solvent_model_param_bsol                 ? 
_refine.solvent_model_param_ksol                 ? 
_refine.ls_R_factor_gt                           ? 
_refine.ls_goodness_of_fit_gt                    ? 
_refine.ls_goodness_of_fit_ref                   ? 
_refine.ls_shift_over_su_max                     ? 
_refine.ls_shift_over_su_max_lt                  ? 
_refine.ls_shift_over_su_mean                    ? 
_refine.ls_shift_over_su_mean_lt                 ? 
_refine.pdbx_ls_sigma_I                          ? 
_refine.pdbx_ls_sigma_F                          1.340 
_refine.pdbx_ls_sigma_Fsqd                       ? 
_refine.pdbx_data_cutoff_high_absF               ? 
_refine.pdbx_data_cutoff_high_rms_absF           ? 
_refine.pdbx_data_cutoff_low_absF                ? 
_refine.pdbx_isotropic_thermal_model             ? 
_refine.pdbx_ls_cross_valid_method               'FREE R-VALUE' 
_refine.pdbx_method_to_determine_struct          'MOLECULAR REPLACEMENT' 
_refine.pdbx_starting_model                      3S4K 
_refine.pdbx_stereochemistry_target_values       ML 
_refine.pdbx_R_Free_selection_details            'Random selection' 
_refine.pdbx_stereochem_target_val_spec_case     ? 
_refine.pdbx_overall_ESU_R                       ? 
_refine.pdbx_overall_ESU_R_Free                  ? 
_refine.pdbx_solvent_vdw_probe_radii             1.1100 
_refine.pdbx_solvent_ion_probe_radii             ? 
_refine.pdbx_solvent_shrinkage_radii             0.9000 
_refine.pdbx_real_space_R                        ? 
_refine.pdbx_density_correlation                 ? 
_refine.pdbx_pd_number_of_powder_patterns        ? 
_refine.pdbx_pd_number_of_points                 ? 
_refine.pdbx_pd_meas_number_of_points            ? 
_refine.pdbx_pd_proc_ls_prof_R_factor            ? 
_refine.pdbx_pd_proc_ls_prof_wR_factor           ? 
_refine.pdbx_pd_Marquardt_correlation_coeff      ? 
_refine.pdbx_pd_Fsqrd_R_factor                   ? 
_refine.pdbx_pd_ls_matrix_band_width             ? 
_refine.pdbx_overall_phase_error                 30.9900 
_refine.pdbx_overall_SU_R_free_Cruickshank_DPI   ? 
_refine.pdbx_overall_SU_R_free_Blow_DPI          ? 
_refine.pdbx_overall_SU_R_Blow_DPI               ? 
_refine.pdbx_TLS_residual_ADP_flag               ? 
_refine.pdbx_diffrn_id                           1 
_refine.overall_SU_B                             ? 
_refine.overall_SU_ML                            0.2100 
_refine.overall_SU_R_Cruickshank_DPI             ? 
_refine.overall_SU_R_free                        ? 
_refine.overall_FOM_free_R_set                   ? 
_refine.overall_FOM_work_R_set                   ? 
_refine.pdbx_average_fsc_overall                 ? 
_refine.pdbx_average_fsc_work                    ? 
_refine.pdbx_average_fsc_free                    ? 
# 
_refine_hist.cycle_id                         final 
_refine_hist.pdbx_refine_id                   'X-RAY DIFFRACTION' 
_refine_hist.d_res_high                       2.1510 
_refine_hist.d_res_low                        29.9080 
_refine_hist.pdbx_number_atoms_ligand         10 
_refine_hist.number_atoms_solvent             24 
_refine_hist.number_atoms_total               960 
_refine_hist.pdbx_number_residues_total       125 
_refine_hist.pdbx_B_iso_mean_ligand           67.11 
_refine_hist.pdbx_B_iso_mean_solvent          53.08 
_refine_hist.pdbx_number_atoms_protein        926 
_refine_hist.pdbx_number_atoms_nucleic_acid   0 
# 
loop_
_refine_ls_restr.pdbx_refine_id 
_refine_ls_restr.criterion 
_refine_ls_restr.dev_ideal 
_refine_ls_restr.dev_ideal_target 
_refine_ls_restr.number 
_refine_ls_restr.rejects 
_refine_ls_restr.type 
_refine_ls_restr.weight 
_refine_ls_restr.pdbx_restraint_function 
'X-RAY DIFFRACTION' ? 0.006  ? 985  ? f_bond_d           ? ? 
'X-RAY DIFFRACTION' ? 0.766  ? 1350 ? f_angle_d          ? ? 
'X-RAY DIFFRACTION' ? 0.052  ? 153  ? f_chiral_restr     ? ? 
'X-RAY DIFFRACTION' ? 0.006  ? 178  ? f_plane_restr      ? ? 
'X-RAY DIFFRACTION' ? 26.798 ? 338  ? f_dihedral_angle_d ? ? 
# 
loop_
_refine_ls_shell.pdbx_refine_id 
_refine_ls_shell.d_res_high 
_refine_ls_shell.d_res_low 
_refine_ls_shell.number_reflns_all 
_refine_ls_shell.number_reflns_obs 
_refine_ls_shell.number_reflns_R_free 
_refine_ls_shell.number_reflns_R_work 
_refine_ls_shell.percent_reflns_obs 
_refine_ls_shell.percent_reflns_R_free 
_refine_ls_shell.R_factor_all 
_refine_ls_shell.R_factor_obs 
_refine_ls_shell.R_factor_R_free 
_refine_ls_shell.R_factor_R_free_error 
_refine_ls_shell.R_factor_R_work 
_refine_ls_shell.redundancy_reflns_all 
_refine_ls_shell.redundancy_reflns_obs 
_refine_ls_shell.wR_factor_all 
_refine_ls_shell.wR_factor_obs 
_refine_ls_shell.wR_factor_R_free 
_refine_ls_shell.wR_factor_R_work 
_refine_ls_shell.pdbx_total_number_of_bins_used 
_refine_ls_shell.pdbx_phase_error 
_refine_ls_shell.pdbx_fsc_work 
_refine_ls_shell.pdbx_fsc_free 
'X-RAY DIFFRACTION' 2.1514 2.4626  3036 . 151 2885 100.0000 . . . 0.2468 . 0.2411 . . . . . . 3 . . . 
'X-RAY DIFFRACTION' 2.4626 3.1021  3090 . 143 2947 100.0000 . . . 0.2900 . 0.2561 . . . . . . 3 . . . 
'X-RAY DIFFRACTION' 3.1021 29.9110 3207 . 153 3054 99.0000  . . . 0.2097 . 0.1865 . . . . . . 3 . . . 
# 
_struct.entry_id                     5HMB 
_struct.title                        'Crystal structure of S. sahachiroi AziG' 
_struct.pdbx_model_details           ? 
_struct.pdbx_formula_weight          ? 
_struct.pdbx_formula_weight_method   ? 
_struct.pdbx_model_type_details      ? 
_struct.pdbx_CASP_flag               ? 
# 
_struct_keywords.entry_id        5HMB 
_struct_keywords.text            'azinomycin biosynthesis, polyketide synthase, thioesterase, naphthoate, HYDROLASE' 
_struct_keywords.pdbx_keywords   HYDROLASE 
# 
loop_
_struct_asym.id 
_struct_asym.pdbx_blank_PDB_chainid_flag 
_struct_asym.pdbx_modified 
_struct_asym.entity_id 
_struct_asym.details 
A N N 1 ? 
B N N 2 ? 
C N N 2 ? 
D N N 3 ? 
# 
loop_
_struct_conf.conf_type_id 
_struct_conf.id 
_struct_conf.pdbx_PDB_helix_id 
_struct_conf.beg_label_comp_id 
_struct_conf.beg_label_asym_id 
_struct_conf.beg_label_seq_id 
_struct_conf.pdbx_beg_PDB_ins_code 
_struct_conf.end_label_comp_id 
_struct_conf.end_label_asym_id 
_struct_conf.end_label_seq_id 
_struct_conf.pdbx_end_PDB_ins_code 
_struct_conf.beg_auth_comp_id 
_struct_conf.beg_auth_asym_id 
_struct_conf.beg_auth_seq_id 
_struct_conf.end_auth_comp_id 
_struct_conf.end_auth_asym_id 
_struct_conf.end_auth_seq_id 
_struct_conf.pdbx_PDB_helix_class 
_struct_conf.details 
_struct_conf.pdbx_PDB_helix_length 
HELX_P HELX_P1 AA1 GLY A 12 ? GLY A 19 ? GLY A 12 GLY A 19 1 ? 8  
HELX_P HELX_P2 AA2 ARG A 37 ? LEU A 41 ? ARG A 37 LEU A 41 5 ? 5  
HELX_P HELX_P3 AA3 HIS A 48 ? GLY A 69 ? HIS A 48 GLY A 69 1 ? 22 
HELX_P HELX_P4 AA4 THR A 88 ? ASP A 91 ? THR A 88 ASP A 91 5 ? 4  
# 
_struct_conf_type.id          HELX_P 
_struct_conf_type.criteria    ? 
_struct_conf_type.reference   ? 
# 
_struct_sheet.id               AA1 
_struct_sheet.type             ? 
_struct_sheet.number_strands   6 
_struct_sheet.details          ? 
# 
loop_
_struct_sheet_order.sheet_id 
_struct_sheet_order.range_id_1 
_struct_sheet_order.range_id_2 
_struct_sheet_order.offset 
_struct_sheet_order.sense 
AA1 1 2 ? anti-parallel 
AA1 2 3 ? anti-parallel 
AA1 3 4 ? anti-parallel 
AA1 4 5 ? anti-parallel 
AA1 5 6 ? anti-parallel 
# 
loop_
_struct_sheet_range.sheet_id 
_struct_sheet_range.id 
_struct_sheet_range.beg_label_comp_id 
_struct_sheet_range.beg_label_asym_id 
_struct_sheet_range.beg_label_seq_id 
_struct_sheet_range.pdbx_beg_PDB_ins_code 
_struct_sheet_range.end_label_comp_id 
_struct_sheet_range.end_label_asym_id 
_struct_sheet_range.end_label_seq_id 
_struct_sheet_range.pdbx_end_PDB_ins_code 
_struct_sheet_range.beg_auth_comp_id 
_struct_sheet_range.beg_auth_asym_id 
_struct_sheet_range.beg_auth_seq_id 
_struct_sheet_range.end_auth_comp_id 
_struct_sheet_range.end_auth_asym_id 
_struct_sheet_range.end_auth_seq_id 
AA1 1 GLN A 21  ? ASP A 26  ? GLN A 21  ASP A 26  
AA1 2 ARG A 29  ? SER A 35  ? ARG A 29  SER A 35  
AA1 3 ARG A 93  ? ARG A 103 ? ARG A 93  ARG A 103 
AA1 4 GLN A 107 ? VAL A 115 ? GLN A 107 VAL A 115 
AA1 5 LEU A 121 ? ARG A 133 ? LEU A 121 ARG A 133 
AA1 6 GLY A 72  ? PHE A 83  ? GLY A 72  PHE A 83  
# 
loop_
_pdbx_struct_sheet_hbond.sheet_id 
_pdbx_struct_sheet_hbond.range_id_1 
_pdbx_struct_sheet_hbond.range_id_2 
_pdbx_struct_sheet_hbond.range_1_label_atom_id 
_pdbx_struct_sheet_hbond.range_1_label_comp_id 
_pdbx_struct_sheet_hbond.range_1_label_asym_id 
_pdbx_struct_sheet_hbond.range_1_label_seq_id 
_pdbx_struct_sheet_hbond.range_1_PDB_ins_code 
_pdbx_struct_sheet_hbond.range_1_auth_atom_id 
_pdbx_struct_sheet_hbond.range_1_auth_comp_id 
_pdbx_struct_sheet_hbond.range_1_auth_asym_id 
_pdbx_struct_sheet_hbond.range_1_auth_seq_id 
_pdbx_struct_sheet_hbond.range_2_label_atom_id 
_pdbx_struct_sheet_hbond.range_2_label_comp_id 
_pdbx_struct_sheet_hbond.range_2_label_asym_id 
_pdbx_struct_sheet_hbond.range_2_label_seq_id 
_pdbx_struct_sheet_hbond.range_2_PDB_ins_code 
_pdbx_struct_sheet_hbond.range_2_auth_atom_id 
_pdbx_struct_sheet_hbond.range_2_auth_comp_id 
_pdbx_struct_sheet_hbond.range_2_auth_asym_id 
_pdbx_struct_sheet_hbond.range_2_auth_seq_id 
AA1 1 2 N ASP A 26  ? N ASP A 26  O ARG A 29  ? O ARG A 29  
AA1 2 3 N TRP A 34  ? N TRP A 34  O LEU A 94  ? O LEU A 94  
AA1 3 4 N LEU A 99  ? N LEU A 99  O SER A 111 ? O SER A 111 
AA1 4 5 N VAL A 112 ? N VAL A 112 O GLY A 125 ? O GLY A 125 
AA1 5 6 O LEU A 132 ? O LEU A 132 N THR A 73  ? N THR A 73  
# 
loop_
_struct_site.id 
_struct_site.pdbx_evidence_code 
_struct_site.pdbx_auth_asym_id 
_struct_site.pdbx_auth_comp_id 
_struct_site.pdbx_auth_seq_id 
_struct_site.pdbx_auth_ins_code 
_struct_site.pdbx_num_residues 
_struct_site.details 
AC1 Software A SO4 301 ? 3 'binding site for residue SO4 A 301' 
AC2 Software A SO4 302 ? 5 'binding site for residue SO4 A 302' 
# 
loop_
_struct_site_gen.id 
_struct_site_gen.site_id 
_struct_site_gen.pdbx_num_res 
_struct_site_gen.label_comp_id 
_struct_site_gen.label_asym_id 
_struct_site_gen.label_seq_id 
_struct_site_gen.pdbx_auth_ins_code 
_struct_site_gen.auth_comp_id 
_struct_site_gen.auth_asym_id 
_struct_site_gen.auth_seq_id 
_struct_site_gen.label_atom_id 
_struct_site_gen.label_alt_id 
_struct_site_gen.symmetry 
_struct_site_gen.details 
1 AC1 3 HIS A 102 ? HIS A 102 . ? 1_555 ? 
2 AC1 3 ARG A 103 ? ARG A 103 . ? 1_555 ? 
3 AC1 3 HOH D .   ? HOH A 407 . ? 1_555 ? 
4 AC2 5 HIS A 102 ? HIS A 102 . ? 1_555 ? 
5 AC2 5 GLY A 104 ? GLY A 104 . ? 1_555 ? 
6 AC2 5 ALA A 105 ? ALA A 105 . ? 1_555 ? 
7 AC2 5 THR A 106 ? THR A 106 . ? 1_555 ? 
8 AC2 5 GLN A 107 ? GLN A 107 . ? 1_555 ? 
# 
_atom_sites.entry_id                    5HMB 
_atom_sites.fract_transf_matrix[1][1]   0.00191900 
_atom_sites.fract_transf_matrix[1][2]   0.01391838 
_atom_sites.fract_transf_matrix[1][3]   0.00399140 
_atom_sites.fract_transf_matrix[2][1]   0.00781935 
_atom_sites.fract_transf_matrix[2][2]   -0.00438488 
_atom_sites.fract_transf_matrix[2][3]   0.01153108 
_atom_sites.fract_transf_matrix[3][1]   0.00597643 
_atom_sites.fract_transf_matrix[3][2]   0.00030494 
_atom_sites.fract_transf_matrix[3][3]   -0.00393673 
_atom_sites.fract_transf_vector[1]      0.462174 
_atom_sites.fract_transf_vector[2]      -0.270702 
_atom_sites.fract_transf_vector[3]      -0.019471 
# 
loop_
_atom_type.symbol 
C 
N 
O 
S 
# 
loop_
_atom_site.group_PDB 
_atom_site.id 
_atom_site.type_symbol 
_atom_site.label_atom_id 
_atom_site.label_alt_id 
_atom_site.label_comp_id 
_atom_site.label_asym_id 
_atom_site.label_entity_id 
_atom_site.label_seq_id 
_atom_site.pdbx_PDB_ins_code 
_atom_site.Cartn_x 
_atom_site.Cartn_y 
_atom_site.Cartn_z 
_atom_site.occupancy 
_atom_site.B_iso_or_equiv 
_atom_site.pdbx_formal_charge 
_atom_site.auth_seq_id 
_atom_site.auth_comp_id 
_atom_site.auth_asym_id 
_atom_site.auth_atom_id 
_atom_site.pdbx_PDB_model_num 
ATOM   1   N N   . ARG A 1 10  ? -2.778  -11.457 10.281  1.00 94.24  ? 10  ARG A N   1 
ATOM   2   C CA  . ARG A 1 10  ? -3.990  -10.868 10.837  1.00 84.08  ? 10  ARG A CA  1 
ATOM   3   C C   . ARG A 1 10  ? -4.614  -9.866  9.864   1.00 85.58  ? 10  ARG A C   1 
ATOM   4   O O   . ARG A 1 10  ? -5.637  -9.251  10.167  1.00 82.54  ? 10  ARG A O   1 
ATOM   5   C CB  . ARG A 1 10  ? -3.686  -10.191 12.177  1.00 74.18  ? 10  ARG A CB  1 
ATOM   6   N N   . LEU A 1 11  ? -3.993  -9.714  8.690   1.00 90.15  ? 11  LEU A N   1 
ATOM   7   C CA  . LEU A 1 11  ? -4.430  -8.764  7.672   1.00 81.54  ? 11  LEU A CA  1 
ATOM   8   C C   . LEU A 1 11  ? -4.895  -9.447  6.389   1.00 72.77  ? 11  LEU A C   1 
ATOM   9   O O   . LEU A 1 11  ? -5.156  -8.767  5.389   1.00 73.35  ? 11  LEU A O   1 
ATOM   10  C CB  . LEU A 1 11  ? -3.308  -7.766  7.359   1.00 64.59  ? 11  LEU A CB  1 
ATOM   11  N N   . GLY A 1 12  ? -5.001  -10.773 6.390   1.00 61.87  ? 12  GLY A N   1 
ATOM   12  C CA  . GLY A 1 12  ? -5.437  -11.496 5.225   1.00 52.27  ? 12  GLY A CA  1 
ATOM   13  C C   . GLY A 1 12  ? -4.312  -12.307 4.611   1.00 59.50  ? 12  GLY A C   1 
ATOM   14  O O   . GLY A 1 12  ? -3.129  -12.053 4.845   1.00 64.25  ? 12  GLY A O   1 
ATOM   15  N N   . PRO A 1 13  ? -4.670  -13.294 3.801   1.00 62.96  ? 13  PRO A N   1 
ATOM   16  C CA  . PRO A 1 13  ? -3.659  -14.204 3.239   1.00 55.67  ? 13  PRO A CA  1 
ATOM   17  C C   . PRO A 1 13  ? -2.837  -13.625 2.090   1.00 63.39  ? 13  PRO A C   1 
ATOM   18  O O   . PRO A 1 13  ? -1.682  -14.026 1.904   1.00 59.22  ? 13  PRO A O   1 
ATOM   19  C CB  . PRO A 1 13  ? -4.502  -15.397 2.767   1.00 65.03  ? 13  PRO A CB  1 
ATOM   20  C CG  . PRO A 1 13  ? -5.859  -14.809 2.495   1.00 58.17  ? 13  PRO A CG  1 
ATOM   21  C CD  . PRO A 1 13  ? -6.049  -13.736 3.525   1.00 53.32  ? 13  PRO A CD  1 
ATOM   22  N N   . TYR A 1 14  ? -3.408  -12.718 1.287   1.00 58.78  ? 14  TYR A N   1 
ATOM   23  C CA  . TYR A 1 14  ? -2.610  -12.115 0.219   1.00 57.07  ? 14  TYR A CA  1 
ATOM   24  C C   . TYR A 1 14  ? -1.594  -11.142 0.797   1.00 46.42  ? 14  TYR A C   1 
ATOM   25  O O   . TYR A 1 14  ? -0.432  -11.132 0.381   1.00 56.97  ? 14  TYR A O   1 
ATOM   26  C CB  . TYR A 1 14  ? -3.496  -11.424 -0.829  1.00 48.57  ? 14  TYR A CB  1 
ATOM   27  C CG  . TYR A 1 14  ? -2.774  -11.169 -2.153  1.00 60.00  ? 14  TYR A CG  1 
ATOM   28  C CD1 . TYR A 1 14  ? -2.267  -12.229 -2.911  1.00 51.10  ? 14  TYR A CD1 1 
ATOM   29  C CD2 . TYR A 1 14  ? -2.591  -9.878  -2.641  1.00 53.21  ? 14  TYR A CD2 1 
ATOM   30  C CE1 . TYR A 1 14  ? -1.595  -12.007 -4.120  1.00 48.11  ? 14  TYR A CE1 1 
ATOM   31  C CE2 . TYR A 1 14  ? -1.912  -9.648  -3.849  1.00 58.25  ? 14  TYR A CE2 1 
ATOM   32  C CZ  . TYR A 1 14  ? -1.419  -10.713 -4.583  1.00 54.92  ? 14  TYR A CZ  1 
ATOM   33  N N   . VAL A 1 15  ? -2.000  -10.347 1.788   1.00 52.92  ? 15  VAL A N   1 
ATOM   34  C CA  . VAL A 1 15  ? -1.052  -9.452  2.443   1.00 54.89  ? 15  VAL A CA  1 
ATOM   35  C C   . VAL A 1 15  ? 0.100   -10.239 3.057   1.00 60.17  ? 15  VAL A C   1 
ATOM   36  O O   . VAL A 1 15  ? 1.264   -9.822  2.978   1.00 64.23  ? 15  VAL A O   1 
ATOM   37  C CB  . VAL A 1 15  ? -1.774  -8.586  3.483   1.00 48.70  ? 15  VAL A CB  1 
ATOM   38  C CG1 . VAL A 1 15  ? -0.766  -7.782  4.271   1.00 45.00  ? 15  VAL A CG1 1 
ATOM   39  C CG2 . VAL A 1 15  ? -2.750  -7.670  2.783   1.00 52.13  ? 15  VAL A CG2 1 
ATOM   40  N N   . GLU A 1 16  ? -0.195  -11.401 3.653   1.00 58.05  ? 16  GLU A N   1 
ATOM   41  C CA  . GLU A 1 16  ? 0.875   -12.262 4.154   1.00 61.39  ? 16  GLU A CA  1 
ATOM   42  C C   . GLU A 1 16  ? 1.812   -12.680 3.028   1.00 54.52  ? 16  GLU A C   1 
ATOM   43  O O   . GLU A 1 16  ? 3.037   -12.640 3.180   1.00 58.27  ? 16  GLU A O   1 
ATOM   44  C CB  . GLU A 1 16  ? 0.299   -13.498 4.850   1.00 57.66  ? 16  GLU A CB  1 
ATOM   45  N N   . HIS A 1 17  ? 1.255   -13.092 1.885   1.00 52.57  ? 17  HIS A N   1 
ATOM   46  C CA  . HIS A 1 17  ? 2.102   -13.533 0.782   1.00 55.83  ? 17  HIS A CA  1 
ATOM   47  C C   . HIS A 1 17  ? 2.992   -12.405 0.273   1.00 60.10  ? 17  HIS A C   1 
ATOM   48  O O   . HIS A 1 17  ? 4.134   -12.642 -0.137  1.00 62.89  ? 17  HIS A O   1 
ATOM   49  C CB  . HIS A 1 17  ? 1.251   -14.081 -0.356  1.00 58.94  ? 17  HIS A CB  1 
ATOM   50  C CG  . HIS A 1 17  ? 2.031   -14.372 -1.596  1.00 60.54  ? 17  HIS A CG  1 
ATOM   51  N ND1 . HIS A 1 17  ? 2.808   -15.500 -1.736  1.00 64.69  ? 17  HIS A ND1 1 
ATOM   52  C CD2 . HIS A 1 17  ? 2.153   -13.682 -2.754  1.00 64.76  ? 17  HIS A CD2 1 
ATOM   53  C CE1 . HIS A 1 17  ? 3.375   -15.495 -2.930  1.00 59.15  ? 17  HIS A CE1 1 
ATOM   54  N NE2 . HIS A 1 17  ? 2.992   -14.403 -3.567  1.00 58.94  ? 17  HIS A NE2 1 
ATOM   55  N N   . LEU A 1 18  ? 2.484   -11.170 0.280   1.00 55.33  ? 18  LEU A N   1 
ATOM   56  C CA  . LEU A 1 18  ? 3.291   -10.029 -0.133  1.00 54.84  ? 18  LEU A CA  1 
ATOM   57  C C   . LEU A 1 18  ? 4.476   -9.793  0.794   1.00 52.56  ? 18  LEU A C   1 
ATOM   58  O O   . LEU A 1 18  ? 5.425   -9.118  0.400   1.00 52.94  ? 18  LEU A O   1 
ATOM   59  C CB  . LEU A 1 18  ? 2.431   -8.765  -0.195  1.00 45.24  ? 18  LEU A CB  1 
ATOM   60  C CG  . LEU A 1 18  ? 1.327   -8.735  -1.262  1.00 45.88  ? 18  LEU A CG  1 
ATOM   61  C CD1 . LEU A 1 18  ? 0.498   -7.451  -1.149  1.00 41.73  ? 18  LEU A CD1 1 
ATOM   62  C CD2 . LEU A 1 18  ? 1.904   -8.903  -2.682  1.00 41.66  ? 18  LEU A CD2 1 
ATOM   63  N N   . GLY A 1 19  ? 4.447   -10.332 2.008   1.00 55.18  ? 19  GLY A N   1 
ATOM   64  C CA  . GLY A 1 19  ? 5.531   -10.113 2.939   1.00 50.09  ? 19  GLY A CA  1 
ATOM   65  C C   . GLY A 1 19  ? 5.505   -8.774  3.634   1.00 59.36  ? 19  GLY A C   1 
ATOM   66  O O   . GLY A 1 19  ? 6.520   -8.368  4.209   1.00 57.82  ? 19  GLY A O   1 
ATOM   67  N N   . LEU A 1 20  ? 4.379   -8.071  3.599   1.00 48.98  ? 20  LEU A N   1 
ATOM   68  C CA  . LEU A 1 20  ? 4.289   -6.774  4.254   1.00 46.72  ? 20  LEU A CA  1 
ATOM   69  C C   . LEU A 1 20  ? 4.382   -6.916  5.764   1.00 59.07  ? 20  LEU A C   1 
ATOM   70  O O   . LEU A 1 20  ? 3.755   -7.794  6.358   1.00 61.84  ? 20  LEU A O   1 
ATOM   71  C CB  . LEU A 1 20  ? 2.973   -6.089  3.904   1.00 51.27  ? 20  LEU A CB  1 
ATOM   72  C CG  . LEU A 1 20  ? 2.809   -5.518  2.511   1.00 43.97  ? 20  LEU A CG  1 
ATOM   73  C CD1 . LEU A 1 20  ? 1.427   -4.904  2.419   1.00 41.17  ? 20  LEU A CD1 1 
ATOM   74  C CD2 . LEU A 1 20  ? 3.875   -4.472  2.270   1.00 42.10  ? 20  LEU A CD2 1 
ATOM   75  N N   . GLN A 1 21  ? 5.150   -6.028  6.392   1.00 55.89  ? 21  GLN A N   1 
ATOM   76  C CA  . GLN A 1 21  ? 5.238   -5.971  7.848   1.00 58.85  ? 21  GLN A CA  1 
ATOM   77  C C   . GLN A 1 21  ? 4.902   -4.554  8.280   1.00 53.64  ? 21  GLN A C   1 
ATOM   78  O O   . GLN A 1 21  ? 5.673   -3.625  8.029   1.00 57.99  ? 21  GLN A O   1 
ATOM   79  C CB  . GLN A 1 21  ? 6.623   -6.386  8.341   1.00 57.09  ? 21  GLN A CB  1 
ATOM   80  C CG  . GLN A 1 21  ? 7.094   -7.710  7.752   1.00 63.55  ? 21  GLN A CG  1 
ATOM   81  C CD  . GLN A 1 21  ? 7.786   -8.593  8.770   1.00 88.83  ? 21  GLN A CD  1 
ATOM   82  O OE1 . GLN A 1 21  ? 9.002   -8.797  8.708   1.00 107.18 ? 21  GLN A OE1 1 
ATOM   83  N NE2 . GLN A 1 21  ? 7.013   -9.130  9.715   1.00 89.31  ? 21  GLN A NE2 1 
ATOM   84  N N   . PHE A 1 22  ? 3.755   -4.388  8.923   1.00 58.19  ? 22  PHE A N   1 
ATOM   85  C CA  . PHE A 1 22  ? 3.284   -3.057  9.270   1.00 56.20  ? 22  PHE A CA  1 
ATOM   86  C C   . PHE A 1 22  ? 3.997   -2.534  10.504  1.00 58.08  ? 22  PHE A C   1 
ATOM   87  O O   . PHE A 1 22  ? 4.051   -3.202  11.540  1.00 64.76  ? 22  PHE A O   1 
ATOM   88  C CB  . PHE A 1 22  ? 1.772   -3.066  9.470   1.00 46.32  ? 22  PHE A CB  1 
ATOM   89  C CG  . PHE A 1 22  ? 1.013   -2.953  8.188   1.00 45.12  ? 22  PHE A CG  1 
ATOM   90  C CD1 . PHE A 1 22  ? 0.839   -4.055  7.371   1.00 51.72  ? 22  PHE A CD1 1 
ATOM   91  C CD2 . PHE A 1 22  ? 0.530   -1.732  7.766   1.00 48.17  ? 22  PHE A CD2 1 
ATOM   92  C CE1 . PHE A 1 22  ? 0.156   -3.953  6.171   1.00 43.02  ? 22  PHE A CE1 1 
ATOM   93  C CE2 . PHE A 1 22  ? -0.149  -1.620  6.571   1.00 43.03  ? 22  PHE A CE2 1 
ATOM   94  C CZ  . PHE A 1 22  ? -0.339  -2.735  5.774   1.00 47.29  ? 22  PHE A CZ  1 
ATOM   95  N N   . GLU A 1 23  ? 4.575   -1.345  10.369  1.00 54.84  ? 23  GLU A N   1 
ATOM   96  C CA  . GLU A 1 23  ? 5.195   -0.636  11.476  1.00 59.78  ? 23  GLU A CA  1 
ATOM   97  C C   . GLU A 1 23  ? 4.212   0.286   12.176  1.00 60.82  ? 23  GLU A C   1 
ATOM   98  O O   . GLU A 1 23  ? 4.357   0.547   13.375  1.00 64.50  ? 23  GLU A O   1 
ATOM   99  C CB  . GLU A 1 23  ? 6.396   0.171   10.962  1.00 64.98  ? 23  GLU A CB  1 
ATOM   100 C CG  . GLU A 1 23  ? 7.250   0.853   12.027  1.00 82.65  ? 23  GLU A CG  1 
ATOM   101 C CD  . GLU A 1 23  ? 7.995   -0.134  12.914  1.00 94.69  ? 23  GLU A CD  1 
ATOM   102 O OE1 . GLU A 1 23  ? 8.360   0.245   14.049  1.00 99.54  ? 23  GLU A OE1 1 
ATOM   103 O OE2 . GLU A 1 23  ? 8.212   -1.287  12.479  1.00 86.83  ? 23  GLU A OE2 1 
ATOM   104 N N   A ARG A 1 24  ? 3.209   0.783   11.459  0.51 56.12  ? 24  ARG A N   1 
ATOM   105 N N   B ARG A 1 24  ? 3.196   0.763   11.461  0.49 56.13  ? 24  ARG A N   1 
ATOM   106 C CA  A ARG A 1 24  ? 2.275   1.733   12.039  0.51 59.10  ? 24  ARG A CA  1 
ATOM   107 C CA  B ARG A 1 24  ? 2.286   1.766   12.000  0.49 59.11  ? 24  ARG A CA  1 
ATOM   108 C C   A ARG A 1 24  ? 0.977   1.673   11.250  0.51 57.20  ? 24  ARG A C   1 
ATOM   109 C C   B ARG A 1 24  ? 0.972   1.678   11.240  0.49 57.20  ? 24  ARG A C   1 
ATOM   110 O O   A ARG A 1 24  ? 1.001   1.622   10.020  0.51 58.46  ? 24  ARG A O   1 
ATOM   111 O O   B ARG A 1 24  ? 0.983   1.608   10.008  0.49 58.45  ? 24  ARG A O   1 
ATOM   112 C CB  A ARG A 1 24  ? 2.851   3.152   12.016  0.51 61.80  ? 24  ARG A CB  1 
ATOM   113 C CB  B ARG A 1 24  ? 2.898   3.165   11.863  0.49 61.68  ? 24  ARG A CB  1 
ATOM   114 C CG  A ARG A 1 24  ? 1.891   4.222   12.480  0.51 60.97  ? 24  ARG A CG  1 
ATOM   115 C CG  B ARG A 1 24  ? 2.614   4.110   13.010  0.49 63.59  ? 24  ARG A CG  1 
ATOM   116 C CD  A ARG A 1 24  ? 2.372   5.608   12.078  0.51 59.64  ? 24  ARG A CD  1 
ATOM   117 C CD  B ARG A 1 24  ? 3.744   5.128   13.154  0.49 61.44  ? 24  ARG A CD  1 
ATOM   118 N NE  A ARG A 1 24  ? 3.570   6.025   12.800  0.51 63.23  ? 24  ARG A NE  1 
ATOM   119 N NE  B ARG A 1 24  ? 5.057   4.497   13.296  0.49 63.38  ? 24  ARG A NE  1 
ATOM   120 C CZ  A ARG A 1 24  ? 3.564   6.555   14.018  0.51 66.39  ? 24  ARG A CZ  1 
ATOM   121 C CZ  B ARG A 1 24  ? 6.077   4.665   12.454  0.49 63.11  ? 24  ARG A CZ  1 
ATOM   122 N NH1 A ARG A 1 24  ? 4.704   6.914   14.595  0.51 64.36  ? 24  ARG A NH1 1 
ATOM   123 N NH1 B ARG A 1 24  ? 7.228   4.047   12.677  0.49 61.34  ? 24  ARG A NH1 1 
ATOM   124 N NH2 A ARG A 1 24  ? 2.419   6.721   14.665  0.51 66.90  ? 24  ARG A NH2 1 
ATOM   125 N NH2 B ARG A 1 24  ? 5.957   5.457   11.397  0.49 60.60  ? 24  ARG A NH2 1 
ATOM   126 N N   . ILE A 1 25  ? -0.146  1.651   11.966  1.00 60.09  ? 25  ILE A N   1 
ATOM   127 C CA  . ILE A 1 25  ? -1.467  1.738   11.350  1.00 48.99  ? 25  ILE A CA  1 
ATOM   128 C C   . ILE A 1 25  ? -2.314  2.684   12.187  1.00 61.39  ? 25  ILE A C   1 
ATOM   129 O O   . ILE A 1 25  ? -3.031  2.256   13.098  1.00 58.04  ? 25  ILE A O   1 
ATOM   130 C CB  . ILE A 1 25  ? -2.172  0.376   11.223  1.00 52.95  ? 25  ILE A CB  1 
ATOM   131 C CG1 . ILE A 1 25  ? -1.292  -0.645  10.518  1.00 47.76  ? 25  ILE A CG1 1 
ATOM   132 C CG2 . ILE A 1 25  ? -3.512  0.543   10.478  1.00 43.16  ? 25  ILE A CG2 1 
ATOM   133 C CD1 . ILE A 1 25  ? -1.987  -1.951  10.257  1.00 48.15  ? 25  ILE A CD1 1 
ATOM   134 N N   . ASP A 1 26  ? -2.232  3.965   11.894  1.00 57.04  ? 26  ASP A N   1 
ATOM   135 C CA  . ASP A 1 26  ? -2.996  4.984   12.591  1.00 51.82  ? 26  ASP A CA  1 
ATOM   136 C C   . ASP A 1 26  ? -4.139  5.465   11.717  1.00 57.29  ? 26  ASP A C   1 
ATOM   137 O O   . ASP A 1 26  ? -4.171  5.203   10.513  1.00 56.09  ? 26  ASP A O   1 
ATOM   138 C CB  . ASP A 1 26  ? -2.079  6.144   12.978  1.00 55.66  ? 26  ASP A CB  1 
ATOM   139 C CG  . ASP A 1 26  ? -0.884  5.685   13.788  1.00 70.36  ? 26  ASP A CG  1 
ATOM   140 O OD1 . ASP A 1 26  ? -0.939  4.555   14.328  1.00 70.34  ? 26  ASP A OD1 1 
ATOM   141 O OD2 . ASP A 1 26  ? 0.103   6.451   13.888  1.00 77.49  ? 26  ASP A OD2 1 
ATOM   142 N N   . PRO A 1 27  ? -5.123  6.165   12.299  1.00 57.95  ? 27  PRO A N   1 
ATOM   143 C CA  . PRO A 1 27  ? -6.195  6.748   11.473  1.00 53.55  ? 27  PRO A CA  1 
ATOM   144 C C   . PRO A 1 27  ? -5.695  7.774   10.457  1.00 54.84  ? 27  PRO A C   1 
ATOM   145 O O   . PRO A 1 27  ? -6.481  8.220   9.611   1.00 55.30  ? 27  PRO A O   1 
ATOM   146 C CB  . PRO A 1 27  ? -7.121  7.401   12.504  1.00 56.15  ? 27  PRO A CB  1 
ATOM   147 C CG  . PRO A 1 27  ? -6.798  6.731   13.796  1.00 54.95  ? 27  PRO A CG  1 
ATOM   148 C CD  . PRO A 1 27  ? -5.348  6.398   13.735  1.00 57.59  ? 27  PRO A CD  1 
ATOM   149 N N   . ASP A 1 28  ? -4.425  8.160   10.506  1.00 57.36  ? 28  ASP A N   1 
ATOM   150 C CA  . ASP A 1 28  ? -3.920  9.199   9.630   1.00 59.76  ? 28  ASP A CA  1 
ATOM   151 C C   . ASP A 1 28  ? -2.652  8.799   8.879   1.00 53.80  ? 28  ASP A C   1 
ATOM   152 O O   . ASP A 1 28  ? -2.089  9.635   8.161   1.00 54.14  ? 28  ASP A O   1 
ATOM   153 C CB  . ASP A 1 28  ? -3.672  10.475  10.445  1.00 61.10  ? 28  ASP A CB  1 
ATOM   154 C CG  . ASP A 1 28  ? -2.615  10.278  11.511  1.00 78.54  ? 28  ASP A CG  1 
ATOM   155 O OD1 . ASP A 1 28  ? -2.289  9.108   11.817  1.00 72.50  ? 28  ASP A OD1 1 
ATOM   156 O OD2 . ASP A 1 28  ? -2.111  11.290  12.044  1.00 87.45  ? 28  ASP A OD2 1 
ATOM   157 N N   A ARG A 1 29  ? -2.180  7.565   9.036   0.41 53.93  ? 29  ARG A N   1 
ATOM   158 N N   B ARG A 1 29  ? -2.204  7.551   9.002   0.59 53.89  ? 29  ARG A N   1 
ATOM   159 C CA  A ARG A 1 29  ? -0.962  7.099   8.389   0.41 52.56  ? 29  ARG A CA  1 
ATOM   160 C CA  B ARG A 1 29  ? -0.955  7.101   8.407   0.59 52.50  ? 29  ARG A CA  1 
ATOM   161 C C   A ARG A 1 29  ? -0.796  5.615   8.663   0.41 53.15  ? 29  ARG A C   1 
ATOM   162 C C   B ARG A 1 29  ? -0.788  5.613   8.669   0.59 53.16  ? 29  ARG A C   1 
ATOM   163 O O   A ARG A 1 29  ? -1.099  5.146   9.762   0.41 52.29  ? 29  ARG A O   1 
ATOM   164 O O   B ARG A 1 29  ? -1.080  5.141   9.768   0.59 52.23  ? 29  ARG A O   1 
ATOM   165 C CB  A ARG A 1 29  ? 0.272   7.863   8.893   0.41 58.50  ? 29  ARG A CB  1 
ATOM   166 C CB  B ARG A 1 29  ? 0.238   7.873   8.986   0.59 58.50  ? 29  ARG A CB  1 
ATOM   167 C CG  A ARG A 1 29  ? 1.585   7.404   8.261   0.41 58.43  ? 29  ARG A CG  1 
ATOM   168 C CG  B ARG A 1 29  ? 1.609   7.339   8.577   0.59 58.66  ? 29  ARG A CG  1 
ATOM   169 C CD  A ARG A 1 29  ? 2.759   8.290   8.669   0.41 62.52  ? 29  ARG A CD  1 
ATOM   170 C CD  B ARG A 1 29  ? 2.697   8.382   8.850   0.59 62.63  ? 29  ARG A CD  1 
ATOM   171 N NE  A ARG A 1 29  ? 2.931   8.333   10.118  0.41 67.48  ? 29  ARG A NE  1 
ATOM   172 N NE  B ARG A 1 29  ? 2.486   9.048   10.135  0.59 68.71  ? 29  ARG A NE  1 
ATOM   173 C CZ  A ARG A 1 29  ? 3.941   8.938   10.735  0.41 70.42  ? 29  ARG A CZ  1 
ATOM   174 C CZ  B ARG A 1 29  ? 3.067   8.689   11.276  0.59 70.00  ? 29  ARG A CZ  1 
ATOM   175 N NH1 A ARG A 1 29  ? 4.013   8.928   12.061  0.41 68.41  ? 29  ARG A NH1 1 
ATOM   176 N NH1 B ARG A 1 29  ? 2.804   9.351   12.397  0.59 68.96  ? 29  ARG A NH1 1 
ATOM   177 N NH2 A ARG A 1 29  ? 4.883   9.549   10.027  0.41 62.57  ? 29  ARG A NH2 1 
ATOM   178 N NH2 B ARG A 1 29  ? 3.919   7.673   11.298  0.59 67.82  ? 29  ARG A NH2 1 
ATOM   179 N N   . ALA A 1 30  ? -0.317  4.887   7.663   1.00 43.33  ? 30  ALA A N   1 
ATOM   180 C CA  . ALA A 1 30  ? 0.077   3.496   7.810   1.00 46.20  ? 30  ALA A CA  1 
ATOM   181 C C   . ALA A 1 30  ? 1.419   3.311   7.115   1.00 51.90  ? 30  ALA A C   1 
ATOM   182 O O   . ALA A 1 30  ? 1.657   3.918   6.068   1.00 50.72  ? 30  ALA A O   1 
ATOM   183 C CB  . ALA A 1 30  ? -0.969  2.539   7.230   1.00 48.66  ? 30  ALA A CB  1 
ATOM   184 N N   . VAL A 1 31  ? 2.301   2.498   7.709   1.00 47.98  ? 31  VAL A N   1 
ATOM   185 C CA  . VAL A 1 31  ? 3.667   2.296   7.223   1.00 46.16  ? 31  VAL A CA  1 
ATOM   186 C C   . VAL A 1 31  ? 3.975   0.807   7.254   1.00 51.01  ? 31  VAL A C   1 
ATOM   187 O O   . VAL A 1 31  ? 3.809   0.159   8.293   1.00 52.33  ? 31  VAL A O   1 
ATOM   188 C CB  . VAL A 1 31  ? 4.706   3.049   8.077   1.00 54.84  ? 31  VAL A CB  1 
ATOM   189 C CG1 . VAL A 1 31  ? 6.117   2.728   7.586   1.00 50.84  ? 31  VAL A CG1 1 
ATOM   190 C CG2 . VAL A 1 31  ? 4.449   4.549   8.080   1.00 43.14  ? 31  VAL A CG2 1 
ATOM   191 N N   . ALA A 1 32  ? 4.437   0.263   6.131   1.00 39.52  ? 32  ALA A N   1 
ATOM   192 C CA  . ALA A 1 32  ? 4.807   -1.143  6.074   1.00 46.45  ? 32  ALA A CA  1 
ATOM   193 C C   . ALA A 1 32  ? 6.138   -1.306  5.360   1.00 55.70  ? 32  ALA A C   1 
ATOM   194 O O   . ALA A 1 32  ? 6.455   -0.556  4.431   1.00 53.58  ? 32  ALA A O   1 
ATOM   195 C CB  . ALA A 1 32  ? 3.741   -1.987  5.367   1.00 44.36  ? 32  ALA A CB  1 
ATOM   196 N N   . TYR A 1 33  ? 6.908   -2.294  5.805   1.00 54.26  ? 33  TYR A N   1 
ATOM   197 C CA  . TYR A 1 33  ? 8.170   -2.660  5.188   1.00 53.66  ? 33  TYR A CA  1 
ATOM   198 C C   . TYR A 1 33  ? 7.980   -3.966  4.441   1.00 54.38  ? 33  TYR A C   1 
ATOM   199 O O   . TYR A 1 33  ? 7.144   -4.793  4.816   1.00 59.39  ? 33  TYR A O   1 
ATOM   200 C CB  . TYR A 1 33  ? 9.286   -2.828  6.230   1.00 59.37  ? 33  TYR A CB  1 
ATOM   201 C CG  . TYR A 1 33  ? 9.511   -1.617  7.105   1.00 62.54  ? 33  TYR A CG  1 
ATOM   202 C CD1 . TYR A 1 33  ? 10.132  -0.481  6.603   1.00 65.09  ? 33  TYR A CD1 1 
ATOM   203 C CD2 . TYR A 1 33  ? 9.110   -1.611  8.439   1.00 69.16  ? 33  TYR A CD2 1 
ATOM   204 C CE1 . TYR A 1 33  ? 10.348  0.638   7.396   1.00 61.70  ? 33  TYR A CE1 1 
ATOM   205 C CE2 . TYR A 1 33  ? 9.323   -0.496  9.245   1.00 65.09  ? 33  TYR A CE2 1 
ATOM   206 C CZ  . TYR A 1 33  ? 9.942   0.623   8.715   1.00 74.79  ? 33  TYR A CZ  1 
ATOM   207 O OH  . TYR A 1 33  ? 10.160  1.730   9.497   1.00 72.28  ? 33  TYR A OH  1 
ATOM   208 N N   . TRP A 1 34  ? 8.764   -4.149  3.389   1.00 43.58  ? 34  TRP A N   1 
ATOM   209 C CA  . TRP A 1 34  ? 8.737   -5.374  2.600   1.00 47.57  ? 34  TRP A CA  1 
ATOM   210 C C   . TRP A 1 34  ? 9.963   -5.372  1.693   1.00 52.16  ? 34  TRP A C   1 
ATOM   211 O O   . TRP A 1 34  ? 10.713  -4.394  1.631   1.00 53.30  ? 34  TRP A O   1 
ATOM   212 C CB  . TRP A 1 34  ? 7.446   -5.492  1.795   1.00 48.83  ? 34  TRP A CB  1 
ATOM   213 C CG  . TRP A 1 34  ? 7.197   -4.339  0.864   1.00 45.26  ? 34  TRP A CG  1 
ATOM   214 C CD1 . TRP A 1 34  ? 6.917   -3.042  1.210   1.00 40.14  ? 34  TRP A CD1 1 
ATOM   215 C CD2 . TRP A 1 34  ? 7.180   -4.384  -0.572  1.00 38.17  ? 34  TRP A CD2 1 
ATOM   216 N NE1 . TRP A 1 34  ? 6.731   -2.284  0.073   1.00 40.41  ? 34  TRP A NE1 1 
ATOM   217 C CE2 . TRP A 1 34  ? 6.894   -3.083  -1.029  1.00 39.58  ? 34  TRP A CE2 1 
ATOM   218 C CE3 . TRP A 1 34  ? 7.373   -5.405  -1.512  1.00 44.30  ? 34  TRP A CE3 1 
ATOM   219 C CZ2 . TRP A 1 34  ? 6.788   -2.776  -2.383  1.00 36.80  ? 34  TRP A CZ2 1 
ATOM   220 C CZ3 . TRP A 1 34  ? 7.265   -5.099  -2.852  1.00 46.17  ? 34  TRP A CZ3 1 
ATOM   221 C CH2 . TRP A 1 34  ? 6.969   -3.794  -3.275  1.00 45.61  ? 34  TRP A CH2 1 
ATOM   222 N N   . SER A 1 35  ? 10.148  -6.475  0.978   1.00 51.99  ? 35  SER A N   1 
ATOM   223 C CA  . SER A 1 35  ? 11.325  -6.658  0.150   1.00 57.43  ? 35  SER A CA  1 
ATOM   224 C C   . SER A 1 35  ? 10.950  -7.347  -1.149  1.00 56.46  ? 35  SER A C   1 
ATOM   225 O O   . SER A 1 35  ? 10.011  -8.142  -1.194  1.00 53.09  ? 35  SER A O   1 
ATOM   226 C CB  . SER A 1 35  ? 12.385  -7.489  0.867   1.00 59.02  ? 35  SER A CB  1 
ATOM   227 O OG  . SER A 1 35  ? 13.419  -7.823  -0.043  1.00 81.25  ? 35  SER A OG  1 
ATOM   228 N N   . VAL A 1 36  ? 11.694  -7.027  -2.210  1.00 47.43  ? 36  VAL A N   1 
ATOM   229 C CA  . VAL A 1 36  ? 11.574  -7.764  -3.460  1.00 53.77  ? 36  VAL A CA  1 
ATOM   230 C C   . VAL A 1 36  ? 12.079  -9.187  -3.250  1.00 63.64  ? 36  VAL A C   1 
ATOM   231 O O   . VAL A 1 36  ? 13.088  -9.413  -2.569  1.00 64.90  ? 36  VAL A O   1 
ATOM   232 C CB  . VAL A 1 36  ? 12.356  -7.055  -4.578  1.00 51.58  ? 36  VAL A CB  1 
ATOM   233 C CG1 . VAL A 1 36  ? 11.990  -7.633  -5.919  1.00 43.98  ? 36  VAL A CG1 1 
ATOM   234 C CG2 . VAL A 1 36  ? 12.099  -5.550  -4.543  1.00 56.76  ? 36  VAL A CG2 1 
ATOM   235 N N   . ARG A 1 37  ? 11.376  -10.159 -3.825  1.00 58.68  ? 37  ARG A N   1 
ATOM   236 C CA  . ARG A 1 37  ? 11.729  -11.562 -3.670  1.00 54.73  ? 37  ARG A CA  1 
ATOM   237 C C   . ARG A 1 37  ? 11.702  -12.232 -5.029  1.00 64.25  ? 37  ARG A C   1 
ATOM   238 O O   . ARG A 1 37  ? 11.093  -11.729 -5.976  1.00 67.88  ? 37  ARG A O   1 
ATOM   239 C CB  . ARG A 1 37  ? 10.768  -12.311 -2.725  1.00 56.50  ? 37  ARG A CB  1 
ATOM   240 C CG  . ARG A 1 37  ? 10.742  -11.824 -1.301  1.00 51.98  ? 37  ARG A CG  1 
ATOM   241 C CD  . ARG A 1 37  ? 9.912   -12.776 -0.416  1.00 61.68  ? 37  ARG A CD  1 
ATOM   242 N NE  . ARG A 1 37  ? 8.750   -13.326 -1.119  1.00 67.18  ? 37  ARG A NE  1 
ATOM   243 C CZ  . ARG A 1 37  ? 7.483   -13.053 -0.810  1.00 64.88  ? 37  ARG A CZ  1 
ATOM   244 N NH1 . ARG A 1 37  ? 7.201   -12.244 0.198   1.00 63.17  ? 37  ARG A NH1 1 
ATOM   245 N NH2 . ARG A 1 37  ? 6.494   -13.601 -1.504  1.00 65.42  ? 37  ARG A NH2 1 
ATOM   246 N N   . ALA A 1 38  ? 12.357  -13.391 -5.102  1.00 74.65  ? 38  ALA A N   1 
ATOM   247 C CA  . ALA A 1 38  ? 12.458  -14.115 -6.366  1.00 71.09  ? 38  ALA A CA  1 
ATOM   248 C C   . ALA A 1 38  ? 11.080  -14.452 -6.932  1.00 65.91  ? 38  ALA A C   1 
ATOM   249 O O   . ALA A 1 38  ? 10.852  -14.323 -8.141  1.00 71.43  ? 38  ALA A O   1 
ATOM   250 C CB  . ALA A 1 38  ? 13.292  -15.382 -6.171  1.00 70.20  ? 38  ALA A CB  1 
ATOM   251 N N   . ASP A 1 39  ? 10.148  -14.882 -6.081  1.00 64.37  ? 39  ASP A N   1 
ATOM   252 C CA  . ASP A 1 39  ? 8.817   -15.268 -6.546  1.00 70.47  ? 39  ASP A CA  1 
ATOM   253 C C   . ASP A 1 39  ? 7.921   -14.080 -6.881  1.00 66.22  ? 39  ASP A C   1 
ATOM   254 O O   . ASP A 1 39  ? 6.834   -14.284 -7.433  1.00 59.60  ? 39  ASP A O   1 
ATOM   255 C CB  . ASP A 1 39  ? 8.123   -16.150 -5.499  1.00 69.12  ? 39  ASP A CB  1 
ATOM   256 C CG  . ASP A 1 39  ? 8.089   -15.513 -4.126  1.00 71.68  ? 39  ASP A CG  1 
ATOM   257 O OD1 . ASP A 1 39  ? 8.989   -14.699 -3.827  1.00 73.34  ? 39  ASP A OD1 1 
ATOM   258 O OD2 . ASP A 1 39  ? 7.167   -15.830 -3.345  1.00 66.21  ? 39  ASP A OD2 1 
ATOM   259 N N   . LEU A 1 40  ? 8.341   -12.857 -6.569  1.00 60.20  ? 40  LEU A N   1 
ATOM   260 C CA  . LEU A 1 40  ? 7.563   -11.664 -6.873  1.00 53.67  ? 40  LEU A CA  1 
ATOM   261 C C   . LEU A 1 40  ? 8.013   -10.982 -8.155  1.00 60.37  ? 40  LEU A C   1 
ATOM   262 O O   . LEU A 1 40  ? 7.497   -9.910  -8.486  1.00 52.87  ? 40  LEU A O   1 
ATOM   263 C CB  . LEU A 1 40  ? 7.632   -10.679 -5.704  1.00 45.35  ? 40  LEU A CB  1 
ATOM   264 C CG  . LEU A 1 40  ? 7.176   -11.217 -4.354  1.00 51.94  ? 40  LEU A CG  1 
ATOM   265 C CD1 . LEU A 1 40  ? 7.257   -10.145 -3.272  1.00 55.14  ? 40  LEU A CD1 1 
ATOM   266 C CD2 . LEU A 1 40  ? 5.756   -11.770 -4.468  1.00 55.02  ? 40  LEU A CD2 1 
ATOM   267 N N   . LEU A 1 41  ? 8.949   -11.578 -8.890  1.00 58.32  ? 41  LEU A N   1 
ATOM   268 C CA  . LEU A 1 41  ? 9.552   -10.937 -10.045 1.00 55.51  ? 41  LEU A CA  1 
ATOM   269 C C   . LEU A 1 41  ? 8.806   -11.280 -11.322 1.00 55.35  ? 41  LEU A C   1 
ATOM   270 O O   . LEU A 1 41  ? 8.108   -12.294 -11.414 1.00 59.30  ? 41  LEU A O   1 
ATOM   271 C CB  . LEU A 1 41  ? 11.012  -11.361 -10.198 1.00 65.01  ? 41  LEU A CB  1 
ATOM   272 C CG  . LEU A 1 41  ? 11.934  -11.067 -9.022  1.00 68.36  ? 41  LEU A CG  1 
ATOM   273 C CD1 . LEU A 1 41  ? 13.227  -11.837 -9.174  1.00 72.73  ? 41  LEU A CD1 1 
ATOM   274 C CD2 . LEU A 1 41  ? 12.199  -9.580  -8.949  1.00 68.84  ? 41  LEU A CD2 1 
ATOM   275 N N   . GLN A 1 42  ? 8.980   -10.428 -12.314 1.00 51.15  ? 42  GLN A N   1 
ATOM   276 C CA  . GLN A 1 42  ? 8.523   -10.659 -13.672 1.00 60.41  ? 42  GLN A CA  1 
ATOM   277 C C   . GLN A 1 42  ? 9.698   -11.116 -14.533 1.00 68.36  ? 42  GLN A C   1 
ATOM   278 O O   . GLN A 1 42  ? 10.853  -11.023 -14.115 1.00 63.55  ? 42  GLN A O   1 
ATOM   279 C CB  . GLN A 1 42  ? 7.870   -9.385  -14.219 1.00 61.27  ? 42  GLN A CB  1 
ATOM   280 C CG  . GLN A 1 42  ? 8.753   -8.157  -14.245 1.00 68.33  ? 42  GLN A CG  1 
ATOM   281 C CD  . GLN A 1 42  ? 8.057   -6.964  -14.888 1.00 77.97  ? 42  GLN A CD  1 
ATOM   282 O OE1 . GLN A 1 42  ? 6.864   -6.710  -14.652 1.00 87.69  ? 42  GLN A OE1 1 
ATOM   283 N NE2 . GLN A 1 42  ? 8.794   -6.235  -15.717 1.00 79.15  ? 42  GLN A NE2 1 
ATOM   284 N N   . PRO A 1 43  ? 9.439   -11.641 -15.739 1.00 73.35  ? 43  PRO A N   1 
ATOM   285 C CA  . PRO A 1 43  ? 10.472  -12.426 -16.452 1.00 76.60  ? 43  PRO A CA  1 
ATOM   286 C C   . PRO A 1 43  ? 11.883  -11.838 -16.545 1.00 85.56  ? 43  PRO A C   1 
ATOM   287 O O   . PRO A 1 43  ? 12.829  -12.619 -16.711 1.00 99.47  ? 43  PRO A O   1 
ATOM   288 C CB  . PRO A 1 43  ? 9.849   -12.588 -17.842 1.00 79.65  ? 43  PRO A CB  1 
ATOM   289 C CG  . PRO A 1 43  ? 8.398   -12.733 -17.545 1.00 80.34  ? 43  PRO A CG  1 
ATOM   290 C CD  . PRO A 1 43  ? 8.120   -11.805 -16.383 1.00 78.99  ? 43  PRO A CD  1 
ATOM   291 N N   . HIS A 1 44  ? 12.081  -10.522 -16.451 1.00 74.67  ? 44  HIS A N   1 
ATOM   292 C CA  . HIS A 1 44  ? 13.413  -9.948  -16.635 1.00 79.91  ? 44  HIS A CA  1 
ATOM   293 C C   . HIS A 1 44  ? 14.070  -9.524  -15.319 1.00 75.97  ? 44  HIS A C   1 
ATOM   294 O O   . HIS A 1 44  ? 14.866  -8.582  -15.294 1.00 68.85  ? 44  HIS A O   1 
ATOM   295 C CB  . HIS A 1 44  ? 13.359  -8.769  -17.604 1.00 71.01  ? 44  HIS A CB  1 
ATOM   296 N N   . GLY A 1 45  ? 13.748  -10.209 -14.222 1.00 68.62  ? 45  GLY A N   1 
ATOM   297 C CA  . GLY A 1 45  ? 14.431  -10.013 -12.955 1.00 69.57  ? 45  GLY A CA  1 
ATOM   298 C C   . GLY A 1 45  ? 14.054  -8.790  -12.139 1.00 75.04  ? 45  GLY A C   1 
ATOM   299 O O   . GLY A 1 45  ? 14.746  -8.491  -11.158 1.00 70.77  ? 45  GLY A O   1 
ATOM   300 N N   . ILE A 1 46  ? 12.989  -8.071  -12.492 1.00 57.26  ? 46  ILE A N   1 
ATOM   301 C CA  . ILE A 1 46  ? 12.532  -6.950  -11.681 1.00 62.41  ? 46  ILE A CA  1 
ATOM   302 C C   . ILE A 1 46  ? 11.150  -7.260  -11.107 1.00 52.43  ? 46  ILE A C   1 
ATOM   303 O O   . ILE A 1 46  ? 10.441  -8.172  -11.543 1.00 53.96  ? 46  ILE A O   1 
ATOM   304 C CB  . ILE A 1 46  ? 12.512  -5.627  -12.466 1.00 53.34  ? 46  ILE A CB  1 
ATOM   305 C CG1 . ILE A 1 46  ? 11.493  -5.700  -13.590 1.00 60.28  ? 46  ILE A CG1 1 
ATOM   306 C CG2 . ILE A 1 46  ? 13.889  -5.323  -13.021 1.00 62.06  ? 46  ILE A CG2 1 
ATOM   307 C CD1 . ILE A 1 46  ? 11.506  -4.489  -14.471 1.00 69.47  ? 46  ILE A CD1 1 
ATOM   308 N N   . LEU A 1 47  ? 10.779  -6.489  -10.094 1.00 49.17  ? 47  LEU A N   1 
ATOM   309 C CA  . LEU A 1 47  ? 9.496   -6.685  -9.435  1.00 50.16  ? 47  LEU A CA  1 
ATOM   310 C C   . LEU A 1 47  ? 8.348   -6.574  -10.431 1.00 46.32  ? 47  LEU A C   1 
ATOM   311 O O   . LEU A 1 47  ? 8.265   -5.612  -11.197 1.00 46.10  ? 47  LEU A O   1 
ATOM   312 C CB  . LEU A 1 47  ? 9.326   -5.656  -8.325  1.00 51.15  ? 47  LEU A CB  1 
ATOM   313 C CG  . LEU A 1 47  ? 8.123   -5.871  -7.405  1.00 44.63  ? 47  LEU A CG  1 
ATOM   314 C CD1 . LEU A 1 47  ? 8.204   -7.226  -6.707  1.00 41.93  ? 47  LEU A CD1 1 
ATOM   315 C CD2 . LEU A 1 47  ? 8.027   -4.738  -6.408  1.00 47.56  ? 47  LEU A CD2 1 
ATOM   316 N N   . HIS A 1 48  ? 7.482   -7.589  -10.433 1.00 49.79  ? 48  HIS A N   1 
ATOM   317 C CA  . HIS A 1 48  ? 6.204   -7.513  -11.134 1.00 43.42  ? 48  HIS A CA  1 
ATOM   318 C C   . HIS A 1 48  ? 5.464   -6.254  -10.704 1.00 48.31  ? 48  HIS A C   1 
ATOM   319 O O   . HIS A 1 48  ? 5.425   -5.919  -9.518  1.00 41.87  ? 48  HIS A O   1 
ATOM   320 C CB  . HIS A 1 48  ? 5.379   -8.763  -10.814 1.00 48.80  ? 48  HIS A CB  1 
ATOM   321 C CG  . HIS A 1 48  ? 4.210   -8.982  -11.715 1.00 48.92  ? 48  HIS A CG  1 
ATOM   322 N ND1 . HIS A 1 48  ? 3.071   -8.203  -11.667 1.00 47.67  ? 48  HIS A ND1 1 
ATOM   323 C CD2 . HIS A 1 48  ? 3.984   -9.922  -12.664 1.00 50.07  ? 48  HIS A CD2 1 
ATOM   324 C CE1 . HIS A 1 48  ? 2.200   -8.648  -12.554 1.00 45.36  ? 48  HIS A CE1 1 
ATOM   325 N NE2 . HIS A 1 48  ? 2.732   -9.688  -13.178 1.00 50.45  ? 48  HIS A NE2 1 
ATOM   326 N N   . GLY A 1 49  ? 4.912   -5.533  -11.680 1.00 41.58  ? 49  GLY A N   1 
ATOM   327 C CA  . GLY A 1 49  ? 4.246   -4.281  -11.377 1.00 37.45  ? 49  GLY A CA  1 
ATOM   328 C C   . GLY A 1 49  ? 3.011   -4.461  -10.514 1.00 45.24  ? 49  GLY A C   1 
ATOM   329 O O   . GLY A 1 49  ? 2.703   -3.604  -9.691  1.00 35.07  ? 49  GLY A O   1 
ATOM   330 N N   . GLY A 1 50  ? 2.279   -5.565  -10.700 1.00 35.45  ? 50  GLY A N   1 
ATOM   331 C CA  . GLY A 1 50  ? 1.124   -5.832  -9.860  1.00 44.01  ? 50  GLY A CA  1 
ATOM   332 C C   . GLY A 1 50  ? 1.461   -5.883  -8.385  1.00 41.82  ? 50  GLY A C   1 
ATOM   333 O O   . GLY A 1 50  ? 0.633   -5.529  -7.551  1.00 45.93  ? 50  GLY A O   1 
ATOM   334 N N   . VAL A 1 51  ? 2.689   -6.298  -8.039  1.00 39.53  ? 51  VAL A N   1 
ATOM   335 C CA  . VAL A 1 51  ? 3.066   -6.309  -6.630  1.00 42.02  ? 51  VAL A CA  1 
ATOM   336 C C   . VAL A 1 51  ? 3.045   -4.893  -6.061  1.00 42.43  ? 51  VAL A C   1 
ATOM   337 O O   . VAL A 1 51  ? 2.554   -4.666  -4.952  1.00 40.82  ? 51  VAL A O   1 
ATOM   338 C CB  . VAL A 1 51  ? 4.439   -6.979  -6.436  1.00 39.30  ? 51  VAL A CB  1 
ATOM   339 C CG1 . VAL A 1 51  ? 4.788   -6.984  -4.945  1.00 43.68  ? 51  VAL A CG1 1 
ATOM   340 C CG2 . VAL A 1 51  ? 4.413   -8.398  -6.988  1.00 47.32  ? 51  VAL A CG2 1 
ATOM   341 N N   . HIS A 1 52  ? 3.568   -3.918  -6.814  1.00 34.48  ? 52  HIS A N   1 
ATOM   342 C CA  . HIS A 1 52  ? 3.490   -2.524  -6.383  1.00 38.05  ? 52  HIS A CA  1 
ATOM   343 C C   . HIS A 1 52  ? 2.046   -2.098  -6.143  1.00 33.63  ? 52  HIS A C   1 
ATOM   344 O O   . HIS A 1 52  ? 1.740   -1.458  -5.132  1.00 42.33  ? 52  HIS A O   1 
ATOM   345 C CB  . HIS A 1 52  ? 4.144   -1.599  -7.419  1.00 32.85  ? 52  HIS A CB  1 
ATOM   346 C CG  . HIS A 1 52  ? 5.625   -1.494  -7.271  1.00 47.12  ? 52  HIS A CG  1 
ATOM   347 N ND1 . HIS A 1 52  ? 6.232   -1.269  -6.055  1.00 46.77  ? 52  HIS A ND1 1 
ATOM   348 C CD2 . HIS A 1 52  ? 6.624   -1.584  -8.185  1.00 44.80  ? 52  HIS A CD2 1 
ATOM   349 C CE1 . HIS A 1 52  ? 7.543   -1.228  -6.226  1.00 51.85  ? 52  HIS A CE1 1 
ATOM   350 N NE2 . HIS A 1 52  ? 7.805   -1.411  -7.508  1.00 49.87  ? 52  HIS A NE2 1 
ATOM   351 N N   . CYS A 1 53  ? 1.149   -2.424  -7.076  1.00 41.74  ? 53  CYS A N   1 
ATOM   352 C CA  . CYS A 1 53  ? -0.262  -2.062  -6.911  1.00 36.65  ? 53  CYS A CA  1 
ATOM   353 C C   . CYS A 1 53  ? -0.866  -2.730  -5.692  1.00 40.40  ? 53  CYS A C   1 
ATOM   354 O O   . CYS A 1 53  ? -1.631  -2.104  -4.945  1.00 37.83  ? 53  CYS A O   1 
ATOM   355 C CB  . CYS A 1 53  ? -1.060  -2.472  -8.141  1.00 35.59  ? 53  CYS A CB  1 
ATOM   356 S SG  . CYS A 1 53  ? -0.416  -1.813  -9.729  1.00 37.86  ? 53  CYS A SG  1 
ATOM   357 N N   . ALA A 1 54  ? -0.568  -4.019  -5.500  1.00 43.38  ? 54  ALA A N   1 
ATOM   358 C CA  . ALA A 1 54  ? -1.124  -4.762  -4.373  1.00 42.98  ? 54  ALA A CA  1 
ATOM   359 C C   . ALA A 1 54  ? -0.657  -4.190  -3.038  1.00 46.07  ? 54  ALA A C   1 
ATOM   360 O O   . ALA A 1 54  ? -1.430  -4.138  -2.073  1.00 41.87  ? 54  ALA A O   1 
ATOM   361 C CB  . ALA A 1 54  ? -0.736  -6.239  -4.494  1.00 36.44  ? 54  ALA A CB  1 
ATOM   362 N N   . VAL A 1 55  ? 0.615   -3.792  -2.951  1.00 39.07  ? 55  VAL A N   1 
ATOM   363 C CA  . VAL A 1 55  ? 1.128   -3.188  -1.722  1.00 35.86  ? 55  VAL A CA  1 
ATOM   364 C C   . VAL A 1 55  ? 0.478   -1.835  -1.475  1.00 38.40  ? 55  VAL A C   1 
ATOM   365 O O   . VAL A 1 55  ? 0.168   -1.469  -0.332  1.00 36.66  ? 55  VAL A O   1 
ATOM   366 C CB  . VAL A 1 55  ? 2.657   -3.044  -1.805  1.00 45.38  ? 55  VAL A CB  1 
ATOM   367 C CG1 . VAL A 1 55  ? 3.161   -2.080  -0.718  1.00 38.46  ? 55  VAL A CG1 1 
ATOM   368 C CG2 . VAL A 1 55  ? 3.312   -4.402  -1.696  1.00 40.07  ? 55  VAL A CG2 1 
ATOM   369 N N   . VAL A 1 56  ? 0.320   -1.041  -2.530  1.00 40.27  ? 56  VAL A N   1 
ATOM   370 C CA  . VAL A 1 56  ? -0.380  0.232   -2.398  1.00 36.56  ? 56  VAL A CA  1 
ATOM   371 C C   . VAL A 1 56  ? -1.809  -0.002  -1.901  1.00 35.98  ? 56  VAL A C   1 
ATOM   372 O O   . VAL A 1 56  ? -2.284  0.654   -0.963  1.00 37.74  ? 56  VAL A O   1 
ATOM   373 C CB  . VAL A 1 56  ? -0.340  0.977   -3.747  1.00 40.26  ? 56  VAL A CB  1 
ATOM   374 C CG1 . VAL A 1 56  ? -1.350  2.094   -3.778  1.00 40.32  ? 56  VAL A CG1 1 
ATOM   375 C CG2 . VAL A 1 56  ? 1.069   1.536   -4.011  1.00 33.21  ? 56  VAL A CG2 1 
ATOM   376 N N   . GLU A 1 57  ? -2.509  -0.956  -2.515  1.00 40.27  ? 57  GLU A N   1 
ATOM   377 C CA  . GLU A 1 57  ? -3.854  -1.292  -2.061  1.00 41.30  ? 57  GLU A CA  1 
ATOM   378 C C   . GLU A 1 57  ? -3.846  -1.693  -0.587  1.00 38.58  ? 57  GLU A C   1 
ATOM   379 O O   . GLU A 1 57  ? -4.619  -1.154  0.218   1.00 40.40  ? 57  GLU A O   1 
ATOM   380 C CB  . GLU A 1 57  ? -4.442  -2.402  -2.943  1.00 35.40  ? 57  GLU A CB  1 
ATOM   381 C CG  . GLU A 1 57  ? -5.965  -2.594  -2.720  1.00 38.43  ? 57  GLU A CG  1 
ATOM   382 C CD  . GLU A 1 57  ? -6.785  -1.453  -3.324  1.00 45.28  ? 57  GLU A CD  1 
ATOM   383 O OE1 . GLU A 1 57  ? -6.318  -0.841  -4.310  1.00 48.51  ? 57  GLU A OE1 1 
ATOM   384 O OE2 . GLU A 1 57  ? -7.890  -1.167  -2.823  1.00 52.11  ? 57  GLU A OE2 1 
ATOM   385 N N   . SER A 1 58  ? -2.937  -2.601  -0.203  1.00 47.66  ? 58  SER A N   1 
ATOM   386 C CA  . SER A 1 58  ? -2.884  -3.093  1.179   1.00 40.41  ? 58  SER A CA  1 
ATOM   387 C C   . SER A 1 58  ? -2.622  -1.966  2.173   1.00 44.27  ? 58  SER A C   1 
ATOM   388 O O   . SER A 1 58  ? -3.281  -1.879  3.217   1.00 48.46  ? 58  SER A O   1 
ATOM   389 C CB  . SER A 1 58  ? -1.787  -4.153  1.330   1.00 40.14  ? 58  SER A CB  1 
ATOM   390 O OG  . SER A 1 58  ? -1.932  -5.247  0.448   1.00 39.04  ? 58  SER A OG  1 
ATOM   391 N N   . VAL A 1 59  ? -1.619  -1.124  1.906   1.00 40.61  ? 59  VAL A N   1 
ATOM   392 C CA  . VAL A 1 59  ? -1.235  -0.139  2.913   1.00 38.03  ? 59  VAL A CA  1 
ATOM   393 C C   . VAL A 1 59  ? -2.312  0.940   3.043   1.00 45.50  ? 59  VAL A C   1 
ATOM   394 O O   . VAL A 1 59  ? -2.647  1.380   4.154   1.00 41.32  ? 59  VAL A O   1 
ATOM   395 C CB  . VAL A 1 59  ? 0.152   0.458   2.608   1.00 46.55  ? 59  VAL A CB  1 
ATOM   396 C CG1 . VAL A 1 59  ? 0.528   1.443   3.690   1.00 44.12  ? 59  VAL A CG1 1 
ATOM   397 C CG2 . VAL A 1 59  ? 1.223   -0.644  2.520   1.00 38.61  ? 59  VAL A CG2 1 
ATOM   398 N N   . ALA A 1 60  ? -2.886  1.371   1.923   1.00 38.69  ? 60  ALA A N   1 
ATOM   399 C CA  . ALA A 1 60  ? -3.965  2.349   1.997   1.00 38.07  ? 60  ALA A CA  1 
ATOM   400 C C   . ALA A 1 60  ? -5.211  1.758   2.669   1.00 45.05  ? 60  ALA A C   1 
ATOM   401 O O   . ALA A 1 60  ? -5.850  2.425   3.497   1.00 43.85  ? 60  ALA A O   1 
ATOM   402 C CB  . ALA A 1 60  ? -4.284  2.876   0.596   1.00 36.59  ? 60  ALA A CB  1 
ATOM   403 N N   . SER A 1 61  ? -5.566  0.507   2.346   1.00 42.67  ? 61  SER A N   1 
ATOM   404 C CA  . SER A 1 61  ? -6.764  -0.089  2.949   1.00 41.64  ? 61  SER A CA  1 
ATOM   405 C C   . SER A 1 61  ? -6.613  -0.214  4.453   1.00 47.81  ? 61  SER A C   1 
ATOM   406 O O   . SER A 1 61  ? -7.580  -0.009  5.200   1.00 44.49  ? 61  SER A O   1 
ATOM   407 C CB  . SER A 1 61  ? -7.052  -1.475  2.362   1.00 43.14  ? 61  SER A CB  1 
ATOM   408 O OG  . SER A 1 61  ? -7.681  -1.399  1.096   1.00 55.69  ? 61  SER A OG  1 
ATOM   409 N N   . ALA A 1 62  ? -5.414  -0.588  4.913   1.00 43.27  ? 62  ALA A N   1 
ATOM   410 C CA  . ALA A 1 62  ? -5.165  -0.660  6.349   1.00 49.27  ? 62  ALA A CA  1 
ATOM   411 C C   . ALA A 1 62  ? -5.433  0.678   7.007   1.00 51.14  ? 62  ALA A C   1 
ATOM   412 O O   . ALA A 1 62  ? -6.081  0.747   8.055   1.00 42.19  ? 62  ALA A O   1 
ATOM   413 C CB  . ALA A 1 62  ? -3.725  -1.100  6.624   1.00 50.72  ? 62  ALA A CB  1 
ATOM   414 N N   . ALA A 1 63  ? -4.938  1.763   6.401   1.00 43.57  ? 63  ALA A N   1 
ATOM   415 C CA  . ALA A 1 63  ? -5.135  3.077   6.995   1.00 36.33  ? 63  ALA A CA  1 
ATOM   416 C C   . ALA A 1 63  ? -6.601  3.488   6.942   1.00 48.59  ? 63  ALA A C   1 
ATOM   417 O O   . ALA A 1 63  ? -7.136  4.015   7.926   1.00 50.04  ? 63  ALA A O   1 
ATOM   418 C CB  . ALA A 1 63  ? -4.265  4.116   6.301   1.00 45.33  ? 63  ALA A CB  1 
ATOM   419 N N   . ALA A 1 64  ? -7.259  3.257   5.800   1.00 39.82  ? 64  ALA A N   1 
ATOM   420 C CA  . ALA A 1 64  ? -8.662  3.640   5.646   1.00 42.00  ? 64  ALA A CA  1 
ATOM   421 C C   . ALA A 1 64  ? -9.545  2.915   6.654   1.00 49.41  ? 64  ALA A C   1 
ATOM   422 O O   . ALA A 1 64  ? -10.449 3.514   7.244   1.00 45.90  ? 64  ALA A O   1 
ATOM   423 C CB  . ALA A 1 64  ? -9.145  3.330   4.231   1.00 38.20  ? 64  ALA A CB  1 
ATOM   424 N N   . ASP A 1 65  ? -9.310  1.614   6.823   1.00 51.70  ? 65  ASP A N   1 
ATOM   425 C CA  . ASP A 1 65  ? -10.043 0.809   7.791   1.00 50.47  ? 65  ASP A CA  1 
ATOM   426 C C   . ASP A 1 65  ? -9.863  1.363   9.197   1.00 53.85  ? 65  ASP A C   1 
ATOM   427 O O   . ASP A 1 65  ? -10.837 1.567   9.931   1.00 61.00  ? 65  ASP A O   1 
ATOM   428 C CB  . ASP A 1 65  ? -9.549  -0.631  7.708   1.00 47.82  ? 65  ASP A CB  1 
ATOM   429 C CG  . ASP A 1 65  ? -10.628 -1.630  7.999   1.00 79.40  ? 65  ASP A CG  1 
ATOM   430 O OD1 . ASP A 1 65  ? -11.761 -1.450  7.495   1.00 88.17  ? 65  ASP A OD1 1 
ATOM   431 O OD2 . ASP A 1 65  ? -10.341 -2.597  8.732   1.00 91.90  ? 65  ASP A OD2 1 
ATOM   432 N N   . ARG A 1 66  ? -8.612  1.636   9.575   1.00 49.34  ? 66  ARG A N   1 
ATOM   433 C CA  . ARG A 1 66  ? -8.312  2.174   10.897  1.00 51.68  ? 66  ARG A CA  1 
ATOM   434 C C   . ARG A 1 66  ? -8.922  3.557   11.103  1.00 54.50  ? 66  ARG A C   1 
ATOM   435 O O   . ARG A 1 66  ? -9.281  3.913   12.233  1.00 53.68  ? 66  ARG A O   1 
ATOM   436 C CB  . ARG A 1 66  ? -6.792  2.202   11.103  1.00 49.01  ? 66  ARG A CB  1 
ATOM   437 C CG  . ARG A 1 66  ? -6.320  2.737   12.457  1.00 59.75  ? 66  ARG A CG  1 
ATOM   438 C CD  . ARG A 1 66  ? -6.818  1.892   13.638  1.00 55.33  ? 66  ARG A CD  1 
ATOM   439 N NE  . ARG A 1 66  ? -6.385  2.456   14.918  1.00 69.20  ? 66  ARG A NE  1 
ATOM   440 C CZ  . ARG A 1 66  ? -7.061  3.378   15.604  1.00 67.40  ? 66  ARG A CZ  1 
ATOM   441 N NH1 . ARG A 1 66  ? -8.216  3.844   15.144  1.00 60.06  ? 66  ARG A NH1 1 
ATOM   442 N NH2 . ARG A 1 66  ? -6.583  3.836   16.754  1.00 70.90  ? 66  ARG A NH2 1 
ATOM   443 N N   . TRP A 1 67  ? -9.076  4.345   10.035  1.00 51.94  ? 67  TRP A N   1 
ATOM   444 C CA  . TRP A 1 67  ? -9.727  5.645   10.191  1.00 52.44  ? 67  TRP A CA  1 
ATOM   445 C C   . TRP A 1 67  ? -11.244 5.519   10.322  1.00 46.65  ? 67  TRP A C   1 
ATOM   446 O O   . TRP A 1 67  ? -11.878 6.301   11.043  1.00 53.74  ? 67  TRP A O   1 
ATOM   447 C CB  . TRP A 1 67  ? -9.385  6.561   9.013   1.00 43.25  ? 67  TRP A CB  1 
ATOM   448 C CG  . TRP A 1 67  ? -10.058 7.914   9.114   1.00 43.28  ? 67  TRP A CG  1 
ATOM   449 C CD1 . TRP A 1 67  ? -9.595  9.015   9.787   1.00 47.61  ? 67  TRP A CD1 1 
ATOM   450 C CD2 . TRP A 1 67  ? -11.323 8.293   8.545   1.00 37.74  ? 67  TRP A CD2 1 
ATOM   451 N NE1 . TRP A 1 67  ? -10.497 10.053  9.665   1.00 45.72  ? 67  TRP A NE1 1 
ATOM   452 C CE2 . TRP A 1 67  ? -11.561 9.635   8.909   1.00 33.94  ? 67  TRP A CE2 1 
ATOM   453 C CE3 . TRP A 1 67  ? -12.269 7.632   7.762   1.00 40.63  ? 67  TRP A CE3 1 
ATOM   454 C CZ2 . TRP A 1 67  ? -12.698 10.326  8.505   1.00 36.84  ? 67  TRP A CZ2 1 
ATOM   455 C CZ3 . TRP A 1 67  ? -13.390 8.316   7.367   1.00 43.92  ? 67  TRP A CZ3 1 
ATOM   456 C CH2 . TRP A 1 67  ? -13.606 9.648   7.750   1.00 43.40  ? 67  TRP A CH2 1 
ATOM   457 N N   . LEU A 1 68  ? -11.855 4.583   9.594   1.00 48.37  ? 68  LEU A N   1 
ATOM   458 C CA  . LEU A 1 68  ? -13.297 4.420   9.699   1.00 46.37  ? 68  LEU A CA  1 
ATOM   459 C C   . LEU A 1 68  ? -13.673 3.757   11.020  1.00 61.02  ? 68  LEU A C   1 
ATOM   460 O O   . LEU A 1 68  ? -14.724 4.070   11.591  1.00 50.61  ? 68  LEU A O   1 
ATOM   461 C CB  . LEU A 1 68  ? -13.830 3.621   8.506   1.00 41.68  ? 68  LEU A CB  1 
ATOM   462 C CG  . LEU A 1 68  ? -15.341 3.679   8.244   1.00 60.41  ? 68  LEU A CG  1 
ATOM   463 C CD1 . LEU A 1 68  ? -15.807 5.119   7.996   1.00 56.93  ? 68  LEU A CD1 1 
ATOM   464 C CD2 . LEU A 1 68  ? -15.737 2.777   7.077   1.00 44.75  ? 68  LEU A CD2 1 
ATOM   465 N N   . GLY A 1 69  ? -12.817 2.875   11.536  1.00 59.41  ? 69  GLY A N   1 
ATOM   466 C CA  . GLY A 1 69  ? -13.063 2.264   12.830  1.00 59.75  ? 69  GLY A CA  1 
ATOM   467 C C   . GLY A 1 69  ? -14.361 1.480   12.849  1.00 61.18  ? 69  GLY A C   1 
ATOM   468 O O   . GLY A 1 69  ? -14.809 0.930   11.837  1.00 52.38  ? 69  GLY A O   1 
ATOM   469 N N   . ASP A 1 70  ? -14.996 1.451   14.025  1.00 60.79  ? 70  ASP A N   1 
ATOM   470 C CA  . ASP A 1 70  ? -16.223 0.683   14.193  1.00 58.06  ? 70  ASP A CA  1 
ATOM   471 C C   . ASP A 1 70  ? -17.402 1.273   13.428  1.00 60.44  ? 70  ASP A C   1 
ATOM   472 O O   . ASP A 1 70  ? -18.465 0.645   13.402  1.00 64.74  ? 70  ASP A O   1 
ATOM   473 C CB  . ASP A 1 70  ? -16.571 0.572   15.685  1.00 62.82  ? 70  ASP A CB  1 
ATOM   474 N N   . ARG A 1 71  ? -17.236 2.444   12.799  1.00 50.23  ? 71  ARG A N   1 
ATOM   475 C CA  . ARG A 1 71  ? -18.314 3.157   12.111  1.00 58.88  ? 71  ARG A CA  1 
ATOM   476 C C   . ARG A 1 71  ? -18.789 2.477   10.833  1.00 55.94  ? 71  ARG A C   1 
ATOM   477 O O   . ARG A 1 71  ? -19.825 2.879   10.290  1.00 64.06  ? 71  ARG A O   1 
ATOM   478 C CB  . ARG A 1 71  ? -17.873 4.582   11.761  1.00 60.60  ? 71  ARG A CB  1 
ATOM   479 C CG  . ARG A 1 71  ? -18.305 5.666   12.734  1.00 61.10  ? 71  ARG A CG  1 
ATOM   480 C CD  . ARG A 1 71  ? -17.415 6.901   12.605  1.00 73.45  ? 71  ARG A CD  1 
ATOM   481 N NE  . ARG A 1 71  ? -16.020 6.591   12.923  1.00 93.33  ? 71  ARG A NE  1 
ATOM   482 C CZ  . ARG A 1 71  ? -15.425 6.887   14.079  1.00 98.82  ? 71  ARG A CZ  1 
ATOM   483 N NH1 . ARG A 1 71  ? -14.152 6.549   14.276  1.00 75.44  ? 71  ARG A NH1 1 
ATOM   484 N NH2 . ARG A 1 71  ? -16.097 7.527   15.033  1.00 97.83  ? 71  ARG A NH2 1 
ATOM   485 N N   . GLY A 1 72  ? -18.073 1.487   10.326  1.00 60.64  ? 72  GLY A N   1 
ATOM   486 C CA  . GLY A 1 72  ? -18.437 0.892   9.058   1.00 59.84  ? 72  GLY A CA  1 
ATOM   487 C C   . GLY A 1 72  ? -17.268 0.120   8.484   1.00 51.25  ? 72  GLY A C   1 
ATOM   488 O O   . GLY A 1 72  ? -16.261 -0.109  9.155   1.00 57.79  ? 72  GLY A O   1 
ATOM   489 N N   . THR A 1 73  ? -17.422 -0.273  7.223   1.00 54.03  ? 73  THR A N   1 
ATOM   490 C CA  . THR A 1 73  ? -16.367 -1.010  6.542   1.00 62.89  ? 73  THR A CA  1 
ATOM   491 C C   . THR A 1 73  ? -16.043 -0.373  5.196   1.00 48.72  ? 73  THR A C   1 
ATOM   492 O O   . THR A 1 73  ? -16.916 0.196   4.531   1.00 51.61  ? 73  THR A O   1 
ATOM   493 C CB  . THR A 1 73  ? -16.754 -2.474  6.351   1.00 60.05  ? 73  THR A CB  1 
ATOM   494 O OG1 . THR A 1 73  ? -15.647 -3.170  5.770   1.00 74.58  ? 73  THR A OG1 1 
ATOM   495 C CG2 . THR A 1 73  ? -17.969 -2.601  5.443   1.00 47.08  ? 73  THR A CG2 1 
ATOM   496 N N   . VAL A 1 74  ? -14.770 -0.486  4.797   1.00 54.67  ? 74  VAL A N   1 
ATOM   497 C CA  . VAL A 1 74  ? -14.272 0.116   3.562   1.00 51.33  ? 74  VAL A CA  1 
ATOM   498 C C   . VAL A 1 74  ? -14.106 -0.943  2.479   1.00 50.22  ? 74  VAL A C   1 
ATOM   499 O O   . VAL A 1 74  ? -13.722 -2.090  2.735   1.00 49.90  ? 74  VAL A O   1 
ATOM   500 C CB  . VAL A 1 74  ? -12.946 0.873   3.789   1.00 48.90  ? 74  VAL A CB  1 
ATOM   501 C CG1 . VAL A 1 74  ? -13.015 1.680   5.071   1.00 52.05  ? 74  VAL A CG1 1 
ATOM   502 C CG2 . VAL A 1 74  ? -11.765 -0.075  3.802   1.00 56.14  ? 74  VAL A CG2 1 
ATOM   503 N N   . VAL A 1 75  ? -14.392 -0.538  1.243   1.00 47.92  ? 75  VAL A N   1 
ATOM   504 C CA  . VAL A 1 75  ? -14.332 -1.399  0.068   1.00 43.81  ? 75  VAL A CA  1 
ATOM   505 C C   . VAL A 1 75  ? -13.530 -0.671  -0.996  1.00 52.04  ? 75  VAL A C   1 
ATOM   506 O O   . VAL A 1 75  ? -13.814 0.493   -1.300  1.00 43.46  ? 75  VAL A O   1 
ATOM   507 C CB  . VAL A 1 75  ? -15.741 -1.750  -0.462  1.00 38.06  ? 75  VAL A CB  1 
ATOM   508 C CG1 . VAL A 1 75  ? -16.601 -0.523  -0.504  1.00 60.49  ? 75  VAL A CG1 1 
ATOM   509 C CG2 . VAL A 1 75  ? -15.672 -2.354  -1.861  1.00 50.67  ? 75  VAL A CG2 1 
ATOM   510 N N   . GLY A 1 76  ? -12.520 -1.347  -1.543  1.00 50.24  ? 76  GLY A N   1 
ATOM   511 C CA  . GLY A 1 76  ? -11.737 -0.748  -2.606  1.00 46.41  ? 76  GLY A CA  1 
ATOM   512 C C   . GLY A 1 76  ? -12.616 -0.355  -3.778  1.00 43.04  ? 76  GLY A C   1 
ATOM   513 O O   . GLY A 1 76  ? -13.554 -1.069  -4.148  1.00 48.34  ? 76  GLY A O   1 
ATOM   514 N N   . VAL A 1 77  ? -12.339 0.819   -4.324  1.00 40.29  ? 77  VAL A N   1 
ATOM   515 C CA  . VAL A 1 77  ? -13.006 1.327   -5.513  1.00 44.55  ? 77  VAL A CA  1 
ATOM   516 C C   . VAL A 1 77  ? -12.066 1.370   -6.716  1.00 44.03  ? 77  VAL A C   1 
ATOM   517 O O   . VAL A 1 77  ? -12.432 0.933   -7.808  1.00 41.68  ? 77  VAL A O   1 
ATOM   518 C CB  . VAL A 1 77  ? -13.608 2.720   -5.249  1.00 37.27  ? 77  VAL A CB  1 
ATOM   519 C CG1 . VAL A 1 77  ? -14.046 3.319   -6.566  1.00 35.91  ? 77  VAL A CG1 1 
ATOM   520 C CG2 . VAL A 1 77  ? -14.767 2.613   -4.273  1.00 43.56  ? 77  VAL A CG2 1 
ATOM   521 N N   . SER A 1 78  ? -10.881 1.967   -6.557  1.00 41.94  ? 78  SER A N   1 
ATOM   522 C CA  . SER A 1 78  ? -9.928  2.069   -7.661  1.00 37.86  ? 78  SER A CA  1 
ATOM   523 C C   . SER A 1 78  ? -8.528  2.309   -7.128  1.00 40.29  ? 78  SER A C   1 
ATOM   524 O O   . SER A 1 78  ? -8.336  2.786   -6.008  1.00 35.95  ? 78  SER A O   1 
ATOM   525 C CB  . SER A 1 78  ? -10.291 3.186   -8.642  1.00 44.94  ? 78  SER A CB  1 
ATOM   526 O OG  . SER A 1 78  ? -10.127 4.460   -8.056  1.00 52.33  ? 78  SER A OG  1 
ATOM   527 N N   . ASN A 1 79  ? -7.554  2.029   -7.989  1.00 37.67  ? 79  ASN A N   1 
ATOM   528 C CA  . ASN A 1 79  ? -6.147  2.005   -7.620  1.00 33.04  ? 79  ASN A CA  1 
ATOM   529 C C   . ASN A 1 79  ? -5.344  2.421   -8.845  1.00 40.92  ? 79  ASN A C   1 
ATOM   530 O O   . ASN A 1 79  ? -5.346  1.709   -9.855  1.00 38.69  ? 79  ASN A O   1 
ATOM   531 C CB  . ASN A 1 79  ? -5.753  0.607   -7.159  1.00 35.19  ? 79  ASN A CB  1 
ATOM   532 C CG  . ASN A 1 79  ? -4.294  0.492   -6.797  1.00 43.53  ? 79  ASN A CG  1 
ATOM   533 O OD1 . ASN A 1 79  ? -3.405  0.958   -7.529  1.00 40.69  ? 79  ASN A OD1 1 
ATOM   534 N ND2 . ASN A 1 79  ? -4.025  -0.145  -5.656  1.00 41.26  ? 79  ASN A ND2 1 
ATOM   535 N N   A SER A 1 80  ? -4.639  3.543   -8.735  0.63 41.10  ? 80  SER A N   1 
ATOM   536 N N   B SER A 1 80  ? -4.670  3.571   -8.763  0.37 41.09  ? 80  SER A N   1 
ATOM   537 C CA  A SER A 1 80  ? -3.809  4.067   -9.815  0.63 38.63  ? 80  SER A CA  1 
ATOM   538 C CA  B SER A 1 80  ? -3.812  4.078   -9.835  0.37 38.98  ? 80  SER A CA  1 
ATOM   539 C C   A SER A 1 80  ? -2.382  4.176   -9.299  0.63 40.24  ? 80  SER A C   1 
ATOM   540 C C   B SER A 1 80  ? -2.390  4.169   -9.295  0.37 40.16  ? 80  SER A C   1 
ATOM   541 O O   A SER A 1 80  ? -2.086  5.039   -8.465  0.63 37.42  ? 80  SER A O   1 
ATOM   542 O O   B SER A 1 80  ? -2.103  5.012   -8.440  0.37 37.16  ? 80  SER A O   1 
ATOM   543 C CB  A SER A 1 80  ? -4.325  5.424   -10.280 0.63 39.95  ? 80  SER A CB  1 
ATOM   544 C CB  B SER A 1 80  ? -4.286  5.446   -10.332 0.37 40.11  ? 80  SER A CB  1 
ATOM   545 O OG  A SER A 1 80  ? -3.801  5.747   -11.545 0.63 43.37  ? 80  SER A OG  1 
ATOM   546 O OG  B SER A 1 80  ? -5.653  5.432   -10.715 0.37 43.50  ? 80  SER A OG  1 
ATOM   547 N N   . THR A 1 81  ? -1.501  3.313   -9.797  1.00 37.43  ? 81  THR A N   1 
ATOM   548 C CA  . THR A 1 81  ? -0.126  3.238   -9.319  1.00 33.08  ? 81  THR A CA  1 
ATOM   549 C C   . THR A 1 81  ? 0.829   3.511   -10.473 1.00 35.28  ? 81  THR A C   1 
ATOM   550 O O   . THR A 1 81  ? 0.675   2.937   -11.560 1.00 33.90  ? 81  THR A O   1 
ATOM   551 C CB  . THR A 1 81  ? 0.156   1.873   -8.675  1.00 34.72  ? 81  THR A CB  1 
ATOM   552 O OG1 . THR A 1 81  ? -0.658  1.705   -7.496  1.00 37.99  ? 81  THR A OG1 1 
ATOM   553 C CG2 . THR A 1 81  ? 1.628   1.720   -8.273  1.00 36.51  ? 81  THR A CG2 1 
ATOM   554 N N   . ASP A 1 82  ? 1.776   4.425   -10.247 1.00 31.64  ? 82  ASP A N   1 
ATOM   555 C CA  . ASP A 1 82  ? 2.899   4.674   -11.153 1.00 36.92  ? 82  ASP A CA  1 
ATOM   556 C C   . ASP A 1 82  ? 4.127   3.919   -10.658 1.00 43.95  ? 82  ASP A C   1 
ATOM   557 O O   . ASP A 1 82  ? 4.392   3.880   -9.453  1.00 39.00  ? 82  ASP A O   1 
ATOM   558 C CB  . ASP A 1 82  ? 3.244   6.162   -11.231 1.00 33.03  ? 82  ASP A CB  1 
ATOM   559 C CG  . ASP A 1 82  ? 2.179   6.979   -11.928 1.00 51.41  ? 82  ASP A CG  1 
ATOM   560 O OD1 . ASP A 1 82  ? 1.649   6.507   -12.947 1.00 46.77  ? 82  ASP A OD1 1 
ATOM   561 O OD2 . ASP A 1 82  ? 1.881   8.102   -11.462 1.00 48.26  ? 82  ASP A OD2 1 
ATOM   562 N N   . PHE A 1 83  ? 4.879   3.327   -11.585 1.00 34.84  ? 83  PHE A N   1 
ATOM   563 C CA  . PHE A 1 83  ? 6.142   2.674   -11.267 1.00 41.69  ? 83  PHE A CA  1 
ATOM   564 C C   . PHE A 1 83  ? 7.251   3.560   -11.811 1.00 40.54  ? 83  PHE A C   1 
ATOM   565 O O   . PHE A 1 83  ? 7.321   3.776   -13.024 1.00 42.37  ? 83  PHE A O   1 
ATOM   566 C CB  . PHE A 1 83  ? 6.212   1.273   -11.873 1.00 39.16  ? 83  PHE A CB  1 
ATOM   567 C CG  . PHE A 1 83  ? 4.894   0.571   -11.928 1.00 40.50  ? 83  PHE A CG  1 
ATOM   568 C CD1 . PHE A 1 83  ? 4.245   0.187   -10.758 1.00 36.47  ? 83  PHE A CD1 1 
ATOM   569 C CD2 . PHE A 1 83  ? 4.305   0.264   -13.149 1.00 40.24  ? 83  PHE A CD2 1 
ATOM   570 C CE1 . PHE A 1 83  ? 3.015   -0.471  -10.797 1.00 36.73  ? 83  PHE A CE1 1 
ATOM   571 C CE2 . PHE A 1 83  ? 3.075   -0.400  -13.198 1.00 40.44  ? 83  PHE A CE2 1 
ATOM   572 C CZ  . PHE A 1 83  ? 2.427   -0.762  -12.011 1.00 38.55  ? 83  PHE A CZ  1 
ATOM   573 N N   . PHE A 1 84  ? 8.091   4.095   -10.916 1.00 40.14  ? 84  PHE A N   1 
ATOM   574 C CA  . PHE A 1 84  ? 9.097   5.089   -11.287 1.00 43.36  ? 84  PHE A CA  1 
ATOM   575 C C   . PHE A 1 84  ? 10.498  4.532   -11.463 1.00 55.35  ? 84  PHE A C   1 
ATOM   576 O O   . PHE A 1 84  ? 11.306  5.154   -12.158 1.00 57.64  ? 84  PHE A O   1 
ATOM   577 C CB  . PHE A 1 84  ? 9.174   6.209   -10.245 1.00 38.23  ? 84  PHE A CB  1 
ATOM   578 C CG  . PHE A 1 84  ? 7.969   7.077   -10.227 1.00 43.37  ? 84  PHE A CG  1 
ATOM   579 C CD1 . PHE A 1 84  ? 7.692   7.912   -11.290 1.00 42.75  ? 84  PHE A CD1 1 
ATOM   580 C CD2 . PHE A 1 84  ? 7.094   7.042   -9.154  1.00 44.89  ? 84  PHE A CD2 1 
ATOM   581 C CE1 . PHE A 1 84  ? 6.571   8.704   -11.282 1.00 42.66  ? 84  PHE A CE1 1 
ATOM   582 C CE2 . PHE A 1 84  ? 5.982   7.848   -9.136  1.00 38.38  ? 84  PHE A CE2 1 
ATOM   583 C CZ  . PHE A 1 84  ? 5.713   8.670   -10.210 1.00 47.01  ? 84  PHE A CZ  1 
ATOM   584 N N   . ALA A 1 85  ? 10.831  3.412   -10.832 1.00 48.20  ? 85  ALA A N   1 
ATOM   585 C CA  . ALA A 1 85  ? 12.159  2.840   -10.992 1.00 60.09  ? 85  ALA A CA  1 
ATOM   586 C C   . ALA A 1 85  ? 12.037  1.333   -10.867 1.00 54.11  ? 85  ALA A C   1 
ATOM   587 O O   . ALA A 1 85  ? 11.143  0.848   -10.166 1.00 54.02  ? 85  ALA A O   1 
ATOM   588 C CB  . ALA A 1 85  ? 13.151  3.385   -9.952  1.00 55.30  ? 85  ALA A CB  1 
ATOM   589 N N   . PRO A 1 86  ? 12.895  0.573   -11.543 1.00 50.17  ? 86  PRO A N   1 
ATOM   590 C CA  . PRO A 1 86  ? 12.856  -0.883  -11.377 1.00 46.54  ? 86  PRO A CA  1 
ATOM   591 C C   . PRO A 1 86  ? 13.357  -1.249  -9.991  1.00 59.79  ? 86  PRO A C   1 
ATOM   592 O O   . PRO A 1 86  ? 14.371  -0.724  -9.527  1.00 69.19  ? 86  PRO A O   1 
ATOM   593 C CB  . PRO A 1 86  ? 13.800  -1.403  -12.472 1.00 58.09  ? 86  PRO A CB  1 
ATOM   594 C CG  . PRO A 1 86  ? 14.196  -0.194  -13.284 1.00 57.75  ? 86  PRO A CG  1 
ATOM   595 C CD  . PRO A 1 86  ? 13.995  0.998   -12.424 1.00 55.57  ? 86  PRO A CD  1 
ATOM   596 N N   . ALA A 1 87  ? 12.627  -2.139  -9.326  1.00 49.53  ? 87  ALA A N   1 
ATOM   597 C CA  . ALA A 1 87  ? 13.033  -2.685  -8.041  1.00 48.67  ? 87  ALA A CA  1 
ATOM   598 C C   . ALA A 1 87  ? 13.461  -4.132  -8.236  1.00 50.16  ? 87  ALA A C   1 
ATOM   599 O O   . ALA A 1 87  ? 12.788  -4.895  -8.937  1.00 44.16  ? 87  ALA A O   1 
ATOM   600 C CB  . ALA A 1 87  ? 11.898  -2.594  -7.013  1.00 53.04  ? 87  ALA A CB  1 
ATOM   601 N N   . THR A 1 88  ? 14.598  -4.500  -7.646  1.00 50.27  ? 88  THR A N   1 
ATOM   602 C CA  . THR A 1 88  ? 15.112  -5.865  -7.711  1.00 48.13  ? 88  THR A CA  1 
ATOM   603 C C   . THR A 1 88  ? 15.401  -6.365  -6.309  1.00 54.35  ? 88  THR A C   1 
ATOM   604 O O   . THR A 1 88  ? 15.305  -5.623  -5.322  1.00 51.76  ? 88  THR A O   1 
ATOM   605 C CB  . THR A 1 88  ? 16.410  -5.960  -8.522  1.00 55.41  ? 88  THR A CB  1 
ATOM   606 O OG1 . THR A 1 88  ? 17.419  -5.207  -7.839  1.00 49.83  ? 88  THR A OG1 1 
ATOM   607 C CG2 . THR A 1 88  ? 16.219  -5.403  -9.901  1.00 45.65  ? 88  THR A CG2 1 
ATOM   608 N N   . VAL A 1 89  ? 15.808  -7.635  -6.236  1.00 51.08  ? 89  VAL A N   1 
ATOM   609 C CA  . VAL A 1 89  ? 16.237  -8.205  -4.966  1.00 50.65  ? 89  VAL A CA  1 
ATOM   610 C C   . VAL A 1 89  ? 17.407  -7.419  -4.395  1.00 51.21  ? 89  VAL A C   1 
ATOM   611 O O   . VAL A 1 89  ? 17.517  -7.240  -3.175  1.00 50.43  ? 89  VAL A O   1 
ATOM   612 C CB  . VAL A 1 89  ? 16.583  -9.690  -5.157  1.00 52.83  ? 89  VAL A CB  1 
ATOM   613 C CG1 . VAL A 1 89  ? 15.342  -10.457 -5.556  1.00 65.89  ? 89  VAL A CG1 1 
ATOM   614 C CG2 . VAL A 1 89  ? 17.637  -9.841  -6.223  1.00 70.26  ? 89  VAL A CG2 1 
ATOM   615 N N   . ALA A 1 90  ? 18.277  -6.903  -5.263  1.00 53.23  ? 90  ALA A N   1 
ATOM   616 C CA  . ALA A 1 90  ? 19.444  -6.165  -4.804  1.00 54.86  ? 90  ALA A CA  1 
ATOM   617 C C   . ALA A 1 90  ? 19.066  -4.879  -4.094  1.00 58.64  ? 90  ALA A C   1 
ATOM   618 O O   . ALA A 1 90  ? 19.894  -4.321  -3.368  1.00 59.65  ? 90  ALA A O   1 
ATOM   619 C CB  . ALA A 1 90  ? 20.372  -5.851  -5.988  1.00 56.22  ? 90  ALA A CB  1 
ATOM   620 N N   . ASP A 1 91  ? 17.838  -4.398  -4.272  1.00 57.13  ? 91  ASP A N   1 
ATOM   621 C CA  . ASP A 1 91  ? 17.522  -3.066  -3.780  1.00 54.03  ? 91  ASP A CA  1 
ATOM   622 C C   . ASP A 1 91  ? 17.178  -3.041  -2.302  1.00 56.95  ? 91  ASP A C   1 
ATOM   623 O O   . ASP A 1 91  ? 17.036  -1.951  -1.736  1.00 60.11  ? 91  ASP A O   1 
ATOM   624 C CB  . ASP A 1 91  ? 16.405  -2.463  -4.630  1.00 56.53  ? 91  ASP A CB  1 
ATOM   625 C CG  . ASP A 1 91  ? 16.888  -2.137  -6.031  1.00 63.66  ? 91  ASP A CG  1 
ATOM   626 O OD1 . ASP A 1 91  ? 16.888  -3.051  -6.883  1.00 62.16  ? 91  ASP A OD1 1 
ATOM   627 O OD2 . ASP A 1 91  ? 17.334  -0.990  -6.259  1.00 77.23  ? 91  ASP A OD2 1 
ATOM   628 N N   . GLY A 1 92  ? 17.072  -4.197  -1.659  1.00 50.36  ? 92  GLY A N   1 
ATOM   629 C CA  . GLY A 1 92  ? 16.868  -4.204  -0.226  1.00 55.97  ? 92  GLY A CA  1 
ATOM   630 C C   . GLY A 1 92  ? 15.452  -3.909  0.218   1.00 57.93  ? 92  GLY A C   1 
ATOM   631 O O   . GLY A 1 92  ? 14.494  -4.322  -0.445  1.00 54.41  ? 92  GLY A O   1 
ATOM   632 N N   . ARG A 1 93  ? 15.317  -3.197  1.338   1.00 55.56  ? 93  ARG A N   1 
ATOM   633 C CA  . ARG A 1 93  ? 14.044  -3.051  2.035   1.00 56.59  ? 93  ARG A CA  1 
ATOM   634 C C   . ARG A 1 93  ? 13.265  -1.827  1.564   1.00 62.35  ? 93  ARG A C   1 
ATOM   635 O O   . ARG A 1 93  ? 13.739  -0.691  1.672   1.00 55.42  ? 93  ARG A O   1 
ATOM   636 C CB  . ARG A 1 93  ? 14.259  -2.945  3.542   1.00 54.44  ? 93  ARG A CB  1 
ATOM   637 C CG  . ARG A 1 93  ? 13.003  -2.490  4.268   1.00 61.03  ? 93  ARG A CG  1 
ATOM   638 C CD  . ARG A 1 93  ? 13.270  -2.072  5.699   1.00 66.82  ? 93  ARG A CD  1 
ATOM   639 N NE  . ARG A 1 93  ? 13.451  -3.221  6.581   1.00 74.63  ? 93  ARG A NE  1 
ATOM   640 C CZ  . ARG A 1 93  ? 13.460  -3.141  7.909   1.00 87.43  ? 93  ARG A CZ  1 
ATOM   641 N NH1 . ARG A 1 93  ? 13.291  -1.965  8.506   1.00 90.15  ? 93  ARG A NH1 1 
ATOM   642 N NH2 . ARG A 1 93  ? 13.632  -4.236  8.641   1.00 92.94  ? 93  ARG A NH2 1 
ATOM   643 N N   . LEU A 1 94  ? 12.043  -2.060  1.103   1.00 56.06  ? 94  LEU A N   1 
ATOM   644 C CA  . LEU A 1 94  ? 11.147  -1.003  0.667   1.00 49.69  ? 94  LEU A CA  1 
ATOM   645 C C   . LEU A 1 94  ? 10.228  -0.591  1.816   1.00 53.85  ? 94  LEU A C   1 
ATOM   646 O O   . LEU A 1 94  ? 9.834   -1.419  2.640   1.00 53.02  ? 94  LEU A O   1 
ATOM   647 C CB  . LEU A 1 94  ? 10.338  -1.484  -0.544  1.00 41.17  ? 94  LEU A CB  1 
ATOM   648 C CG  . LEU A 1 94  ? 11.218  -2.147  -1.604  1.00 54.58  ? 94  LEU A CG  1 
ATOM   649 C CD1 . LEU A 1 94  ? 10.387  -2.691  -2.755  1.00 45.25  ? 94  LEU A CD1 1 
ATOM   650 C CD2 . LEU A 1 94  ? 12.283  -1.159  -2.098  1.00 44.00  ? 94  LEU A CD2 1 
ATOM   651 N N   . THR A 1 95  ? 9.911   0.704   1.879   1.00 47.44  ? 95  THR A N   1 
ATOM   652 C CA  . THR A 1 95  ? 9.007   1.262   2.880   1.00 47.73  ? 95  THR A CA  1 
ATOM   653 C C   . THR A 1 95  ? 7.836   1.938   2.180   1.00 50.79  ? 95  THR A C   1 
ATOM   654 O O   . THR A 1 95  ? 8.037   2.890   1.415   1.00 50.81  ? 95  THR A O   1 
ATOM   655 C CB  . THR A 1 95  ? 9.728   2.283   3.765   1.00 49.85  ? 95  THR A CB  1 
ATOM   656 O OG1 . THR A 1 95  ? 10.858  1.669   4.390   1.00 52.22  ? 95  THR A OG1 1 
ATOM   657 C CG2 . THR A 1 95  ? 8.785   2.807   4.832   1.00 49.10  ? 95  THR A CG2 1 
ATOM   658 N N   . SER A 1 96  ? 6.614   1.480   2.462   1.00 41.92  ? 96  SER A N   1 
ATOM   659 C CA  . SER A 1 96  ? 5.409   2.039   1.849   1.00 42.45  ? 96  SER A CA  1 
ATOM   660 C C   . SER A 1 96  ? 4.593   2.809   2.874   1.00 45.48  ? 96  SER A C   1 
ATOM   661 O O   . SER A 1 96  ? 4.189   2.252   3.904   1.00 46.96  ? 96  SER A O   1 
ATOM   662 C CB  . SER A 1 96  ? 4.561   0.944   1.215   1.00 41.57  ? 96  SER A CB  1 
ATOM   663 O OG  . SER A 1 96  ? 5.320   0.283   0.221   1.00 42.29  ? 96  SER A OG  1 
ATOM   664 N N   . THR A 1 97  ? 4.308   4.070   2.568   1.00 45.16  ? 97  THR A N   1 
ATOM   665 C CA  . THR A 1 97  ? 3.625   4.966   3.495   1.00 42.41  ? 97  THR A CA  1 
ATOM   666 C C   . THR A 1 97  ? 2.364   5.507   2.845   1.00 49.86  ? 97  THR A C   1 
ATOM   667 O O   . THR A 1 97  ? 2.430   6.135   1.782   1.00 47.68  ? 97  THR A O   1 
ATOM   668 C CB  . THR A 1 97  ? 4.550   6.106   3.903   1.00 46.33  ? 97  THR A CB  1 
ATOM   669 O OG1 . THR A 1 97  ? 5.719   5.543   4.507   1.00 48.92  ? 97  THR A OG1 1 
ATOM   670 C CG2 . THR A 1 97  ? 3.857   7.038   4.871   1.00 45.90  ? 97  THR A CG2 1 
ATOM   671 N N   . ALA A 1 98  ? 1.223   5.260   3.482   1.00 39.16  ? 98  ALA A N   1 
ATOM   672 C CA  . ALA A 1 98  ? -0.064  5.756   3.027   1.00 33.89  ? 98  ALA A CA  1 
ATOM   673 C C   . ALA A 1 98  ? -0.415  7.025   3.787   1.00 45.27  ? 98  ALA A C   1 
ATOM   674 O O   . ALA A 1 98  ? -0.442  7.025   5.027   1.00 46.73  ? 98  ALA A O   1 
ATOM   675 C CB  . ALA A 1 98  ? -1.150  4.696   3.234   1.00 47.99  ? 98  ALA A CB  1 
ATOM   676 N N   . LEU A 1 99  ? -0.697  8.095   3.047   1.00 39.18  ? 99  LEU A N   1 
ATOM   677 C CA  . LEU A 1 99  ? -1.116  9.339   3.668   1.00 38.04  ? 99  LEU A CA  1 
ATOM   678 C C   . LEU A 1 99  ? -2.480  9.757   3.156   1.00 45.34  ? 99  LEU A C   1 
ATOM   679 O O   . LEU A 1 99  ? -2.810  9.526   1.987   1.00 43.27  ? 99  LEU A O   1 
ATOM   680 C CB  . LEU A 1 99  ? -0.124  10.469  3.405   1.00 45.78  ? 99  LEU A CB  1 
ATOM   681 C CG  . LEU A 1 99  ? 1.240   10.229  4.036   1.00 58.31  ? 99  LEU A CG  1 
ATOM   682 C CD1 . LEU A 1 99  ? 2.204   11.362  3.664   1.00 53.14  ? 99  LEU A CD1 1 
ATOM   683 C CD2 . LEU A 1 99  ? 1.074   10.082  5.548   1.00 56.37  ? 99  LEU A CD2 1 
ATOM   684 N N   . PRO A 1 100 ? -3.293  10.386  4.005   1.00 47.20  ? 100 PRO A N   1 
ATOM   685 C CA  . PRO A 1 100 ? -4.666  10.691  3.606   1.00 48.05  ? 100 PRO A CA  1 
ATOM   686 C C   . PRO A 1 100 ? -4.689  11.865  2.651   1.00 46.88  ? 100 PRO A C   1 
ATOM   687 O O   . PRO A 1 100 ? -3.950  12.837  2.816   1.00 46.93  ? 100 PRO A O   1 
ATOM   688 C CB  . PRO A 1 100 ? -5.356  11.032  4.935   1.00 48.35  ? 100 PRO A CB  1 
ATOM   689 C CG  . PRO A 1 100 ? -4.247  11.612  5.766   1.00 53.07  ? 100 PRO A CG  1 
ATOM   690 C CD  . PRO A 1 100 ? -2.983  10.888  5.358   1.00 46.50  ? 100 PRO A CD  1 
ATOM   691 N N   . VAL A 1 101 ? -5.532  11.755  1.631   1.00 38.70  ? 101 VAL A N   1 
ATOM   692 C CA  . VAL A 1 101 ? -5.837  12.868  0.752   1.00 40.53  ? 101 VAL A CA  1 
ATOM   693 C C   . VAL A 1 101 ? -7.213  13.437  1.054   1.00 43.58  ? 101 VAL A C   1 
ATOM   694 O O   . VAL A 1 101 ? -7.369  14.652  1.165   1.00 43.01  ? 101 VAL A O   1 
ATOM   695 C CB  . VAL A 1 101 ? -5.737  12.442  -0.730  1.00 34.59  ? 101 VAL A CB  1 
ATOM   696 C CG1 . VAL A 1 101 ? -6.251  13.562  -1.619  1.00 37.76  ? 101 VAL A CG1 1 
ATOM   697 C CG2 . VAL A 1 101 ? -4.306  12.039  -1.099  1.00 32.49  ? 101 VAL A CG2 1 
ATOM   698 N N   . HIS A 1 102 ? -8.209  12.560  1.190   1.00 36.28  ? 102 HIS A N   1 
ATOM   699 C CA  . HIS A 1 102 ? -9.585  12.949  1.504   1.00 39.44  ? 102 HIS A CA  1 
ATOM   700 C C   . HIS A 1 102 ? -10.241 11.830  2.296   1.00 46.11  ? 102 HIS A C   1 
ATOM   701 O O   . HIS A 1 102 ? -10.129 10.663  1.915   1.00 37.93  ? 102 HIS A O   1 
ATOM   702 C CB  . HIS A 1 102 ? -10.374 13.217  0.225   1.00 40.20  ? 102 HIS A CB  1 
ATOM   703 C CG  . HIS A 1 102 ? -11.855 13.329  0.420   1.00 45.39  ? 102 HIS A CG  1 
ATOM   704 N ND1 . HIS A 1 102 ? -12.492 14.541  0.584   1.00 52.29  ? 102 HIS A ND1 1 
ATOM   705 C CD2 . HIS A 1 102 ? -12.829 12.386  0.441   1.00 43.71  ? 102 HIS A CD2 1 
ATOM   706 C CE1 . HIS A 1 102 ? -13.793 14.340  0.712   1.00 46.72  ? 102 HIS A CE1 1 
ATOM   707 N NE2 . HIS A 1 102 ? -14.023 13.042  0.629   1.00 48.09  ? 102 HIS A NE2 1 
ATOM   708 N N   . ARG A 1 103 ? -10.918 12.186  3.387   1.00 45.87  ? 103 ARG A N   1 
ATOM   709 C CA  . ARG A 1 103 ? -11.598 11.216  4.246   1.00 49.25  ? 103 ARG A CA  1 
ATOM   710 C C   . ARG A 1 103 ? -12.941 11.831  4.614   1.00 47.04  ? 103 ARG A C   1 
ATOM   711 O O   . ARG A 1 103 ? -13.011 12.703  5.483   1.00 48.91  ? 103 ARG A O   1 
ATOM   712 C CB  . ARG A 1 103 ? -10.763 10.888  5.480   1.00 51.96  ? 103 ARG A CB  1 
ATOM   713 C CG  . ARG A 1 103 ? -9.494  10.105  5.159   1.00 43.01  ? 103 ARG A CG  1 
ATOM   714 C CD  . ARG A 1 103 ? -8.554  10.029  6.362   1.00 49.62  ? 103 ARG A CD  1 
ATOM   715 N NE  . ARG A 1 103 ? -8.255  11.357  6.894   1.00 44.91  ? 103 ARG A NE  1 
ATOM   716 C CZ  . ARG A 1 103 ? -7.484  11.590  7.952   1.00 49.69  ? 103 ARG A CZ  1 
ATOM   717 N NH1 . ARG A 1 103 ? -6.916  10.589  8.607   1.00 53.15  ? 103 ARG A NH1 1 
ATOM   718 N NH2 . ARG A 1 103 ? -7.287  12.834  8.361   1.00 55.33  ? 103 ARG A NH2 1 
ATOM   719 N N   . GLY A 1 104 ? -13.996 11.405  3.926   1.00 45.87  ? 104 GLY A N   1 
ATOM   720 C CA  . GLY A 1 104 ? -15.306 12.000  4.135   1.00 38.58  ? 104 GLY A CA  1 
ATOM   721 C C   . GLY A 1 104 ? -16.392 11.010  4.510   1.00 50.91  ? 104 GLY A C   1 
ATOM   722 O O   . GLY A 1 104 ? -16.111 9.926   5.034   1.00 47.46  ? 104 GLY A O   1 
ATOM   723 N N   . ALA A 1 105 ? -17.643 11.375  4.238   1.00 43.49  ? 105 ALA A N   1 
ATOM   724 C CA  . ALA A 1 105 ? -18.763 10.527  4.627   1.00 52.05  ? 105 ALA A CA  1 
ATOM   725 C C   . ALA A 1 105 ? -18.736 9.211   3.870   1.00 48.29  ? 105 ALA A C   1 
ATOM   726 O O   . ALA A 1 105 ? -18.677 8.137   4.476   1.00 45.04  ? 105 ALA A O   1 
ATOM   727 C CB  . ALA A 1 105 ? -20.086 11.252  4.390   1.00 49.44  ? 105 ALA A CB  1 
ATOM   728 N N   . THR A 1 106 ? -18.769 9.274   2.538   1.00 39.19  ? 106 THR A N   1 
ATOM   729 C CA  . THR A 1 106 ? -18.861 8.061   1.742   1.00 41.64  ? 106 THR A CA  1 
ATOM   730 C C   . THR A 1 106 ? -17.541 7.613   1.120   1.00 47.50  ? 106 THR A C   1 
ATOM   731 O O   . THR A 1 106 ? -17.374 6.412   0.885   1.00 42.16  ? 106 THR A O   1 
ATOM   732 C CB  . THR A 1 106 ? -19.897 8.234   0.634   1.00 40.80  ? 106 THR A CB  1 
ATOM   733 O OG1 . THR A 1 106 ? -19.527 9.341   -0.188  1.00 44.19  ? 106 THR A OG1 1 
ATOM   734 C CG2 . THR A 1 106 ? -21.335 8.479   1.250   1.00 48.65  ? 106 THR A CG2 1 
ATOM   735 N N   . GLN A 1 107 ? -16.601 8.524   0.849   1.00 45.90  ? 107 GLN A N   1 
ATOM   736 C CA  . GLN A 1 107 ? -15.372 8.194   0.123   1.00 38.68  ? 107 GLN A CA  1 
ATOM   737 C C   . GLN A 1 107 ? -14.138 8.472   0.966   1.00 42.43  ? 107 GLN A C   1 
ATOM   738 O O   . GLN A 1 107 ? -14.133 9.381   1.801   1.00 44.67  ? 107 GLN A O   1 
ATOM   739 C CB  . GLN A 1 107 ? -15.237 9.017   -1.161  1.00 43.21  ? 107 GLN A CB  1 
ATOM   740 C CG  . GLN A 1 107 ? -16.339 8.831   -2.168  1.00 50.69  ? 107 GLN A CG  1 
ATOM   741 C CD  . GLN A 1 107 ? -16.187 7.552   -2.953  1.00 64.15  ? 107 GLN A CD  1 
ATOM   742 O OE1 . GLN A 1 107 ? -15.628 7.556   -4.049  1.00 61.26  ? 107 GLN A OE1 1 
ATOM   743 N NE2 . GLN A 1 107 ? -16.685 6.444   -2.401  1.00 62.40  ? 107 GLN A NE2 1 
ATOM   744 N N   . GLN A 1 108 ? -13.071 7.698   0.709   1.00 37.68  ? 108 GLN A N   1 
ATOM   745 C CA  . GLN A 1 108 ? -11.721 8.031   1.142   1.00 34.64  ? 108 GLN A CA  1 
ATOM   746 C C   . GLN A 1 108 ? -10.764 7.917   -0.044  1.00 43.30  ? 108 GLN A C   1 
ATOM   747 O O   . GLN A 1 108 ? -10.917 7.029   -0.891  1.00 40.87  ? 108 GLN A O   1 
ATOM   748 C CB  . GLN A 1 108 ? -11.208 7.113   2.253   1.00 34.32  ? 108 GLN A CB  1 
ATOM   749 C CG  . GLN A 1 108 ? -12.057 7.070   3.520   1.00 45.34  ? 108 GLN A CG  1 
ATOM   750 C CD  . GLN A 1 108 ? -11.356 6.315   4.631   1.00 42.13  ? 108 GLN A CD  1 
ATOM   751 O OE1 . GLN A 1 108 ? -10.205 6.609   4.967   1.00 44.52  ? 108 GLN A OE1 1 
ATOM   752 N NE2 . GLN A 1 108 ? -12.036 5.316   5.189   1.00 39.80  ? 108 GLN A NE2 1 
ATOM   753 N N   . VAL A 1 109 ? -9.767  8.805   -0.090  1.00 38.28  ? 109 VAL A N   1 
ATOM   754 C CA  . VAL A 1 109 ? -8.639  8.691   -1.009  1.00 36.67  ? 109 VAL A CA  1 
ATOM   755 C C   . VAL A 1 109 ? -7.350  8.777   -0.202  1.00 37.11  ? 109 VAL A C   1 
ATOM   756 O O   . VAL A 1 109 ? -7.185  9.690   0.613   1.00 41.74  ? 109 VAL A O   1 
ATOM   757 C CB  . VAL A 1 109 ? -8.665  9.782   -2.095  1.00 37.44  ? 109 VAL A CB  1 
ATOM   758 C CG1 . VAL A 1 109 ? -7.422  9.660   -2.974  1.00 35.97  ? 109 VAL A CG1 1 
ATOM   759 C CG2 . VAL A 1 109 ? -9.913  9.666   -2.927  1.00 33.71  ? 109 VAL A CG2 1 
ATOM   760 N N   . TRP A 1 110 ? -6.437  7.836   -0.439  1.00 34.79  ? 110 TRP A N   1 
ATOM   761 C CA  . TRP A 1 110 ? -5.134  7.800   0.202   1.00 30.56  ? 110 TRP A CA  1 
ATOM   762 C C   . TRP A 1 110 ? -4.046  7.776   -0.865  1.00 43.66  ? 110 TRP A C   1 
ATOM   763 O O   . TRP A 1 110 ? -4.261  7.282   -1.971  1.00 36.88  ? 110 TRP A O   1 
ATOM   764 C CB  . TRP A 1 110 ? -4.987  6.572   1.110   1.00 38.33  ? 110 TRP A CB  1 
ATOM   765 C CG  . TRP A 1 110 ? -5.832  6.674   2.321   1.00 36.92  ? 110 TRP A CG  1 
ATOM   766 C CD1 . TRP A 1 110 ? -7.195  6.560   2.387   1.00 42.60  ? 110 TRP A CD1 1 
ATOM   767 C CD2 . TRP A 1 110 ? -5.383  6.947   3.653   1.00 40.13  ? 110 TRP A CD2 1 
ATOM   768 N NE1 . TRP A 1 110 ? -7.619  6.735   3.690   1.00 44.20  ? 110 TRP A NE1 1 
ATOM   769 C CE2 . TRP A 1 110 ? -6.524  6.977   4.482   1.00 43.26  ? 110 TRP A CE2 1 
ATOM   770 C CE3 . TRP A 1 110 ? -4.123  7.170   4.226   1.00 41.51  ? 110 TRP A CE3 1 
ATOM   771 C CZ2 . TRP A 1 110 ? -6.443  7.219   5.860   1.00 47.79  ? 110 TRP A CZ2 1 
ATOM   772 C CZ3 . TRP A 1 110 ? -4.044  7.409   5.590   1.00 51.65  ? 110 TRP A CZ3 1 
ATOM   773 C CH2 . TRP A 1 110 ? -5.197  7.433   6.390   1.00 50.85  ? 110 TRP A CH2 1 
ATOM   774 N N   . SER A 1 111 ? -2.877  8.312   -0.518  1.00 40.15  ? 111 SER A N   1 
ATOM   775 C CA  . SER A 1 111 ? -1.703  8.335   -1.386  1.00 41.05  ? 111 SER A CA  1 
ATOM   776 C C   . SER A 1 111 ? -0.603  7.511   -0.736  1.00 41.25  ? 111 SER A C   1 
ATOM   777 O O   . SER A 1 111 ? -0.247  7.747   0.423   1.00 41.54  ? 111 SER A O   1 
ATOM   778 C CB  . SER A 1 111 ? -1.231  9.773   -1.621  1.00 39.11  ? 111 SER A CB  1 
ATOM   779 O OG  . SER A 1 111 ? -0.001  9.802   -2.314  1.00 46.89  ? 111 SER A OG  1 
ATOM   780 N N   . VAL A 1 112 ? -0.074  6.541   -1.467  1.00 36.59  ? 112 VAL A N   1 
ATOM   781 C CA  . VAL A 1 112 ? 0.910   5.610   -0.934  1.00 40.19  ? 112 VAL A CA  1 
ATOM   782 C C   . VAL A 1 112 ? 2.192   5.774   -1.731  1.00 44.82  ? 112 VAL A C   1 
ATOM   783 O O   . VAL A 1 112 ? 2.190   5.601   -2.959  1.00 44.89  ? 112 VAL A O   1 
ATOM   784 C CB  . VAL A 1 112 ? 0.415   4.159   -0.997  1.00 41.88  ? 112 VAL A CB  1 
ATOM   785 C CG1 . VAL A 1 112 ? 1.421   3.238   -0.373  1.00 36.80  ? 112 VAL A CG1 1 
ATOM   786 C CG2 . VAL A 1 112 ? -0.933  4.028   -0.319  1.00 40.35  ? 112 VAL A CG2 1 
ATOM   787 N N   . GLU A 1 113 ? 3.282   6.100   -1.044  1.00 39.39  ? 113 GLU A N   1 
ATOM   788 C CA  . GLU A 1 113 ? 4.606   6.151   -1.663  1.00 40.88  ? 113 GLU A CA  1 
ATOM   789 C C   . GLU A 1 113 ? 5.444   4.971   -1.190  1.00 36.92  ? 113 GLU A C   1 
ATOM   790 O O   . GLU A 1 113 ? 5.483   4.664   0.009   1.00 44.61  ? 113 GLU A O   1 
ATOM   791 C CB  . GLU A 1 113 ? 5.337   7.458   -1.344  1.00 43.32  ? 113 GLU A CB  1 
ATOM   792 C CG  . GLU A 1 113 ? 4.621   8.705   -1.824  1.00 49.83  ? 113 GLU A CG  1 
ATOM   793 C CD  . GLU A 1 113 ? 5.393   9.961   -1.510  1.00 50.91  ? 113 GLU A CD  1 
ATOM   794 O OE1 . GLU A 1 113 ? 6.506   9.836   -0.962  1.00 49.07  ? 113 GLU A OE1 1 
ATOM   795 O OE2 . GLU A 1 113 ? 4.882   11.064  -1.798  1.00 58.32  ? 113 GLU A OE2 1 
ATOM   796 N N   . THR A 1 114 ? 6.092   4.302   -2.132  1.00 35.98  ? 114 THR A N   1 
ATOM   797 C CA  . THR A 1 114 ? 7.011   3.214   -1.847  1.00 38.18  ? 114 THR A CA  1 
ATOM   798 C C   . THR A 1 114 ? 8.422   3.698   -2.153  1.00 49.94  ? 114 THR A C   1 
ATOM   799 O O   . THR A 1 114 ? 8.715   4.036   -3.308  1.00 45.37  ? 114 THR A O   1 
ATOM   800 C CB  . THR A 1 114 ? 6.682   1.991   -2.698  1.00 41.91  ? 114 THR A CB  1 
ATOM   801 O OG1 . THR A 1 114 ? 5.392   1.481   -2.344  1.00 47.28  ? 114 THR A OG1 1 
ATOM   802 C CG2 . THR A 1 114 ? 7.727   0.914   -2.505  1.00 42.33  ? 114 THR A CG2 1 
ATOM   803 N N   . VAL A 1 115 ? 9.294   3.721   -1.132  1.00 49.85  ? 115 VAL A N   1 
ATOM   804 C CA  . VAL A 1 115 ? 10.663  4.224   -1.280  1.00 50.84  ? 115 VAL A CA  1 
ATOM   805 C C   . VAL A 1 115 ? 11.681  3.149   -0.900  1.00 48.72  ? 115 VAL A C   1 
ATOM   806 O O   . VAL A 1 115 ? 11.392  2.209   -0.151  1.00 51.94  ? 115 VAL A O   1 
ATOM   807 C CB  . VAL A 1 115 ? 10.910  5.491   -0.435  1.00 52.97  ? 115 VAL A CB  1 
ATOM   808 C CG1 . VAL A 1 115 ? 9.905   6.575   -0.773  1.00 43.29  ? 115 VAL A CG1 1 
ATOM   809 C CG2 . VAL A 1 115 ? 10.838  5.154   1.038   1.00 53.97  ? 115 VAL A CG2 1 
ATOM   810 N N   . ASP A 1 116 ? 12.907  3.320   -1.394  1.00 54.40  ? 116 ASP A N   1 
ATOM   811 C CA  . ASP A 1 116 ? 13.994  2.447   -0.974  1.00 57.20  ? 116 ASP A CA  1 
ATOM   812 C C   . ASP A 1 116 ? 14.733  3.056   0.219   1.00 52.78  ? 116 ASP A C   1 
ATOM   813 O O   . ASP A 1 116 ? 14.336  4.087   0.772   1.00 50.62  ? 116 ASP A O   1 
ATOM   814 C CB  . ASP A 1 116 ? 14.945  2.134   -2.136  1.00 59.54  ? 116 ASP A CB  1 
ATOM   815 C CG  . ASP A 1 116 ? 15.684  3.364   -2.691  1.00 58.62  ? 116 ASP A CG  1 
ATOM   816 O OD1 . ASP A 1 116 ? 15.785  4.430   -2.037  1.00 57.12  ? 116 ASP A OD1 1 
ATOM   817 O OD2 . ASP A 1 116 ? 16.191  3.235   -3.822  1.00 62.27  ? 116 ASP A OD2 1 
ATOM   818 N N   . ALA A 1 117 ? 15.817  2.390   0.629   1.00 48.69  ? 117 ALA A N   1 
ATOM   819 C CA  . ALA A 1 117 ? 16.589  2.834   1.791   1.00 68.90  ? 117 ALA A CA  1 
ATOM   820 C C   . ALA A 1 117 ? 17.098  4.267   1.641   1.00 64.72  ? 117 ALA A C   1 
ATOM   821 O O   . ALA A 1 117 ? 17.214  4.998   2.635   1.00 60.19  ? 117 ALA A O   1 
ATOM   822 C CB  . ALA A 1 117 ? 17.768  1.889   2.023   1.00 55.39  ? 117 ALA A CB  1 
ATOM   823 N N   . ALA A 1 118 ? 17.404  4.689   0.415   1.00 67.06  ? 118 ALA A N   1 
ATOM   824 C CA  . ALA A 1 118 ? 17.941  6.020   0.166   1.00 68.57  ? 118 ALA A CA  1 
ATOM   825 C C   . ALA A 1 118 ? 16.872  7.110   0.102   1.00 72.48  ? 118 ALA A C   1 
ATOM   826 O O   . ALA A 1 118 ? 17.221  8.294   0.017   1.00 72.49  ? 118 ALA A O   1 
ATOM   827 C CB  . ALA A 1 118 ? 18.745  6.011   -1.141  1.00 53.55  ? 118 ALA A CB  1 
ATOM   828 N N   . GLY A 1 119 ? 15.590  6.757   0.147   1.00 71.89  ? 119 GLY A N   1 
ATOM   829 C CA  . GLY A 1 119 ? 14.536  7.721   -0.101  1.00 56.43  ? 119 GLY A CA  1 
ATOM   830 C C   . GLY A 1 119 ? 14.167  7.875   -1.560  1.00 55.17  ? 119 GLY A C   1 
ATOM   831 O O   . GLY A 1 119 ? 13.341  8.736   -1.883  1.00 65.40  ? 119 GLY A O   1 
ATOM   832 N N   . ARG A 1 120 ? 14.758  7.074   -2.448  1.00 48.59  ? 120 ARG A N   1 
ATOM   833 C CA  . ARG A 1 120 ? 14.355  7.052   -3.851  1.00 57.76  ? 120 ARG A CA  1 
ATOM   834 C C   . ARG A 1 120 ? 12.925  6.537   -3.981  1.00 61.21  ? 120 ARG A C   1 
ATOM   835 O O   . ARG A 1 120 ? 12.622  5.422   -3.549  1.00 49.38  ? 120 ARG A O   1 
ATOM   836 C CB  . ARG A 1 120 ? 15.299  6.158   -4.648  1.00 48.68  ? 120 ARG A CB  1 
ATOM   837 C CG  . ARG A 1 120 ? 14.944  6.013   -6.129  1.00 76.41  ? 120 ARG A CG  1 
ATOM   838 C CD  . ARG A 1 120 ? 15.759  4.913   -6.824  1.00 77.41  ? 120 ARG A CD  1 
ATOM   839 N NE  . ARG A 1 120 ? 15.294  3.574   -6.449  1.00 83.05  ? 120 ARG A NE  1 
ATOM   840 C CZ  . ARG A 1 120 ? 15.601  2.456   -7.107  1.00 91.46  ? 120 ARG A CZ  1 
ATOM   841 N NH1 . ARG A 1 120 ? 16.376  2.505   -8.189  1.00 101.87 ? 120 ARG A NH1 1 
ATOM   842 N NH2 . ARG A 1 120 ? 15.126  1.287   -6.685  1.00 70.57  ? 120 ARG A NH2 1 
ATOM   843 N N   . LEU A 1 121 ? 12.053  7.338   -4.595  1.00 54.13  ? 121 LEU A N   1 
ATOM   844 C CA  . LEU A 1 121 ? 10.671  6.923   -4.820  1.00 46.72  ? 121 LEU A CA  1 
ATOM   845 C C   . LEU A 1 121 ? 10.628  5.882   -5.932  1.00 42.91  ? 121 LEU A C   1 
ATOM   846 O O   . LEU A 1 121 ? 10.915  6.189   -7.092  1.00 43.26  ? 121 LEU A O   1 
ATOM   847 C CB  . LEU A 1 121 ? 9.809   8.138   -5.152  1.00 41.73  ? 121 LEU A CB  1 
ATOM   848 C CG  . LEU A 1 121 ? 8.320   7.867   -5.345  1.00 42.68  ? 121 LEU A CG  1 
ATOM   849 C CD1 . LEU A 1 121 ? 7.685   7.320   -4.084  1.00 48.89  ? 121 LEU A CD1 1 
ATOM   850 C CD2 . LEU A 1 121 ? 7.622   9.142   -5.783  1.00 48.43  ? 121 LEU A CD2 1 
ATOM   851 N N   . VAL A 1 122 ? 10.268  4.651   -5.579  1.00 40.24  ? 122 VAL A N   1 
ATOM   852 C CA  . VAL A 1 122 ? 10.182  3.540   -6.524  1.00 38.72  ? 122 VAL A CA  1 
ATOM   853 C C   . VAL A 1 122 ? 8.797   3.439   -7.160  1.00 43.93  ? 122 VAL A C   1 
ATOM   854 O O   . VAL A 1 122 ? 8.667   3.084   -8.333  1.00 40.56  ? 122 VAL A O   1 
ATOM   855 C CB  . VAL A 1 122 ? 10.555  2.234   -5.793  1.00 53.90  ? 122 VAL A CB  1 
ATOM   856 C CG1 . VAL A 1 122 ? 10.419  1.023   -6.719  1.00 37.40  ? 122 VAL A CG1 1 
ATOM   857 C CG2 . VAL A 1 122 ? 11.966  2.341   -5.224  1.00 56.52  ? 122 VAL A CG2 1 
ATOM   858 N N   . ALA A 1 123 ? 7.740   3.682   -6.394  1.00 44.95  ? 123 ALA A N   1 
ATOM   859 C CA  . ALA A 1 123 ? 6.389   3.578   -6.923  1.00 39.05  ? 123 ALA A CA  1 
ATOM   860 C C   . ALA A 1 123 ? 5.498   4.450   -6.065  1.00 43.02  ? 123 ALA A C   1 
ATOM   861 O O   . ALA A 1 123 ? 5.838   4.767   -4.923  1.00 42.35  ? 123 ALA A O   1 
ATOM   862 C CB  . ALA A 1 123 ? 5.889   2.128   -6.936  1.00 46.00  ? 123 ALA A CB  1 
ATOM   863 N N   . ARG A 1 124 ? 4.360   4.855   -6.632  1.00 37.46  ? 124 ARG A N   1 
ATOM   864 C CA  . ARG A 1 124 ? 3.409   5.688   -5.908  1.00 34.79  ? 124 ARG A CA  1 
ATOM   865 C C   . ARG A 1 124 ? 2.016   5.394   -6.440  1.00 40.52  ? 124 ARG A C   1 
ATOM   866 O O   . ARG A 1 124 ? 1.836   5.257   -7.657  1.00 38.59  ? 124 ARG A O   1 
ATOM   867 C CB  . ARG A 1 124 ? 3.720   7.181   -6.050  1.00 40.25  ? 124 ARG A CB  1 
ATOM   868 C CG  . ARG A 1 124 ? 2.662   8.143   -5.465  1.00 40.83  ? 124 ARG A CG  1 
ATOM   869 C CD  . ARG A 1 124 ? 3.302   9.523   -5.413  1.00 42.86  ? 124 ARG A CD  1 
ATOM   870 N NE  . ARG A 1 124 ? 2.423   10.620  -5.008  1.00 45.36  ? 124 ARG A NE  1 
ATOM   871 C CZ  . ARG A 1 124 ? 1.628   11.283  -5.845  1.00 45.17  ? 124 ARG A CZ  1 
ATOM   872 N NH1 . ARG A 1 124 ? 1.568   10.925  -7.132  1.00 39.91  ? 124 ARG A NH1 1 
ATOM   873 N NH2 . ARG A 1 124 ? 0.885   12.291  -5.404  1.00 45.12  ? 124 ARG A NH2 1 
ATOM   874 N N   . GLY A 1 125 ? 1.049   5.282   -5.535  1.00 32.43  ? 125 GLY A N   1 
ATOM   875 C CA  . GLY A 1 125 ? -0.314  4.955   -5.925  1.00 36.18  ? 125 GLY A CA  1 
ATOM   876 C C   . GLY A 1 125 ? -1.353  5.746   -5.150  1.00 33.71  ? 125 GLY A C   1 
ATOM   877 O O   . GLY A 1 125 ? -1.170  6.068   -3.973  1.00 37.33  ? 125 GLY A O   1 
ATOM   878 N N   . GLN A 1 126 ? -2.465  6.037   -5.827  1.00 36.10  ? 126 GLN A N   1 
ATOM   879 C CA  . GLN A 1 126 ? -3.629  6.678   -5.230  1.00 40.51  ? 126 GLN A CA  1 
ATOM   880 C C   . GLN A 1 126 ? -4.758  5.662   -5.173  1.00 43.77  ? 126 GLN A C   1 
ATOM   881 O O   . GLN A 1 126 ? -5.068  5.030   -6.186  1.00 40.05  ? 126 GLN A O   1 
ATOM   882 C CB  . GLN A 1 126 ? -4.081  7.892   -6.043  1.00 47.46  ? 126 GLN A CB  1 
ATOM   883 C CG  . GLN A 1 126 ? -2.944  8.782   -6.494  1.00 47.61  ? 126 GLN A CG  1 
ATOM   884 C CD  . GLN A 1 126 ? -2.262  9.469   -5.326  1.00 52.46  ? 126 GLN A CD  1 
ATOM   885 O OE1 . GLN A 1 126 ? -2.931  10.073  -4.483  1.00 47.86  ? 126 GLN A OE1 1 
ATOM   886 N NE2 . GLN A 1 126 ? -0.927  9.370   -5.260  1.00 38.69  ? 126 GLN A NE2 1 
ATOM   887 N N   . VAL A 1 127 ? -5.380  5.520   -4.004  1.00 35.22  ? 127 VAL A N   1 
ATOM   888 C CA  . VAL A 1 127 ? -6.376  4.484   -3.754  1.00 38.14  ? 127 VAL A CA  1 
ATOM   889 C C   . VAL A 1 127 ? -7.669  5.150   -3.283  1.00 38.86  ? 127 VAL A C   1 
ATOM   890 O O   . VAL A 1 127 ? -7.685  5.861   -2.267  1.00 37.48  ? 127 VAL A O   1 
ATOM   891 C CB  . VAL A 1 127 ? -5.885  3.450   -2.730  1.00 40.56  ? 127 VAL A CB  1 
ATOM   892 C CG1 . VAL A 1 127 ? -6.981  2.463   -2.398  1.00 36.95  ? 127 VAL A CG1 1 
ATOM   893 C CG2 . VAL A 1 127 ? -4.715  2.707   -3.288  1.00 36.29  ? 127 VAL A CG2 1 
ATOM   894 N N   . ARG A 1 128 ? -8.741  4.932   -4.036  1.00 36.67  ? 128 ARG A N   1 
ATOM   895 C CA  . ARG A 1 128 ? -10.063 5.422   -3.691  1.00 39.31  ? 128 ARG A CA  1 
ATOM   896 C C   . ARG A 1 128 ? -10.831 4.257   -3.102  1.00 42.80  ? 128 ARG A C   1 
ATOM   897 O O   . ARG A 1 128 ? -10.818 3.160   -3.671  1.00 36.57  ? 128 ARG A O   1 
ATOM   898 C CB  . ARG A 1 128 ? -10.797 5.979   -4.913  1.00 34.40  ? 128 ARG A CB  1 
ATOM   899 C CG  . ARG A 1 128 ? -12.306 6.331   -4.627  1.00 39.90  ? 128 ARG A CG  1 
ATOM   900 C CD  . ARG A 1 128 ? -12.961 6.958   -5.867  1.00 42.76  ? 128 ARG A CD  1 
ATOM   901 N NE  . ARG A 1 128 ? -12.349 8.242   -6.242  1.00 42.36  ? 128 ARG A NE  1 
ATOM   902 C CZ  . ARG A 1 128 ? -12.773 9.408   -5.760  1.00 53.79  ? 128 ARG A CZ  1 
ATOM   903 N NH1 . ARG A 1 128 ? -13.784 9.425   -4.892  1.00 41.39  ? 128 ARG A NH1 1 
ATOM   904 N NH2 . ARG A 1 128 ? -12.203 10.550  -6.136  1.00 40.25  ? 128 ARG A NH2 1 
ATOM   905 N N   . LEU A 1 129 ? -11.460 4.493   -1.951  1.00 35.90  ? 129 LEU A N   1 
ATOM   906 C CA  . LEU A 1 129 ? -12.232 3.492   -1.240  1.00 43.16  ? 129 LEU A CA  1 
ATOM   907 C C   . LEU A 1 129 ? -13.587 4.069   -0.851  1.00 46.65  ? 129 LEU A C   1 
ATOM   908 O O   . LEU A 1 129 ? -13.744 5.278   -0.671  1.00 44.04  ? 129 LEU A O   1 
ATOM   909 C CB  . LEU A 1 129 ? -11.504 3.020   0.018   1.00 36.32  ? 129 LEU A CB  1 
ATOM   910 C CG  . LEU A 1 129 ? -10.037 2.615   -0.121  1.00 48.01  ? 129 LEU A CG  1 
ATOM   911 C CD1 . LEU A 1 129 ? -9.140  3.637   0.556   1.00 42.30  ? 129 LEU A CD1 1 
ATOM   912 C CD2 . LEU A 1 129 ? -9.817  1.231   0.468   1.00 45.17  ? 129 LEU A CD2 1 
ATOM   913 N N   . HIS A 1 130 ? -14.564 3.190   -0.710  1.00 52.12  ? 130 HIS A N   1 
ATOM   914 C CA  . HIS A 1 130 ? -15.928 3.569   -0.355  1.00 50.49  ? 130 HIS A CA  1 
ATOM   915 C C   . HIS A 1 130 ? -16.168 3.199   1.104   1.00 47.09  ? 130 HIS A C   1 
ATOM   916 O O   . HIS A 1 130 ? -15.717 2.145   1.560   1.00 41.05  ? 130 HIS A O   1 
ATOM   917 C CB  . HIS A 1 130 ? -16.915 2.863   -1.290  1.00 45.92  ? 130 HIS A CB  1 
ATOM   918 C CG  . HIS A 1 130 ? -18.360 3.143   -1.006  1.00 71.62  ? 130 HIS A CG  1 
ATOM   919 N ND1 . HIS A 1 130 ? -18.898 4.414   -1.025  1.00 78.78  ? 130 HIS A ND1 1 
ATOM   920 C CD2 . HIS A 1 130 ? -19.388 2.306   -0.727  1.00 65.52  ? 130 HIS A CD2 1 
ATOM   921 C CE1 . HIS A 1 130 ? -20.189 4.349   -0.748  1.00 67.58  ? 130 HIS A CE1 1 
ATOM   922 N NE2 . HIS A 1 130 ? -20.511 3.082   -0.562  1.00 71.41  ? 130 HIS A NE2 1 
ATOM   923 N N   . ASN A 1 131 ? -16.814 4.097   1.855   1.00 46.43  ? 131 ASN A N   1 
ATOM   924 C CA  . ASN A 1 131 ? -17.196 3.812   3.240   1.00 47.10  ? 131 ASN A CA  1 
ATOM   925 C C   . ASN A 1 131 ? -18.590 3.205   3.264   1.00 49.42  ? 131 ASN A C   1 
ATOM   926 O O   . ASN A 1 131 ? -19.560 3.867   2.881   1.00 45.72  ? 131 ASN A O   1 
ATOM   927 C CB  . ASN A 1 131 ? -17.201 5.065   4.113   1.00 51.17  ? 131 ASN A CB  1 
ATOM   928 C CG  . ASN A 1 131 ? -15.862 5.751   4.174   1.00 49.80  ? 131 ASN A CG  1 
ATOM   929 O OD1 . ASN A 1 131 ? -14.819 5.108   4.222   1.00 40.28  ? 131 ASN A OD1 1 
ATOM   930 N ND2 . ASN A 1 131 ? -15.890 7.073   4.203   1.00 45.38  ? 131 ASN A ND2 1 
ATOM   931 N N   . LEU A 1 132 ? -18.690 1.963   3.730   1.00 48.12  ? 132 LEU A N   1 
ATOM   932 C CA  . LEU A 1 132 ? -19.977 1.304   3.963   1.00 54.46  ? 132 LEU A CA  1 
ATOM   933 C C   . LEU A 1 132 ? -20.293 1.460   5.444   1.00 54.10  ? 132 LEU A C   1 
ATOM   934 O O   . LEU A 1 132 ? -19.803 0.689   6.273   1.00 55.77  ? 132 LEU A O   1 
ATOM   935 C CB  . LEU A 1 132 ? -19.929 -0.167  3.565   1.00 57.79  ? 132 LEU A CB  1 
ATOM   936 C CG  . LEU A 1 132 ? -20.136 -0.533  2.096   1.00 60.77  ? 132 LEU A CG  1 
ATOM   937 C CD1 . LEU A 1 132 ? -20.275 -2.036  1.960   1.00 57.53  ? 132 LEU A CD1 1 
ATOM   938 C CD2 . LEU A 1 132 ? -21.371 0.165   1.534   1.00 68.53  ? 132 LEU A CD2 1 
ATOM   939 N N   . ARG A 1 133 ? -21.092 2.468   5.784   1.00 47.67  ? 133 ARG A N   1 
ATOM   940 C CA  . ARG A 1 133 ? -21.274 2.822   7.182   1.00 64.11  ? 133 ARG A CA  1 
ATOM   941 C C   . ARG A 1 133 ? -22.426 2.035   7.789   1.00 63.46  ? 133 ARG A C   1 
ATOM   942 O O   . ARG A 1 133 ? -23.347 1.608   7.087   1.00 58.57  ? 133 ARG A O   1 
ATOM   943 C CB  . ARG A 1 133 ? -21.518 4.323   7.338   1.00 62.10  ? 133 ARG A CB  1 
ATOM   944 C CG  . ARG A 1 133 ? -20.237 5.139   7.289   1.00 55.87  ? 133 ARG A CG  1 
ATOM   945 C CD  . ARG A 1 133 ? -20.525 6.615   7.446   1.00 62.87  ? 133 ARG A CD  1 
ATOM   946 N NE  . ARG A 1 133 ? -19.408 7.422   6.970   1.00 63.04  ? 133 ARG A NE  1 
ATOM   947 C CZ  . ARG A 1 133 ? -18.419 7.865   7.738   1.00 66.76  ? 133 ARG A CZ  1 
ATOM   948 N NH1 . ARG A 1 133 ? -18.408 7.583   9.036   1.00 61.29  ? 133 ARG A NH1 1 
ATOM   949 N NH2 . ARG A 1 133 ? -17.441 8.592   7.201   1.00 53.75  ? 133 ARG A NH2 1 
ATOM   950 N N   . LEU A 1 134 ? -22.344 1.823   9.103   1.00 68.52  ? 134 LEU A N   1 
ATOM   951 C CA  . LEU A 1 134 ? -23.420 1.182   9.863   1.00 60.85  ? 134 LEU A CA  1 
ATOM   952 C C   . LEU A 1 134 ? -24.590 2.142   10.000  1.00 52.55  ? 134 LEU A C   1 
ATOM   953 O O   . LEU A 1 134 ? -25.547 2.082   9.220   1.00 68.08  ? 134 LEU A O   1 
ATOM   954 C CB  . LEU A 1 134 ? -22.928 0.734   11.243  1.00 51.54  ? 134 LEU A CB  1 
HETATM 955 S S   . SO4 B 2 .   ? -8.950  14.595  5.532   1.00 92.35  ? 301 SO4 A S   1 
HETATM 956 O O1  . SO4 B 2 .   ? -9.370  14.502  6.939   1.00 83.28  ? 301 SO4 A O1  1 
HETATM 957 O O2  . SO4 B 2 .   ? -10.111 14.716  4.646   1.00 63.01  ? 301 SO4 A O2  1 
HETATM 958 O O3  . SO4 B 2 .   ? -8.095  15.771  5.373   1.00 83.17  ? 301 SO4 A O3  1 
HETATM 959 O O4  . SO4 B 2 .   ? -8.212  13.399  5.134   1.00 60.14  ? 301 SO4 A O4  1 
HETATM 960 S S   . SO4 C 2 .   ? -17.578 12.301  0.745   1.00 61.86  ? 302 SO4 A S   1 
HETATM 961 O O1  . SO4 C 2 .   ? -17.384 13.478  1.597   1.00 67.94  ? 302 SO4 A O1  1 
HETATM 962 O O2  . SO4 C 2 .   ? -18.812 11.592  1.096   1.00 50.32  ? 302 SO4 A O2  1 
HETATM 963 O O3  . SO4 C 2 .   ? -17.639 12.735  -0.645  1.00 52.57  ? 302 SO4 A O3  1 
HETATM 964 O O4  . SO4 C 2 .   ? -16.467 11.373  0.937   1.00 56.42  ? 302 SO4 A O4  1 
HETATM 965 O O   . HOH D 3 .   ? 2.802   11.549  -2.465  1.00 55.79  ? 401 HOH A O   1 
HETATM 966 O O   . HOH D 3 .   ? -13.431 12.649  -5.866  1.00 57.41  ? 402 HOH A O   1 
HETATM 967 O O   . HOH D 3 .   ? 4.782   -0.248  -4.059  1.00 38.70  ? 403 HOH A O   1 
HETATM 968 O O   . HOH D 3 .   ? 0.384   10.030  -12.137 1.00 41.10  ? 404 HOH A O   1 
HETATM 969 O O   . HOH D 3 .   ? 2.542   8.921   -8.560  1.00 42.51  ? 405 HOH A O   1 
HETATM 970 O O   . HOH D 3 .   ? 8.072   -9.014  0.693   1.00 52.40  ? 406 HOH A O   1 
HETATM 971 O O   . HOH D 3 .   ? -5.687  14.983  4.472   1.00 57.35  ? 407 HOH A O   1 
HETATM 972 O O   . HOH D 3 .   ? 0.532   8.328   -14.609 1.00 56.91  ? 408 HOH A O   1 
HETATM 973 O O   . HOH D 3 .   ? 1.537   11.084  -0.481  1.00 54.88  ? 409 HOH A O   1 
HETATM 974 O O   . HOH D 3 .   ? 2.678   8.755   1.071   1.00 38.46  ? 410 HOH A O   1 
HETATM 975 O O   . HOH D 3 .   ? -9.243  -2.810  -0.640  1.00 58.67  ? 411 HOH A O   1 
HETATM 976 O O   . HOH D 3 .   ? 7.470   5.464   2.259   1.00 45.87  ? 412 HOH A O   1 
HETATM 977 O O   . HOH D 3 .   ? 5.881   -13.259 -12.763 1.00 51.34  ? 413 HOH A O   1 
HETATM 978 O O   . HOH D 3 .   ? 7.247   6.702   6.530   1.00 56.70  ? 414 HOH A O   1 
HETATM 979 O O   . HOH D 3 .   ? -3.285  -0.495  -9.971  0.50 49.91  ? 415 HOH A O   1 
HETATM 980 O O   . HOH D 3 .   ? 9.614   -1.597  -9.702  1.00 44.27  ? 416 HOH A O   1 
HETATM 981 O O   . HOH D 3 .   ? -5.440  16.732  1.919   1.00 62.25  ? 417 HOH A O   1 
HETATM 982 O O   . HOH D 3 .   ? -6.839  -1.578  9.789   1.00 55.73  ? 418 HOH A O   1 
HETATM 983 O O   . HOH D 3 .   ? 17.743  -3.305  3.147   1.00 62.53  ? 419 HOH A O   1 
HETATM 984 O O   . HOH D 3 .   ? 0.790   13.745  -2.683  0.50 52.38  ? 420 HOH A O   1 
HETATM 985 O O   . HOH D 3 .   ? 18.673  0.607   -2.601  1.00 61.28  ? 421 HOH A O   1 
HETATM 986 O O   . HOH D 3 .   ? -14.036 3.659   16.102  1.00 64.83  ? 422 HOH A O   1 
HETATM 987 O O   . HOH D 3 .   ? -15.328 12.009  -3.804  1.00 59.49  ? 423 HOH A O   1 
HETATM 988 O O   . HOH D 3 .   ? 4.915   9.464   2.306   1.00 51.32  ? 424 HOH A O   1 
# 
loop_
_pdbx_poly_seq_scheme.asym_id 
_pdbx_poly_seq_scheme.entity_id 
_pdbx_poly_seq_scheme.seq_id 
_pdbx_poly_seq_scheme.mon_id 
_pdbx_poly_seq_scheme.ndb_seq_num 
_pdbx_poly_seq_scheme.pdb_seq_num 
_pdbx_poly_seq_scheme.auth_seq_num 
_pdbx_poly_seq_scheme.pdb_mon_id 
_pdbx_poly_seq_scheme.auth_mon_id 
_pdbx_poly_seq_scheme.pdb_strand_id 
_pdbx_poly_seq_scheme.pdb_ins_code 
_pdbx_poly_seq_scheme.hetero 
A 1 1   MET 1   1   ?   ?   ?   A . n 
A 1 2   THR 2   2   ?   ?   ?   A . n 
A 1 3   THR 3   3   ?   ?   ?   A . n 
A 1 4   THR 4   4   ?   ?   ?   A . n 
A 1 5   ASP 5   5   ?   ?   ?   A . n 
A 1 6   LYS 6   6   ?   ?   ?   A . n 
A 1 7   THR 7   7   ?   ?   ?   A . n 
A 1 8   ASP 8   8   ?   ?   ?   A . n 
A 1 9   SER 9   9   ?   ?   ?   A . n 
A 1 10  ARG 10  10  10  ARG ARG A . n 
A 1 11  LEU 11  11  11  LEU LEU A . n 
A 1 12  GLY 12  12  12  GLY GLY A . n 
A 1 13  PRO 13  13  13  PRO PRO A . n 
A 1 14  TYR 14  14  14  TYR TYR A . n 
A 1 15  VAL 15  15  15  VAL VAL A . n 
A 1 16  GLU 16  16  16  GLU GLU A . n 
A 1 17  HIS 17  17  17  HIS HIS A . n 
A 1 18  LEU 18  18  18  LEU LEU A . n 
A 1 19  GLY 19  19  19  GLY GLY A . n 
A 1 20  LEU 20  20  20  LEU LEU A . n 
A 1 21  GLN 21  21  21  GLN GLN A . n 
A 1 22  PHE 22  22  22  PHE PHE A . n 
A 1 23  GLU 23  23  23  GLU GLU A . n 
A 1 24  ARG 24  24  24  ARG ARG A . n 
A 1 25  ILE 25  25  25  ILE ILE A . n 
A 1 26  ASP 26  26  26  ASP ASP A . n 
A 1 27  PRO 27  27  27  PRO PRO A . n 
A 1 28  ASP 28  28  28  ASP ASP A . n 
A 1 29  ARG 29  29  29  ARG ARG A . n 
A 1 30  ALA 30  30  30  ALA ALA A . n 
A 1 31  VAL 31  31  31  VAL VAL A . n 
A 1 32  ALA 32  32  32  ALA ALA A . n 
A 1 33  TYR 33  33  33  TYR TYR A . n 
A 1 34  TRP 34  34  34  TRP TRP A . n 
A 1 35  SER 35  35  35  SER SER A . n 
A 1 36  VAL 36  36  36  VAL VAL A . n 
A 1 37  ARG 37  37  37  ARG ARG A . n 
A 1 38  ALA 38  38  38  ALA ALA A . n 
A 1 39  ASP 39  39  39  ASP ASP A . n 
A 1 40  LEU 40  40  40  LEU LEU A . n 
A 1 41  LEU 41  41  41  LEU LEU A . n 
A 1 42  GLN 42  42  42  GLN GLN A . n 
A 1 43  PRO 43  43  43  PRO PRO A . n 
A 1 44  HIS 44  44  44  HIS HIS A . n 
A 1 45  GLY 45  45  45  GLY GLY A . n 
A 1 46  ILE 46  46  46  ILE ILE A . n 
A 1 47  LEU 47  47  47  LEU LEU A . n 
A 1 48  HIS 48  48  48  HIS HIS A . n 
A 1 49  GLY 49  49  49  GLY GLY A . n 
A 1 50  GLY 50  50  50  GLY GLY A . n 
A 1 51  VAL 51  51  51  VAL VAL A . n 
A 1 52  HIS 52  52  52  HIS HIS A . n 
A 1 53  CYS 53  53  53  CYS CYS A . n 
A 1 54  ALA 54  54  54  ALA ALA A . n 
A 1 55  VAL 55  55  55  VAL VAL A . n 
A 1 56  VAL 56  56  56  VAL VAL A . n 
A 1 57  GLU 57  57  57  GLU GLU A . n 
A 1 58  SER 58  58  58  SER SER A . n 
A 1 59  VAL 59  59  59  VAL VAL A . n 
A 1 60  ALA 60  60  60  ALA ALA A . n 
A 1 61  SER 61  61  61  SER SER A . n 
A 1 62  ALA 62  62  62  ALA ALA A . n 
A 1 63  ALA 63  63  63  ALA ALA A . n 
A 1 64  ALA 64  64  64  ALA ALA A . n 
A 1 65  ASP 65  65  65  ASP ASP A . n 
A 1 66  ARG 66  66  66  ARG ARG A . n 
A 1 67  TRP 67  67  67  TRP TRP A . n 
A 1 68  LEU 68  68  68  LEU LEU A . n 
A 1 69  GLY 69  69  69  GLY GLY A . n 
A 1 70  ASP 70  70  70  ASP ASP A . n 
A 1 71  ARG 71  71  71  ARG ARG A . n 
A 1 72  GLY 72  72  72  GLY GLY A . n 
A 1 73  THR 73  73  73  THR THR A . n 
A 1 74  VAL 74  74  74  VAL VAL A . n 
A 1 75  VAL 75  75  75  VAL VAL A . n 
A 1 76  GLY 76  76  76  GLY GLY A . n 
A 1 77  VAL 77  77  77  VAL VAL A . n 
A 1 78  SER 78  78  78  SER SER A . n 
A 1 79  ASN 79  79  79  ASN ASN A . n 
A 1 80  SER 80  80  80  SER SER A . n 
A 1 81  THR 81  81  81  THR THR A . n 
A 1 82  ASP 82  82  82  ASP ASP A . n 
A 1 83  PHE 83  83  83  PHE PHE A . n 
A 1 84  PHE 84  84  84  PHE PHE A . n 
A 1 85  ALA 85  85  85  ALA ALA A . n 
A 1 86  PRO 86  86  86  PRO PRO A . n 
A 1 87  ALA 87  87  87  ALA ALA A . n 
A 1 88  THR 88  88  88  THR THR A . n 
A 1 89  VAL 89  89  89  VAL VAL A . n 
A 1 90  ALA 90  90  90  ALA ALA A . n 
A 1 91  ASP 91  91  91  ASP ASP A . n 
A 1 92  GLY 92  92  92  GLY GLY A . n 
A 1 93  ARG 93  93  93  ARG ARG A . n 
A 1 94  LEU 94  94  94  LEU LEU A . n 
A 1 95  THR 95  95  95  THR THR A . n 
A 1 96  SER 96  96  96  SER SER A . n 
A 1 97  THR 97  97  97  THR THR A . n 
A 1 98  ALA 98  98  98  ALA ALA A . n 
A 1 99  LEU 99  99  99  LEU LEU A . n 
A 1 100 PRO 100 100 100 PRO PRO A . n 
A 1 101 VAL 101 101 101 VAL VAL A . n 
A 1 102 HIS 102 102 102 HIS HIS A . n 
A 1 103 ARG 103 103 103 ARG ARG A . n 
A 1 104 GLY 104 104 104 GLY GLY A . n 
A 1 105 ALA 105 105 105 ALA ALA A . n 
A 1 106 THR 106 106 106 THR THR A . n 
A 1 107 GLN 107 107 107 GLN GLN A . n 
A 1 108 GLN 108 108 108 GLN GLN A . n 
A 1 109 VAL 109 109 109 VAL VAL A . n 
A 1 110 TRP 110 110 110 TRP TRP A . n 
A 1 111 SER 111 111 111 SER SER A . n 
A 1 112 VAL 112 112 112 VAL VAL A . n 
A 1 113 GLU 113 113 113 GLU GLU A . n 
A 1 114 THR 114 114 114 THR THR A . n 
A 1 115 VAL 115 115 115 VAL VAL A . n 
A 1 116 ASP 116 116 116 ASP ASP A . n 
A 1 117 ALA 117 117 117 ALA ALA A . n 
A 1 118 ALA 118 118 118 ALA ALA A . n 
A 1 119 GLY 119 119 119 GLY GLY A . n 
A 1 120 ARG 120 120 120 ARG ARG A . n 
A 1 121 LEU 121 121 121 LEU LEU A . n 
A 1 122 VAL 122 122 122 VAL VAL A . n 
A 1 123 ALA 123 123 123 ALA ALA A . n 
A 1 124 ARG 124 124 124 ARG ARG A . n 
A 1 125 GLY 125 125 125 GLY GLY A . n 
A 1 126 GLN 126 126 126 GLN GLN A . n 
A 1 127 VAL 127 127 127 VAL VAL A . n 
A 1 128 ARG 128 128 128 ARG ARG A . n 
A 1 129 LEU 129 129 129 LEU LEU A . n 
A 1 130 HIS 130 130 130 HIS HIS A . n 
A 1 131 ASN 131 131 131 ASN ASN A . n 
A 1 132 LEU 132 132 132 LEU LEU A . n 
A 1 133 ARG 133 133 133 ARG ARG A . n 
A 1 134 LEU 134 134 134 LEU LEU A . n 
A 1 135 GLU 135 135 ?   ?   ?   A . n 
A 1 136 HIS 136 136 ?   ?   ?   A . n 
A 1 137 HIS 137 137 ?   ?   ?   A . n 
A 1 138 HIS 138 138 ?   ?   ?   A . n 
A 1 139 HIS 139 139 ?   ?   ?   A . n 
A 1 140 HIS 140 140 ?   ?   ?   A . n 
A 1 141 HIS 141 141 ?   ?   ?   A . n 
# 
loop_
_pdbx_nonpoly_scheme.asym_id 
_pdbx_nonpoly_scheme.entity_id 
_pdbx_nonpoly_scheme.mon_id 
_pdbx_nonpoly_scheme.ndb_seq_num 
_pdbx_nonpoly_scheme.pdb_seq_num 
_pdbx_nonpoly_scheme.auth_seq_num 
_pdbx_nonpoly_scheme.pdb_mon_id 
_pdbx_nonpoly_scheme.auth_mon_id 
_pdbx_nonpoly_scheme.pdb_strand_id 
_pdbx_nonpoly_scheme.pdb_ins_code 
B 2 SO4 1  301 301 SO4 SO4 A . 
C 2 SO4 1  302 302 SO4 SO4 A . 
D 3 HOH 1  401 20  HOH HOH A . 
D 3 HOH 2  402 8   HOH HOH A . 
D 3 HOH 3  403 1   HOH HOH A . 
D 3 HOH 4  404 11  HOH HOH A . 
D 3 HOH 5  405 3   HOH HOH A . 
D 3 HOH 6  406 5   HOH HOH A . 
D 3 HOH 7  407 10  HOH HOH A . 
D 3 HOH 8  408 23  HOH HOH A . 
D 3 HOH 9  409 21  HOH HOH A . 
D 3 HOH 10 410 2   HOH HOH A . 
D 3 HOH 11 411 22  HOH HOH A . 
D 3 HOH 12 412 17  HOH HOH A . 
D 3 HOH 13 413 7   HOH HOH A . 
D 3 HOH 14 414 6   HOH HOH A . 
D 3 HOH 15 415 14  HOH HOH A . 
D 3 HOH 16 416 4   HOH HOH A . 
D 3 HOH 17 417 16  HOH HOH A . 
D 3 HOH 18 418 12  HOH HOH A . 
D 3 HOH 19 419 18  HOH HOH A . 
D 3 HOH 20 420 24  HOH HOH A . 
D 3 HOH 21 421 15  HOH HOH A . 
D 3 HOH 22 422 19  HOH HOH A . 
D 3 HOH 23 423 9   HOH HOH A . 
D 3 HOH 24 424 13  HOH HOH A . 
# 
_pdbx_struct_assembly.id                   1 
_pdbx_struct_assembly.details              author_and_software_defined_assembly 
_pdbx_struct_assembly.method_details       PISA 
_pdbx_struct_assembly.oligomeric_details   tetrameric 
_pdbx_struct_assembly.oligomeric_count     4 
# 
_pdbx_struct_assembly_gen.assembly_id       1 
_pdbx_struct_assembly_gen.oper_expression   1,2,3,4 
_pdbx_struct_assembly_gen.asym_id_list      A,B,C,D 
# 
loop_
_pdbx_struct_assembly_prop.biol_id 
_pdbx_struct_assembly_prop.type 
_pdbx_struct_assembly_prop.value 
_pdbx_struct_assembly_prop.details 
1 'ABSA (A^2)' 7930  ? 
1 MORE         -134  ? 
1 'SSA (A^2)'  19380 ? 
# 
loop_
_pdbx_struct_oper_list.id 
_pdbx_struct_oper_list.type 
_pdbx_struct_oper_list.name 
_pdbx_struct_oper_list.symmetry_operation 
_pdbx_struct_oper_list.matrix[1][1] 
_pdbx_struct_oper_list.matrix[1][2] 
_pdbx_struct_oper_list.matrix[1][3] 
_pdbx_struct_oper_list.vector[1] 
_pdbx_struct_oper_list.matrix[2][1] 
_pdbx_struct_oper_list.matrix[2][2] 
_pdbx_struct_oper_list.matrix[2][3] 
_pdbx_struct_oper_list.vector[2] 
_pdbx_struct_oper_list.matrix[3][1] 
_pdbx_struct_oper_list.matrix[3][2] 
_pdbx_struct_oper_list.matrix[3][3] 
_pdbx_struct_oper_list.vector[3] 
1 'identity operation'         1_555  x,y,z       1.0000000000  0.0000000000  0.0000000000  0.0000000000   0.0000000000  1.0000000000  0.0000000000  0.0000000000  0.0000000000  0.0000000000  1.0000000000  0.0000000000   
2 'crystal symmetry operation' 8_555  -y,-x,-z    -0.8368099183 -0.5062256253 0.2085300384  -4.2044629227  -0.5062256253 0.5703428851  -0.6468729471 -8.3250747184 0.2085300384  -0.6468729471 -0.7335329668 -16.9195744359 
3 'crystal symmetry operation' 10_645 -x+1,-y-1,z 0.3922723713  0.0710389813  -0.9171018754 -16.1287997172 0.0710389813  -0.9963753236 -0.0467939926 14.3628524644 -0.9171018754 -0.0467939926 -0.3958970478 -23.3729320553 
4 'crystal symmetry operation' 15_645 y+1,x-1,-z  -0.5554624531 0.4351866440  0.7085718369  -2.8525257399  0.4351866440  -0.5739675615 0.6936669397  23.1508051580 0.7085718369  0.6936669397  0.1294300146  -12.4290381705 
# 
loop_
_pdbx_struct_special_symmetry.id 
_pdbx_struct_special_symmetry.PDB_model_num 
_pdbx_struct_special_symmetry.auth_asym_id 
_pdbx_struct_special_symmetry.auth_comp_id 
_pdbx_struct_special_symmetry.auth_seq_id 
_pdbx_struct_special_symmetry.PDB_ins_code 
_pdbx_struct_special_symmetry.label_asym_id 
_pdbx_struct_special_symmetry.label_comp_id 
_pdbx_struct_special_symmetry.label_seq_id 
1 1 A HOH 415 ? D HOH . 
2 1 A HOH 420 ? D HOH . 
# 
loop_
_pdbx_audit_revision_history.ordinal 
_pdbx_audit_revision_history.data_content_type 
_pdbx_audit_revision_history.major_revision 
_pdbx_audit_revision_history.minor_revision 
_pdbx_audit_revision_history.revision_date 
1 'Structure model' 1 0 2016-02-03 
2 'Structure model' 1 1 2016-02-17 
3 'Structure model' 1 2 2023-09-27 
# 
_pdbx_audit_revision_details.ordinal             1 
_pdbx_audit_revision_details.revision_ordinal    1 
_pdbx_audit_revision_details.data_content_type   'Structure model' 
_pdbx_audit_revision_details.provider            repository 
_pdbx_audit_revision_details.type                'Initial release' 
_pdbx_audit_revision_details.description         ? 
_pdbx_audit_revision_details.details             ? 
# 
loop_
_pdbx_audit_revision_group.ordinal 
_pdbx_audit_revision_group.revision_ordinal 
_pdbx_audit_revision_group.data_content_type 
_pdbx_audit_revision_group.group 
1 2 'Structure model' 'Database references'    
2 3 'Structure model' 'Data collection'        
3 3 'Structure model' 'Database references'    
4 3 'Structure model' 'Derived calculations'   
5 3 'Structure model' 'Refinement description' 
# 
loop_
_pdbx_audit_revision_category.ordinal 
_pdbx_audit_revision_category.revision_ordinal 
_pdbx_audit_revision_category.data_content_type 
_pdbx_audit_revision_category.category 
1 3 'Structure model' chem_comp_atom                
2 3 'Structure model' chem_comp_bond                
3 3 'Structure model' citation                      
4 3 'Structure model' database_2                    
5 3 'Structure model' pdbx_initial_refinement_model 
6 3 'Structure model' pdbx_struct_oper_list         
# 
loop_
_pdbx_audit_revision_item.ordinal 
_pdbx_audit_revision_item.revision_ordinal 
_pdbx_audit_revision_item.data_content_type 
_pdbx_audit_revision_item.item 
1 3 'Structure model' '_citation.journal_id_CSD'                  
2 3 'Structure model' '_database_2.pdbx_DOI'                      
3 3 'Structure model' '_database_2.pdbx_database_accession'       
4 3 'Structure model' '_pdbx_struct_oper_list.symmetry_operation' 
# 
loop_
_software.citation_id 
_software.classification 
_software.compiler_name 
_software.compiler_version 
_software.contact_author 
_software.contact_author_email 
_software.date 
_software.description 
_software.dependencies 
_software.hardware 
_software.language 
_software.location 
_software.mods 
_software.name 
_software.os 
_software.os_version 
_software.type 
_software.version 
_software.pdbx_ordinal 
? 'data scaling'    ? ? ? ? ? ? ? ? ? ? ? SCALEPACK   ? ? ? .    1 
? refinement        ? ? ? ? ? ? ? ? ? ? ? PHENIX      ? ? ? .    2 
? 'data extraction' ? ? ? ? ? ? ? ? ? ? ? PDB_EXTRACT ? ? ? 3.15 3 
? phasing           ? ? ? ? ? ? ? ? ? ? ? MOLREP      ? ? ? .    4 
# 
loop_
_pdbx_validate_torsion.id 
_pdbx_validate_torsion.PDB_model_num 
_pdbx_validate_torsion.auth_comp_id 
_pdbx_validate_torsion.auth_asym_id 
_pdbx_validate_torsion.auth_seq_id 
_pdbx_validate_torsion.PDB_ins_code 
_pdbx_validate_torsion.label_alt_id 
_pdbx_validate_torsion.phi 
_pdbx_validate_torsion.psi 
1 1 ARG A 29 ? A -174.13 142.09 
2 1 ARG A 29 ? B -176.64 138.94 
# 
loop_
_pdbx_unobs_or_zero_occ_atoms.id 
_pdbx_unobs_or_zero_occ_atoms.PDB_model_num 
_pdbx_unobs_or_zero_occ_atoms.polymer_flag 
_pdbx_unobs_or_zero_occ_atoms.occupancy_flag 
_pdbx_unobs_or_zero_occ_atoms.auth_asym_id 
_pdbx_unobs_or_zero_occ_atoms.auth_comp_id 
_pdbx_unobs_or_zero_occ_atoms.auth_seq_id 
_pdbx_unobs_or_zero_occ_atoms.PDB_ins_code 
_pdbx_unobs_or_zero_occ_atoms.auth_atom_id 
_pdbx_unobs_or_zero_occ_atoms.label_alt_id 
_pdbx_unobs_or_zero_occ_atoms.label_asym_id 
_pdbx_unobs_or_zero_occ_atoms.label_comp_id 
_pdbx_unobs_or_zero_occ_atoms.label_seq_id 
_pdbx_unobs_or_zero_occ_atoms.label_atom_id 
1  1 Y 1 A ARG 10  ? CG  ? A ARG 10  CG  
2  1 Y 1 A ARG 10  ? CD  ? A ARG 10  CD  
3  1 Y 1 A ARG 10  ? NE  ? A ARG 10  NE  
4  1 Y 1 A ARG 10  ? CZ  ? A ARG 10  CZ  
5  1 Y 1 A ARG 10  ? NH1 ? A ARG 10  NH1 
6  1 Y 1 A ARG 10  ? NH2 ? A ARG 10  NH2 
7  1 Y 1 A LEU 11  ? CG  ? A LEU 11  CG  
8  1 Y 1 A LEU 11  ? CD1 ? A LEU 11  CD1 
9  1 Y 1 A LEU 11  ? CD2 ? A LEU 11  CD2 
10 1 Y 1 A TYR 14  ? OH  ? A TYR 14  OH  
11 1 Y 1 A GLU 16  ? CG  ? A GLU 16  CG  
12 1 Y 1 A GLU 16  ? CD  ? A GLU 16  CD  
13 1 Y 1 A GLU 16  ? OE1 ? A GLU 16  OE1 
14 1 Y 1 A GLU 16  ? OE2 ? A GLU 16  OE2 
15 1 Y 1 A HIS 44  ? CG  ? A HIS 44  CG  
16 1 Y 1 A HIS 44  ? ND1 ? A HIS 44  ND1 
17 1 Y 1 A HIS 44  ? CD2 ? A HIS 44  CD2 
18 1 Y 1 A HIS 44  ? CE1 ? A HIS 44  CE1 
19 1 Y 1 A HIS 44  ? NE2 ? A HIS 44  NE2 
20 1 Y 1 A ASP 70  ? CG  ? A ASP 70  CG  
21 1 Y 1 A ASP 70  ? OD1 ? A ASP 70  OD1 
22 1 Y 1 A ASP 70  ? OD2 ? A ASP 70  OD2 
23 1 Y 1 A LEU 134 ? CG  ? A LEU 134 CG  
24 1 Y 1 A LEU 134 ? CD1 ? A LEU 134 CD1 
25 1 Y 1 A LEU 134 ? CD2 ? A LEU 134 CD2 
# 
loop_
_pdbx_unobs_or_zero_occ_residues.id 
_pdbx_unobs_or_zero_occ_residues.PDB_model_num 
_pdbx_unobs_or_zero_occ_residues.polymer_flag 
_pdbx_unobs_or_zero_occ_residues.occupancy_flag 
_pdbx_unobs_or_zero_occ_residues.auth_asym_id 
_pdbx_unobs_or_zero_occ_residues.auth_comp_id 
_pdbx_unobs_or_zero_occ_residues.auth_seq_id 
_pdbx_unobs_or_zero_occ_residues.PDB_ins_code 
_pdbx_unobs_or_zero_occ_residues.label_asym_id 
_pdbx_unobs_or_zero_occ_residues.label_comp_id 
_pdbx_unobs_or_zero_occ_residues.label_seq_id 
1  1 Y 1 A MET 1   ? A MET 1   
2  1 Y 1 A THR 2   ? A THR 2   
3  1 Y 1 A THR 3   ? A THR 3   
4  1 Y 1 A THR 4   ? A THR 4   
5  1 Y 1 A ASP 5   ? A ASP 5   
6  1 Y 1 A LYS 6   ? A LYS 6   
7  1 Y 1 A THR 7   ? A THR 7   
8  1 Y 1 A ASP 8   ? A ASP 8   
9  1 Y 1 A SER 9   ? A SER 9   
10 1 Y 1 A GLU 135 ? A GLU 135 
11 1 Y 1 A HIS 136 ? A HIS 136 
12 1 Y 1 A HIS 137 ? A HIS 137 
13 1 Y 1 A HIS 138 ? A HIS 138 
14 1 Y 1 A HIS 139 ? A HIS 139 
15 1 Y 1 A HIS 140 ? A HIS 140 
16 1 Y 1 A HIS 141 ? A HIS 141 
# 
loop_
_chem_comp_atom.comp_id 
_chem_comp_atom.atom_id 
_chem_comp_atom.type_symbol 
_chem_comp_atom.pdbx_aromatic_flag 
_chem_comp_atom.pdbx_stereo_config 
_chem_comp_atom.pdbx_ordinal 
ALA N    N N N 1   
ALA CA   C N S 2   
ALA C    C N N 3   
ALA O    O N N 4   
ALA CB   C N N 5   
ALA OXT  O N N 6   
ALA H    H N N 7   
ALA H2   H N N 8   
ALA HA   H N N 9   
ALA HB1  H N N 10  
ALA HB2  H N N 11  
ALA HB3  H N N 12  
ALA HXT  H N N 13  
ARG N    N N N 14  
ARG CA   C N S 15  
ARG C    C N N 16  
ARG O    O N N 17  
ARG CB   C N N 18  
ARG CG   C N N 19  
ARG CD   C N N 20  
ARG NE   N N N 21  
ARG CZ   C N N 22  
ARG NH1  N N N 23  
ARG NH2  N N N 24  
ARG OXT  O N N 25  
ARG H    H N N 26  
ARG H2   H N N 27  
ARG HA   H N N 28  
ARG HB2  H N N 29  
ARG HB3  H N N 30  
ARG HG2  H N N 31  
ARG HG3  H N N 32  
ARG HD2  H N N 33  
ARG HD3  H N N 34  
ARG HE   H N N 35  
ARG HH11 H N N 36  
ARG HH12 H N N 37  
ARG HH21 H N N 38  
ARG HH22 H N N 39  
ARG HXT  H N N 40  
ASN N    N N N 41  
ASN CA   C N S 42  
ASN C    C N N 43  
ASN O    O N N 44  
ASN CB   C N N 45  
ASN CG   C N N 46  
ASN OD1  O N N 47  
ASN ND2  N N N 48  
ASN OXT  O N N 49  
ASN H    H N N 50  
ASN H2   H N N 51  
ASN HA   H N N 52  
ASN HB2  H N N 53  
ASN HB3  H N N 54  
ASN HD21 H N N 55  
ASN HD22 H N N 56  
ASN HXT  H N N 57  
ASP N    N N N 58  
ASP CA   C N S 59  
ASP C    C N N 60  
ASP O    O N N 61  
ASP CB   C N N 62  
ASP CG   C N N 63  
ASP OD1  O N N 64  
ASP OD2  O N N 65  
ASP OXT  O N N 66  
ASP H    H N N 67  
ASP H2   H N N 68  
ASP HA   H N N 69  
ASP HB2  H N N 70  
ASP HB3  H N N 71  
ASP HD2  H N N 72  
ASP HXT  H N N 73  
CYS N    N N N 74  
CYS CA   C N R 75  
CYS C    C N N 76  
CYS O    O N N 77  
CYS CB   C N N 78  
CYS SG   S N N 79  
CYS OXT  O N N 80  
CYS H    H N N 81  
CYS H2   H N N 82  
CYS HA   H N N 83  
CYS HB2  H N N 84  
CYS HB3  H N N 85  
CYS HG   H N N 86  
CYS HXT  H N N 87  
GLN N    N N N 88  
GLN CA   C N S 89  
GLN C    C N N 90  
GLN O    O N N 91  
GLN CB   C N N 92  
GLN CG   C N N 93  
GLN CD   C N N 94  
GLN OE1  O N N 95  
GLN NE2  N N N 96  
GLN OXT  O N N 97  
GLN H    H N N 98  
GLN H2   H N N 99  
GLN HA   H N N 100 
GLN HB2  H N N 101 
GLN HB3  H N N 102 
GLN HG2  H N N 103 
GLN HG3  H N N 104 
GLN HE21 H N N 105 
GLN HE22 H N N 106 
GLN HXT  H N N 107 
GLU N    N N N 108 
GLU CA   C N S 109 
GLU C    C N N 110 
GLU O    O N N 111 
GLU CB   C N N 112 
GLU CG   C N N 113 
GLU CD   C N N 114 
GLU OE1  O N N 115 
GLU OE2  O N N 116 
GLU OXT  O N N 117 
GLU H    H N N 118 
GLU H2   H N N 119 
GLU HA   H N N 120 
GLU HB2  H N N 121 
GLU HB3  H N N 122 
GLU HG2  H N N 123 
GLU HG3  H N N 124 
GLU HE2  H N N 125 
GLU HXT  H N N 126 
GLY N    N N N 127 
GLY CA   C N N 128 
GLY C    C N N 129 
GLY O    O N N 130 
GLY OXT  O N N 131 
GLY H    H N N 132 
GLY H2   H N N 133 
GLY HA2  H N N 134 
GLY HA3  H N N 135 
GLY HXT  H N N 136 
HIS N    N N N 137 
HIS CA   C N S 138 
HIS C    C N N 139 
HIS O    O N N 140 
HIS CB   C N N 141 
HIS CG   C Y N 142 
HIS ND1  N Y N 143 
HIS CD2  C Y N 144 
HIS CE1  C Y N 145 
HIS NE2  N Y N 146 
HIS OXT  O N N 147 
HIS H    H N N 148 
HIS H2   H N N 149 
HIS HA   H N N 150 
HIS HB2  H N N 151 
HIS HB3  H N N 152 
HIS HD1  H N N 153 
HIS HD2  H N N 154 
HIS HE1  H N N 155 
HIS HE2  H N N 156 
HIS HXT  H N N 157 
HOH O    O N N 158 
HOH H1   H N N 159 
HOH H2   H N N 160 
ILE N    N N N 161 
ILE CA   C N S 162 
ILE C    C N N 163 
ILE O    O N N 164 
ILE CB   C N S 165 
ILE CG1  C N N 166 
ILE CG2  C N N 167 
ILE CD1  C N N 168 
ILE OXT  O N N 169 
ILE H    H N N 170 
ILE H2   H N N 171 
ILE HA   H N N 172 
ILE HB   H N N 173 
ILE HG12 H N N 174 
ILE HG13 H N N 175 
ILE HG21 H N N 176 
ILE HG22 H N N 177 
ILE HG23 H N N 178 
ILE HD11 H N N 179 
ILE HD12 H N N 180 
ILE HD13 H N N 181 
ILE HXT  H N N 182 
LEU N    N N N 183 
LEU CA   C N S 184 
LEU C    C N N 185 
LEU O    O N N 186 
LEU CB   C N N 187 
LEU CG   C N N 188 
LEU CD1  C N N 189 
LEU CD2  C N N 190 
LEU OXT  O N N 191 
LEU H    H N N 192 
LEU H2   H N N 193 
LEU HA   H N N 194 
LEU HB2  H N N 195 
LEU HB3  H N N 196 
LEU HG   H N N 197 
LEU HD11 H N N 198 
LEU HD12 H N N 199 
LEU HD13 H N N 200 
LEU HD21 H N N 201 
LEU HD22 H N N 202 
LEU HD23 H N N 203 
LEU HXT  H N N 204 
LYS N    N N N 205 
LYS CA   C N S 206 
LYS C    C N N 207 
LYS O    O N N 208 
LYS CB   C N N 209 
LYS CG   C N N 210 
LYS CD   C N N 211 
LYS CE   C N N 212 
LYS NZ   N N N 213 
LYS OXT  O N N 214 
LYS H    H N N 215 
LYS H2   H N N 216 
LYS HA   H N N 217 
LYS HB2  H N N 218 
LYS HB3  H N N 219 
LYS HG2  H N N 220 
LYS HG3  H N N 221 
LYS HD2  H N N 222 
LYS HD3  H N N 223 
LYS HE2  H N N 224 
LYS HE3  H N N 225 
LYS HZ1  H N N 226 
LYS HZ2  H N N 227 
LYS HZ3  H N N 228 
LYS HXT  H N N 229 
MET N    N N N 230 
MET CA   C N S 231 
MET C    C N N 232 
MET O    O N N 233 
MET CB   C N N 234 
MET CG   C N N 235 
MET SD   S N N 236 
MET CE   C N N 237 
MET OXT  O N N 238 
MET H    H N N 239 
MET H2   H N N 240 
MET HA   H N N 241 
MET HB2  H N N 242 
MET HB3  H N N 243 
MET HG2  H N N 244 
MET HG3  H N N 245 
MET HE1  H N N 246 
MET HE2  H N N 247 
MET HE3  H N N 248 
MET HXT  H N N 249 
PHE N    N N N 250 
PHE CA   C N S 251 
PHE C    C N N 252 
PHE O    O N N 253 
PHE CB   C N N 254 
PHE CG   C Y N 255 
PHE CD1  C Y N 256 
PHE CD2  C Y N 257 
PHE CE1  C Y N 258 
PHE CE2  C Y N 259 
PHE CZ   C Y N 260 
PHE OXT  O N N 261 
PHE H    H N N 262 
PHE H2   H N N 263 
PHE HA   H N N 264 
PHE HB2  H N N 265 
PHE HB3  H N N 266 
PHE HD1  H N N 267 
PHE HD2  H N N 268 
PHE HE1  H N N 269 
PHE HE2  H N N 270 
PHE HZ   H N N 271 
PHE HXT  H N N 272 
PRO N    N N N 273 
PRO CA   C N S 274 
PRO C    C N N 275 
PRO O    O N N 276 
PRO CB   C N N 277 
PRO CG   C N N 278 
PRO CD   C N N 279 
PRO OXT  O N N 280 
PRO H    H N N 281 
PRO HA   H N N 282 
PRO HB2  H N N 283 
PRO HB3  H N N 284 
PRO HG2  H N N 285 
PRO HG3  H N N 286 
PRO HD2  H N N 287 
PRO HD3  H N N 288 
PRO HXT  H N N 289 
SER N    N N N 290 
SER CA   C N S 291 
SER C    C N N 292 
SER O    O N N 293 
SER CB   C N N 294 
SER OG   O N N 295 
SER OXT  O N N 296 
SER H    H N N 297 
SER H2   H N N 298 
SER HA   H N N 299 
SER HB2  H N N 300 
SER HB3  H N N 301 
SER HG   H N N 302 
SER HXT  H N N 303 
SO4 S    S N N 304 
SO4 O1   O N N 305 
SO4 O2   O N N 306 
SO4 O3   O N N 307 
SO4 O4   O N N 308 
THR N    N N N 309 
THR CA   C N S 310 
THR C    C N N 311 
THR O    O N N 312 
THR CB   C N R 313 
THR OG1  O N N 314 
THR CG2  C N N 315 
THR OXT  O N N 316 
THR H    H N N 317 
THR H2   H N N 318 
THR HA   H N N 319 
THR HB   H N N 320 
THR HG1  H N N 321 
THR HG21 H N N 322 
THR HG22 H N N 323 
THR HG23 H N N 324 
THR HXT  H N N 325 
TRP N    N N N 326 
TRP CA   C N S 327 
TRP C    C N N 328 
TRP O    O N N 329 
TRP CB   C N N 330 
TRP CG   C Y N 331 
TRP CD1  C Y N 332 
TRP CD2  C Y N 333 
TRP NE1  N Y N 334 
TRP CE2  C Y N 335 
TRP CE3  C Y N 336 
TRP CZ2  C Y N 337 
TRP CZ3  C Y N 338 
TRP CH2  C Y N 339 
TRP OXT  O N N 340 
TRP H    H N N 341 
TRP H2   H N N 342 
TRP HA   H N N 343 
TRP HB2  H N N 344 
TRP HB3  H N N 345 
TRP HD1  H N N 346 
TRP HE1  H N N 347 
TRP HE3  H N N 348 
TRP HZ2  H N N 349 
TRP HZ3  H N N 350 
TRP HH2  H N N 351 
TRP HXT  H N N 352 
TYR N    N N N 353 
TYR CA   C N S 354 
TYR C    C N N 355 
TYR O    O N N 356 
TYR CB   C N N 357 
TYR CG   C Y N 358 
TYR CD1  C Y N 359 
TYR CD2  C Y N 360 
TYR CE1  C Y N 361 
TYR CE2  C Y N 362 
TYR CZ   C Y N 363 
TYR OH   O N N 364 
TYR OXT  O N N 365 
TYR H    H N N 366 
TYR H2   H N N 367 
TYR HA   H N N 368 
TYR HB2  H N N 369 
TYR HB3  H N N 370 
TYR HD1  H N N 371 
TYR HD2  H N N 372 
TYR HE1  H N N 373 
TYR HE2  H N N 374 
TYR HH   H N N 375 
TYR HXT  H N N 376 
VAL N    N N N 377 
VAL CA   C N S 378 
VAL C    C N N 379 
VAL O    O N N 380 
VAL CB   C N N 381 
VAL CG1  C N N 382 
VAL CG2  C N N 383 
VAL OXT  O N N 384 
VAL H    H N N 385 
VAL H2   H N N 386 
VAL HA   H N N 387 
VAL HB   H N N 388 
VAL HG11 H N N 389 
VAL HG12 H N N 390 
VAL HG13 H N N 391 
VAL HG21 H N N 392 
VAL HG22 H N N 393 
VAL HG23 H N N 394 
VAL HXT  H N N 395 
# 
loop_
_chem_comp_bond.comp_id 
_chem_comp_bond.atom_id_1 
_chem_comp_bond.atom_id_2 
_chem_comp_bond.value_order 
_chem_comp_bond.pdbx_aromatic_flag 
_chem_comp_bond.pdbx_stereo_config 
_chem_comp_bond.pdbx_ordinal 
ALA N   CA   sing N N 1   
ALA N   H    sing N N 2   
ALA N   H2   sing N N 3   
ALA CA  C    sing N N 4   
ALA CA  CB   sing N N 5   
ALA CA  HA   sing N N 6   
ALA C   O    doub N N 7   
ALA C   OXT  sing N N 8   
ALA CB  HB1  sing N N 9   
ALA CB  HB2  sing N N 10  
ALA CB  HB3  sing N N 11  
ALA OXT HXT  sing N N 12  
ARG N   CA   sing N N 13  
ARG N   H    sing N N 14  
ARG N   H2   sing N N 15  
ARG CA  C    sing N N 16  
ARG CA  CB   sing N N 17  
ARG CA  HA   sing N N 18  
ARG C   O    doub N N 19  
ARG C   OXT  sing N N 20  
ARG CB  CG   sing N N 21  
ARG CB  HB2  sing N N 22  
ARG CB  HB3  sing N N 23  
ARG CG  CD   sing N N 24  
ARG CG  HG2  sing N N 25  
ARG CG  HG3  sing N N 26  
ARG CD  NE   sing N N 27  
ARG CD  HD2  sing N N 28  
ARG CD  HD3  sing N N 29  
ARG NE  CZ   sing N N 30  
ARG NE  HE   sing N N 31  
ARG CZ  NH1  sing N N 32  
ARG CZ  NH2  doub N N 33  
ARG NH1 HH11 sing N N 34  
ARG NH1 HH12 sing N N 35  
ARG NH2 HH21 sing N N 36  
ARG NH2 HH22 sing N N 37  
ARG OXT HXT  sing N N 38  
ASN N   CA   sing N N 39  
ASN N   H    sing N N 40  
ASN N   H2   sing N N 41  
ASN CA  C    sing N N 42  
ASN CA  CB   sing N N 43  
ASN CA  HA   sing N N 44  
ASN C   O    doub N N 45  
ASN C   OXT  sing N N 46  
ASN CB  CG   sing N N 47  
ASN CB  HB2  sing N N 48  
ASN CB  HB3  sing N N 49  
ASN CG  OD1  doub N N 50  
ASN CG  ND2  sing N N 51  
ASN ND2 HD21 sing N N 52  
ASN ND2 HD22 sing N N 53  
ASN OXT HXT  sing N N 54  
ASP N   CA   sing N N 55  
ASP N   H    sing N N 56  
ASP N   H2   sing N N 57  
ASP CA  C    sing N N 58  
ASP CA  CB   sing N N 59  
ASP CA  HA   sing N N 60  
ASP C   O    doub N N 61  
ASP C   OXT  sing N N 62  
ASP CB  CG   sing N N 63  
ASP CB  HB2  sing N N 64  
ASP CB  HB3  sing N N 65  
ASP CG  OD1  doub N N 66  
ASP CG  OD2  sing N N 67  
ASP OD2 HD2  sing N N 68  
ASP OXT HXT  sing N N 69  
CYS N   CA   sing N N 70  
CYS N   H    sing N N 71  
CYS N   H2   sing N N 72  
CYS CA  C    sing N N 73  
CYS CA  CB   sing N N 74  
CYS CA  HA   sing N N 75  
CYS C   O    doub N N 76  
CYS C   OXT  sing N N 77  
CYS CB  SG   sing N N 78  
CYS CB  HB2  sing N N 79  
CYS CB  HB3  sing N N 80  
CYS SG  HG   sing N N 81  
CYS OXT HXT  sing N N 82  
GLN N   CA   sing N N 83  
GLN N   H    sing N N 84  
GLN N   H2   sing N N 85  
GLN CA  C    sing N N 86  
GLN CA  CB   sing N N 87  
GLN CA  HA   sing N N 88  
GLN C   O    doub N N 89  
GLN C   OXT  sing N N 90  
GLN CB  CG   sing N N 91  
GLN CB  HB2  sing N N 92  
GLN CB  HB3  sing N N 93  
GLN CG  CD   sing N N 94  
GLN CG  HG2  sing N N 95  
GLN CG  HG3  sing N N 96  
GLN CD  OE1  doub N N 97  
GLN CD  NE2  sing N N 98  
GLN NE2 HE21 sing N N 99  
GLN NE2 HE22 sing N N 100 
GLN OXT HXT  sing N N 101 
GLU N   CA   sing N N 102 
GLU N   H    sing N N 103 
GLU N   H2   sing N N 104 
GLU CA  C    sing N N 105 
GLU CA  CB   sing N N 106 
GLU CA  HA   sing N N 107 
GLU C   O    doub N N 108 
GLU C   OXT  sing N N 109 
GLU CB  CG   sing N N 110 
GLU CB  HB2  sing N N 111 
GLU CB  HB3  sing N N 112 
GLU CG  CD   sing N N 113 
GLU CG  HG2  sing N N 114 
GLU CG  HG3  sing N N 115 
GLU CD  OE1  doub N N 116 
GLU CD  OE2  sing N N 117 
GLU OE2 HE2  sing N N 118 
GLU OXT HXT  sing N N 119 
GLY N   CA   sing N N 120 
GLY N   H    sing N N 121 
GLY N   H2   sing N N 122 
GLY CA  C    sing N N 123 
GLY CA  HA2  sing N N 124 
GLY CA  HA3  sing N N 125 
GLY C   O    doub N N 126 
GLY C   OXT  sing N N 127 
GLY OXT HXT  sing N N 128 
HIS N   CA   sing N N 129 
HIS N   H    sing N N 130 
HIS N   H2   sing N N 131 
HIS CA  C    sing N N 132 
HIS CA  CB   sing N N 133 
HIS CA  HA   sing N N 134 
HIS C   O    doub N N 135 
HIS C   OXT  sing N N 136 
HIS CB  CG   sing N N 137 
HIS CB  HB2  sing N N 138 
HIS CB  HB3  sing N N 139 
HIS CG  ND1  sing Y N 140 
HIS CG  CD2  doub Y N 141 
HIS ND1 CE1  doub Y N 142 
HIS ND1 HD1  sing N N 143 
HIS CD2 NE2  sing Y N 144 
HIS CD2 HD2  sing N N 145 
HIS CE1 NE2  sing Y N 146 
HIS CE1 HE1  sing N N 147 
HIS NE2 HE2  sing N N 148 
HIS OXT HXT  sing N N 149 
HOH O   H1   sing N N 150 
HOH O   H2   sing N N 151 
ILE N   CA   sing N N 152 
ILE N   H    sing N N 153 
ILE N   H2   sing N N 154 
ILE CA  C    sing N N 155 
ILE CA  CB   sing N N 156 
ILE CA  HA   sing N N 157 
ILE C   O    doub N N 158 
ILE C   OXT  sing N N 159 
ILE CB  CG1  sing N N 160 
ILE CB  CG2  sing N N 161 
ILE CB  HB   sing N N 162 
ILE CG1 CD1  sing N N 163 
ILE CG1 HG12 sing N N 164 
ILE CG1 HG13 sing N N 165 
ILE CG2 HG21 sing N N 166 
ILE CG2 HG22 sing N N 167 
ILE CG2 HG23 sing N N 168 
ILE CD1 HD11 sing N N 169 
ILE CD1 HD12 sing N N 170 
ILE CD1 HD13 sing N N 171 
ILE OXT HXT  sing N N 172 
LEU N   CA   sing N N 173 
LEU N   H    sing N N 174 
LEU N   H2   sing N N 175 
LEU CA  C    sing N N 176 
LEU CA  CB   sing N N 177 
LEU CA  HA   sing N N 178 
LEU C   O    doub N N 179 
LEU C   OXT  sing N N 180 
LEU CB  CG   sing N N 181 
LEU CB  HB2  sing N N 182 
LEU CB  HB3  sing N N 183 
LEU CG  CD1  sing N N 184 
LEU CG  CD2  sing N N 185 
LEU CG  HG   sing N N 186 
LEU CD1 HD11 sing N N 187 
LEU CD1 HD12 sing N N 188 
LEU CD1 HD13 sing N N 189 
LEU CD2 HD21 sing N N 190 
LEU CD2 HD22 sing N N 191 
LEU CD2 HD23 sing N N 192 
LEU OXT HXT  sing N N 193 
LYS N   CA   sing N N 194 
LYS N   H    sing N N 195 
LYS N   H2   sing N N 196 
LYS CA  C    sing N N 197 
LYS CA  CB   sing N N 198 
LYS CA  HA   sing N N 199 
LYS C   O    doub N N 200 
LYS C   OXT  sing N N 201 
LYS CB  CG   sing N N 202 
LYS CB  HB2  sing N N 203 
LYS CB  HB3  sing N N 204 
LYS CG  CD   sing N N 205 
LYS CG  HG2  sing N N 206 
LYS CG  HG3  sing N N 207 
LYS CD  CE   sing N N 208 
LYS CD  HD2  sing N N 209 
LYS CD  HD3  sing N N 210 
LYS CE  NZ   sing N N 211 
LYS CE  HE2  sing N N 212 
LYS CE  HE3  sing N N 213 
LYS NZ  HZ1  sing N N 214 
LYS NZ  HZ2  sing N N 215 
LYS NZ  HZ3  sing N N 216 
LYS OXT HXT  sing N N 217 
MET N   CA   sing N N 218 
MET N   H    sing N N 219 
MET N   H2   sing N N 220 
MET CA  C    sing N N 221 
MET CA  CB   sing N N 222 
MET CA  HA   sing N N 223 
MET C   O    doub N N 224 
MET C   OXT  sing N N 225 
MET CB  CG   sing N N 226 
MET CB  HB2  sing N N 227 
MET CB  HB3  sing N N 228 
MET CG  SD   sing N N 229 
MET CG  HG2  sing N N 230 
MET CG  HG3  sing N N 231 
MET SD  CE   sing N N 232 
MET CE  HE1  sing N N 233 
MET CE  HE2  sing N N 234 
MET CE  HE3  sing N N 235 
MET OXT HXT  sing N N 236 
PHE N   CA   sing N N 237 
PHE N   H    sing N N 238 
PHE N   H2   sing N N 239 
PHE CA  C    sing N N 240 
PHE CA  CB   sing N N 241 
PHE CA  HA   sing N N 242 
PHE C   O    doub N N 243 
PHE C   OXT  sing N N 244 
PHE CB  CG   sing N N 245 
PHE CB  HB2  sing N N 246 
PHE CB  HB3  sing N N 247 
PHE CG  CD1  doub Y N 248 
PHE CG  CD2  sing Y N 249 
PHE CD1 CE1  sing Y N 250 
PHE CD1 HD1  sing N N 251 
PHE CD2 CE2  doub Y N 252 
PHE CD2 HD2  sing N N 253 
PHE CE1 CZ   doub Y N 254 
PHE CE1 HE1  sing N N 255 
PHE CE2 CZ   sing Y N 256 
PHE CE2 HE2  sing N N 257 
PHE CZ  HZ   sing N N 258 
PHE OXT HXT  sing N N 259 
PRO N   CA   sing N N 260 
PRO N   CD   sing N N 261 
PRO N   H    sing N N 262 
PRO CA  C    sing N N 263 
PRO CA  CB   sing N N 264 
PRO CA  HA   sing N N 265 
PRO C   O    doub N N 266 
PRO C   OXT  sing N N 267 
PRO CB  CG   sing N N 268 
PRO CB  HB2  sing N N 269 
PRO CB  HB3  sing N N 270 
PRO CG  CD   sing N N 271 
PRO CG  HG2  sing N N 272 
PRO CG  HG3  sing N N 273 
PRO CD  HD2  sing N N 274 
PRO CD  HD3  sing N N 275 
PRO OXT HXT  sing N N 276 
SER N   CA   sing N N 277 
SER N   H    sing N N 278 
SER N   H2   sing N N 279 
SER CA  C    sing N N 280 
SER CA  CB   sing N N 281 
SER CA  HA   sing N N 282 
SER C   O    doub N N 283 
SER C   OXT  sing N N 284 
SER CB  OG   sing N N 285 
SER CB  HB2  sing N N 286 
SER CB  HB3  sing N N 287 
SER OG  HG   sing N N 288 
SER OXT HXT  sing N N 289 
SO4 S   O1   doub N N 290 
SO4 S   O2   doub N N 291 
SO4 S   O3   sing N N 292 
SO4 S   O4   sing N N 293 
THR N   CA   sing N N 294 
THR N   H    sing N N 295 
THR N   H2   sing N N 296 
THR CA  C    sing N N 297 
THR CA  CB   sing N N 298 
THR CA  HA   sing N N 299 
THR C   O    doub N N 300 
THR C   OXT  sing N N 301 
THR CB  OG1  sing N N 302 
THR CB  CG2  sing N N 303 
THR CB  HB   sing N N 304 
THR OG1 HG1  sing N N 305 
THR CG2 HG21 sing N N 306 
THR CG2 HG22 sing N N 307 
THR CG2 HG23 sing N N 308 
THR OXT HXT  sing N N 309 
TRP N   CA   sing N N 310 
TRP N   H    sing N N 311 
TRP N   H2   sing N N 312 
TRP CA  C    sing N N 313 
TRP CA  CB   sing N N 314 
TRP CA  HA   sing N N 315 
TRP C   O    doub N N 316 
TRP C   OXT  sing N N 317 
TRP CB  CG   sing N N 318 
TRP CB  HB2  sing N N 319 
TRP CB  HB3  sing N N 320 
TRP CG  CD1  doub Y N 321 
TRP CG  CD2  sing Y N 322 
TRP CD1 NE1  sing Y N 323 
TRP CD1 HD1  sing N N 324 
TRP CD2 CE2  doub Y N 325 
TRP CD2 CE3  sing Y N 326 
TRP NE1 CE2  sing Y N 327 
TRP NE1 HE1  sing N N 328 
TRP CE2 CZ2  sing Y N 329 
TRP CE3 CZ3  doub Y N 330 
TRP CE3 HE3  sing N N 331 
TRP CZ2 CH2  doub Y N 332 
TRP CZ2 HZ2  sing N N 333 
TRP CZ3 CH2  sing Y N 334 
TRP CZ3 HZ3  sing N N 335 
TRP CH2 HH2  sing N N 336 
TRP OXT HXT  sing N N 337 
TYR N   CA   sing N N 338 
TYR N   H    sing N N 339 
TYR N   H2   sing N N 340 
TYR CA  C    sing N N 341 
TYR CA  CB   sing N N 342 
TYR CA  HA   sing N N 343 
TYR C   O    doub N N 344 
TYR C   OXT  sing N N 345 
TYR CB  CG   sing N N 346 
TYR CB  HB2  sing N N 347 
TYR CB  HB3  sing N N 348 
TYR CG  CD1  doub Y N 349 
TYR CG  CD2  sing Y N 350 
TYR CD1 CE1  sing Y N 351 
TYR CD1 HD1  sing N N 352 
TYR CD2 CE2  doub Y N 353 
TYR CD2 HD2  sing N N 354 
TYR CE1 CZ   doub Y N 355 
TYR CE1 HE1  sing N N 356 
TYR CE2 CZ   sing Y N 357 
TYR CE2 HE2  sing N N 358 
TYR CZ  OH   sing N N 359 
TYR OH  HH   sing N N 360 
TYR OXT HXT  sing N N 361 
VAL N   CA   sing N N 362 
VAL N   H    sing N N 363 
VAL N   H2   sing N N 364 
VAL CA  C    sing N N 365 
VAL CA  CB   sing N N 366 
VAL CA  HA   sing N N 367 
VAL C   O    doub N N 368 
VAL C   OXT  sing N N 369 
VAL CB  CG1  sing N N 370 
VAL CB  CG2  sing N N 371 
VAL CB  HB   sing N N 372 
VAL CG1 HG11 sing N N 373 
VAL CG1 HG12 sing N N 374 
VAL CG1 HG13 sing N N 375 
VAL CG2 HG21 sing N N 376 
VAL CG2 HG22 sing N N 377 
VAL CG2 HG23 sing N N 378 
VAL OXT HXT  sing N N 379 
# 
loop_
_pdbx_entity_nonpoly.entity_id 
_pdbx_entity_nonpoly.name 
_pdbx_entity_nonpoly.comp_id 
2 'SULFATE ION' SO4 
3 water         HOH 
# 
_pdbx_initial_refinement_model.id               1 
_pdbx_initial_refinement_model.entity_id_list   ? 
_pdbx_initial_refinement_model.type             'experimental model' 
_pdbx_initial_refinement_model.source_name      PDB 
_pdbx_initial_refinement_model.accession_code   3S4K 
_pdbx_initial_refinement_model.details          ? 
# 
